data_1K0X
#
_entry.id   1K0X
#
_cell.length_a   ?
_cell.length_b   ?
_cell.length_c   ?
_cell.angle_alpha   ?
_cell.angle_beta   ?
_cell.angle_gamma   ?
#
_entity_poly.entity_id   1
_entity_poly.type   'polypeptide(L)'
_entity_poly.pdbx_seq_one_letter_code
;MGPMPKLADRKLCADQECSHPISMAVALQDYMAPDCRFLTIHRGQVVYVFSKLKGRGRLFWGGSVQGDYYGDLAARLGYF
PSSIVREDQTLKPGKVDVKTDKWDFYCQ
;
_entity_poly.pdbx_strand_id   A
#
# COMPACT_ATOMS: atom_id res chain seq x y z
N MET A 1 -4.13 -5.41 -15.03
CA MET A 1 -3.38 -4.98 -16.23
C MET A 1 -4.19 -3.95 -17.03
N GLY A 2 -3.66 -2.73 -17.11
CA GLY A 2 -4.34 -1.66 -17.84
C GLY A 2 -4.66 -0.46 -16.96
N PRO A 3 -5.08 0.69 -17.55
CA PRO A 3 -5.41 1.89 -16.78
C PRO A 3 -6.84 1.90 -16.25
N MET A 4 -6.97 2.01 -14.93
CA MET A 4 -8.27 2.05 -14.26
C MET A 4 -8.44 3.39 -13.53
N PRO A 5 -9.69 3.82 -13.19
CA PRO A 5 -9.91 5.08 -12.48
C PRO A 5 -9.23 5.07 -11.11
N LYS A 6 -8.38 6.08 -10.86
CA LYS A 6 -7.63 6.21 -9.61
C LYS A 6 -8.53 6.11 -8.38
N LEU A 7 -8.06 5.36 -7.38
CA LEU A 7 -8.79 5.16 -6.14
C LEU A 7 -8.84 6.46 -5.33
N ALA A 8 -7.77 7.26 -5.46
CA ALA A 8 -7.66 8.53 -4.75
C ALA A 8 -6.80 9.53 -5.53
N ASP A 9 -6.56 10.70 -4.93
CA ASP A 9 -5.74 11.74 -5.56
C ASP A 9 -4.45 11.98 -4.79
N ARG A 10 -4.55 12.09 -3.47
CA ARG A 10 -3.39 12.33 -2.61
C ARG A 10 -3.29 11.27 -1.51
N LYS A 11 -2.07 11.09 -0.99
CA LYS A 11 -1.80 10.10 0.06
C LYS A 11 -0.92 10.68 1.17
N LEU A 12 -0.65 9.87 2.19
CA LEU A 12 0.19 10.29 3.32
C LEU A 12 1.38 9.36 3.45
N CYS A 13 2.56 9.94 3.72
CA CYS A 13 3.79 9.18 3.88
C CYS A 13 4.64 9.74 5.02
N ALA A 14 5.73 9.04 5.36
CA ALA A 14 6.63 9.49 6.43
C ALA A 14 7.56 10.58 5.90
N ASP A 15 7.89 10.48 4.60
CA ASP A 15 8.74 11.46 3.93
C ASP A 15 8.16 11.80 2.56
N GLN A 16 8.72 12.83 1.92
CA GLN A 16 8.26 13.25 0.60
C GLN A 16 8.61 12.21 -0.48
N GLU A 17 9.48 11.27 -0.12
CA GLU A 17 9.89 10.20 -1.04
C GLU A 17 8.98 8.99 -0.95
N CYS A 18 8.23 8.88 0.16
CA CYS A 18 7.32 7.75 0.41
C CYS A 18 8.11 6.43 0.38
N SER A 19 9.38 6.53 0.74
CA SER A 19 10.29 5.39 0.76
C SER A 19 10.36 4.76 2.15
N HIS A 20 9.75 5.43 3.13
CA HIS A 20 9.72 4.96 4.51
C HIS A 20 8.38 4.31 4.88
N PRO A 21 8.36 3.34 5.84
CA PRO A 21 7.15 2.68 6.28
C PRO A 21 6.51 3.39 7.48
N ILE A 22 5.27 3.85 7.31
CA ILE A 22 4.55 4.55 8.37
C ILE A 22 4.30 3.64 9.57
N SER A 23 3.55 2.56 9.36
CA SER A 23 3.24 1.63 10.43
C SER A 23 3.25 0.17 9.96
N MET A 24 3.69 -0.70 10.87
CA MET A 24 3.76 -2.13 10.63
C MET A 24 2.41 -2.75 11.03
N ALA A 25 1.75 -3.41 10.08
CA ALA A 25 0.44 -4.02 10.35
C ALA A 25 0.43 -5.52 10.08
N VAL A 26 -0.44 -6.21 10.83
CA VAL A 26 -0.61 -7.66 10.70
C VAL A 26 -1.90 -7.99 9.93
N ALA A 27 -1.85 -9.02 9.08
CA ALA A 27 -3.01 -9.43 8.28
C ALA A 27 -3.95 -10.34 9.08
N LEU A 28 -5.25 -10.03 9.02
CA LEU A 28 -6.27 -10.79 9.75
C LEU A 28 -7.05 -11.75 8.85
N GLN A 29 -6.97 -11.55 7.52
CA GLN A 29 -7.71 -12.41 6.59
C GLN A 29 -7.02 -12.51 5.21
N ASP A 30 -7.64 -13.28 4.31
CA ASP A 30 -7.11 -13.50 2.96
C ASP A 30 -7.59 -12.42 1.98
N TYR A 31 -6.78 -12.18 0.95
CA TYR A 31 -7.10 -11.21 -0.09
C TYR A 31 -6.43 -11.62 -1.42
N MET A 32 -7.20 -11.54 -2.51
CA MET A 32 -6.68 -11.88 -3.84
C MET A 32 -6.52 -10.62 -4.68
N ALA A 33 -5.37 -10.50 -5.35
CA ALA A 33 -5.09 -9.34 -6.20
C ALA A 33 -5.60 -9.51 -7.63
N PRO A 34 -6.66 -8.76 -8.05
CA PRO A 34 -7.22 -8.85 -9.40
C PRO A 34 -6.38 -8.10 -10.43
N ASP A 35 -6.17 -6.79 -10.18
CA ASP A 35 -5.39 -5.94 -11.08
C ASP A 35 -3.90 -5.92 -10.69
N CYS A 36 -3.09 -5.38 -11.61
CA CYS A 36 -1.65 -5.26 -11.45
C CYS A 36 -1.23 -4.45 -10.22
N ARG A 37 -1.96 -3.36 -9.94
CA ARG A 37 -1.62 -2.49 -8.81
C ARG A 37 -2.12 -3.02 -7.46
N PHE A 38 -2.73 -4.20 -7.44
CA PHE A 38 -3.22 -4.79 -6.19
C PHE A 38 -2.26 -5.87 -5.67
N LEU A 39 -2.29 -6.12 -4.36
CA LEU A 39 -1.41 -7.11 -3.72
C LEU A 39 -2.19 -8.26 -3.09
N THR A 40 -1.66 -9.48 -3.24
CA THR A 40 -2.28 -10.67 -2.65
C THR A 40 -1.73 -10.88 -1.24
N ILE A 41 -2.63 -10.91 -0.25
CA ILE A 41 -2.23 -11.08 1.15
C ILE A 41 -3.00 -12.21 1.83
N HIS A 42 -2.26 -13.17 2.37
CA HIS A 42 -2.86 -14.29 3.10
C HIS A 42 -3.01 -13.95 4.58
N ARG A 43 -3.87 -14.68 5.26
CA ARG A 43 -4.14 -14.47 6.68
C ARG A 43 -2.89 -14.75 7.53
N GLY A 44 -2.40 -13.70 8.21
CA GLY A 44 -1.23 -13.84 9.06
C GLY A 44 0.05 -13.29 8.46
N GLN A 45 -0.02 -12.73 7.25
CA GLN A 45 1.18 -12.18 6.60
C GLN A 45 1.56 -10.84 7.20
N VAL A 46 2.87 -10.53 7.12
CA VAL A 46 3.42 -9.28 7.62
C VAL A 46 3.41 -8.25 6.50
N VAL A 47 2.62 -7.19 6.65
CA VAL A 47 2.51 -6.16 5.62
C VAL A 47 2.85 -4.77 6.17
N TYR A 48 3.81 -4.11 5.52
CA TYR A 48 4.24 -2.77 5.91
C TYR A 48 3.50 -1.72 5.07
N VAL A 49 2.88 -0.76 5.76
CA VAL A 49 2.15 0.31 5.09
C VAL A 49 3.07 1.48 4.77
N PHE A 50 3.18 1.84 3.49
CA PHE A 50 4.05 2.93 3.06
C PHE A 50 3.25 4.21 2.80
N SER A 51 2.02 4.06 2.30
CA SER A 51 1.18 5.22 2.01
C SER A 51 -0.29 4.93 2.28
N LYS A 52 -1.01 5.95 2.74
CA LYS A 52 -2.44 5.84 3.02
C LYS A 52 -3.23 6.80 2.13
N LEU A 53 -4.09 6.25 1.26
CA LEU A 53 -4.87 7.07 0.34
C LEU A 53 -6.07 7.72 1.03
N LYS A 54 -6.36 8.97 0.67
CA LYS A 54 -7.48 9.72 1.25
C LYS A 54 -8.29 10.41 0.15
N GLY A 55 -9.40 11.04 0.56
CA GLY A 55 -10.25 11.76 -0.39
C GLY A 55 -11.33 10.88 -0.99
N ARG A 56 -11.08 10.38 -2.19
CA ARG A 56 -12.03 9.52 -2.90
C ARG A 56 -11.99 8.08 -2.38
N GLY A 57 -10.87 7.73 -1.75
CA GLY A 57 -10.70 6.38 -1.21
C GLY A 57 -9.92 6.38 0.09
N ARG A 58 -10.53 6.95 1.13
CA ARG A 58 -9.89 7.01 2.46
C ARG A 58 -9.84 5.64 3.15
N LEU A 59 -10.51 4.65 2.55
CA LEU A 59 -10.54 3.30 3.09
C LEU A 59 -9.47 2.43 2.43
N PHE A 60 -8.82 2.96 1.38
CA PHE A 60 -7.79 2.22 0.65
C PHE A 60 -6.39 2.67 1.05
N TRP A 61 -5.53 1.67 1.29
CA TRP A 61 -4.15 1.93 1.68
C TRP A 61 -3.19 1.32 0.66
N GLY A 62 -1.88 1.41 0.95
CA GLY A 62 -0.88 0.89 0.04
C GLY A 62 0.45 0.65 0.74
N GLY A 63 1.28 -0.20 0.13
CA GLY A 63 2.58 -0.51 0.70
C GLY A 63 3.20 -1.76 0.11
N SER A 64 4.04 -2.42 0.87
CA SER A 64 4.72 -3.64 0.44
C SER A 64 4.50 -4.77 1.44
N VAL A 65 4.69 -6.01 0.99
CA VAL A 65 4.50 -7.18 1.86
C VAL A 65 5.84 -7.88 2.12
N GLN A 66 6.18 -8.00 3.42
CA GLN A 66 7.42 -8.67 3.84
C GLN A 66 7.16 -10.14 4.14
N GLY A 67 8.03 -11.00 3.63
CA GLY A 67 7.89 -12.44 3.86
C GLY A 67 8.24 -13.25 2.64
N ASP A 68 7.61 -12.92 1.51
CA ASP A 68 7.84 -13.62 0.25
C ASP A 68 8.64 -12.75 -0.70
N TYR A 69 9.84 -13.21 -1.07
CA TYR A 69 10.72 -12.47 -1.99
C TYR A 69 11.04 -13.30 -3.23
N TYR A 70 11.85 -14.36 -3.03
CA TYR A 70 12.31 -15.30 -4.10
C TYR A 70 12.55 -14.60 -5.47
N GLY A 71 13.22 -13.45 -5.42
CA GLY A 71 13.52 -12.70 -6.63
C GLY A 71 13.36 -11.21 -6.44
N ASP A 72 12.11 -10.74 -6.55
CA ASP A 72 11.80 -9.31 -6.38
C ASP A 72 10.63 -9.10 -5.42
N LEU A 73 9.38 -9.05 -5.95
CA LEU A 73 8.15 -8.85 -5.16
C LEU A 73 8.13 -7.46 -4.49
N ALA A 74 8.85 -7.31 -3.38
CA ALA A 74 8.91 -6.04 -2.64
C ALA A 74 9.82 -5.03 -3.32
N ALA A 75 9.33 -4.40 -4.40
CA ALA A 75 10.08 -3.41 -5.16
C ALA A 75 9.18 -2.61 -6.09
N ARG A 76 7.98 -3.14 -6.36
CA ARG A 76 7.03 -2.47 -7.25
C ARG A 76 5.82 -1.92 -6.50
N LEU A 77 5.73 -2.27 -5.21
CA LEU A 77 4.63 -1.84 -4.33
C LEU A 77 3.25 -2.31 -4.82
N GLY A 78 2.22 -2.00 -4.01
CA GLY A 78 0.86 -2.39 -4.35
C GLY A 78 -0.15 -1.73 -3.43
N TYR A 79 -1.43 -2.09 -3.59
CA TYR A 79 -2.50 -1.52 -2.76
C TYR A 79 -3.33 -2.62 -2.10
N PHE A 80 -3.91 -2.29 -0.94
CA PHE A 80 -4.73 -3.22 -0.17
C PHE A 80 -5.73 -2.47 0.74
N PRO A 81 -6.92 -3.06 1.05
CA PRO A 81 -7.92 -2.42 1.91
C PRO A 81 -7.49 -2.39 3.38
N SER A 82 -7.81 -1.29 4.05
CA SER A 82 -7.45 -1.13 5.47
C SER A 82 -8.17 -2.15 6.36
N SER A 83 -9.33 -2.61 5.89
CA SER A 83 -10.15 -3.58 6.61
C SER A 83 -9.49 -4.96 6.77
N ILE A 84 -8.45 -5.25 5.98
CA ILE A 84 -7.79 -6.57 6.08
C ILE A 84 -6.55 -6.54 6.97
N VAL A 85 -6.16 -5.35 7.45
CA VAL A 85 -4.98 -5.23 8.31
C VAL A 85 -5.29 -4.49 9.61
N ARG A 86 -4.38 -4.63 10.57
CA ARG A 86 -4.51 -3.99 11.88
C ARG A 86 -3.18 -3.38 12.29
N GLU A 87 -3.16 -2.05 12.41
CA GLU A 87 -1.95 -1.32 12.79
C GLU A 87 -1.84 -1.19 14.30
N ASP A 88 -0.72 -1.66 14.86
CA ASP A 88 -0.48 -1.59 16.29
C ASP A 88 0.86 -0.93 16.58
N GLN A 89 1.78 -1.02 15.61
CA GLN A 89 3.12 -0.44 15.75
C GLN A 89 3.41 0.57 14.63
N THR A 90 3.82 1.79 15.04
CA THR A 90 4.15 2.86 14.08
C THR A 90 5.66 3.07 14.09
N LEU A 91 6.30 2.87 12.94
CA LEU A 91 7.75 3.00 12.83
C LEU A 91 8.18 4.43 12.57
N LYS A 92 7.27 5.23 12.01
CA LYS A 92 7.52 6.65 11.72
C LYS A 92 6.21 7.41 11.41
N PRO A 93 6.06 8.69 11.86
CA PRO A 93 4.84 9.49 11.62
C PRO A 93 4.56 9.74 10.14
N GLY A 94 3.31 9.48 9.74
CA GLY A 94 2.90 9.71 8.37
C GLY A 94 2.18 11.04 8.24
N LYS A 95 2.97 12.11 8.22
CA LYS A 95 2.42 13.47 8.15
C LYS A 95 2.93 14.25 6.94
N VAL A 96 3.18 13.56 5.82
CA VAL A 96 3.66 14.21 4.60
C VAL A 96 2.68 13.95 3.45
N ASP A 97 1.97 14.99 3.02
CA ASP A 97 0.99 14.87 1.93
C ASP A 97 1.67 14.92 0.56
N VAL A 98 1.59 13.80 -0.17
CA VAL A 98 2.17 13.70 -1.51
C VAL A 98 1.09 13.30 -2.52
N LYS A 99 0.92 14.13 -3.56
CA LYS A 99 -0.08 13.87 -4.60
C LYS A 99 0.44 12.84 -5.61
N THR A 100 -0.48 12.32 -6.44
CA THR A 100 -0.13 11.32 -7.46
C THR A 100 0.08 11.99 -8.83
N ASP A 101 0.74 11.25 -9.74
CA ASP A 101 1.01 11.77 -11.09
C ASP A 101 0.41 10.86 -12.18
N LYS A 102 0.82 11.11 -13.43
CA LYS A 102 0.34 10.36 -14.58
C LYS A 102 0.78 8.89 -14.57
N TRP A 103 2.04 8.66 -14.21
CA TRP A 103 2.62 7.31 -14.19
C TRP A 103 2.08 6.45 -13.06
N ASP A 104 1.45 7.06 -12.06
CA ASP A 104 0.87 6.31 -10.95
C ASP A 104 -0.47 5.71 -11.38
N PHE A 105 -0.79 4.53 -10.82
CA PHE A 105 -2.04 3.81 -11.13
C PHE A 105 -2.10 3.46 -12.63
N TYR A 106 -0.95 3.04 -13.18
CA TYR A 106 -0.86 2.68 -14.60
C TYR A 106 0.18 1.59 -14.82
N CYS A 107 -0.28 0.41 -15.26
CA CYS A 107 0.59 -0.73 -15.53
C CYS A 107 0.64 -1.02 -17.03
N GLN A 108 1.82 -1.42 -17.51
CA GLN A 108 2.02 -1.75 -18.92
C GLN A 108 2.61 -3.14 -19.08
N MET A 1 -4.00 -6.05 -16.25
CA MET A 1 -3.08 -5.00 -16.72
C MET A 1 -3.75 -4.10 -17.76
N GLY A 2 -3.88 -2.83 -17.43
CA GLY A 2 -4.50 -1.87 -18.33
C GLY A 2 -4.84 -0.56 -17.64
N PRO A 3 -5.22 0.50 -18.41
CA PRO A 3 -5.55 1.79 -17.83
C PRO A 3 -7.00 1.84 -17.33
N MET A 4 -7.13 1.72 -16.01
CA MET A 4 -8.44 1.74 -15.35
C MET A 4 -8.58 3.00 -14.48
N PRO A 5 -9.82 3.43 -14.11
CA PRO A 5 -10.05 4.64 -13.29
C PRO A 5 -9.19 4.72 -12.03
N LYS A 6 -8.90 5.95 -11.61
CA LYS A 6 -8.07 6.21 -10.42
C LYS A 6 -8.82 5.82 -9.14
N LEU A 7 -8.10 5.81 -8.02
CA LEU A 7 -8.68 5.46 -6.73
C LEU A 7 -8.57 6.63 -5.76
N ALA A 8 -7.49 7.41 -5.91
CA ALA A 8 -7.25 8.57 -5.05
C ALA A 8 -6.48 9.65 -5.79
N ASP A 9 -6.37 10.83 -5.16
CA ASP A 9 -5.66 11.97 -5.74
C ASP A 9 -4.35 12.24 -4.99
N ARG A 10 -4.42 12.15 -3.65
CA ARG A 10 -3.25 12.38 -2.80
C ARG A 10 -3.16 11.30 -1.72
N LYS A 11 -1.97 11.19 -1.13
CA LYS A 11 -1.70 10.19 -0.09
C LYS A 11 -0.88 10.80 1.05
N LEU A 12 -0.76 10.03 2.14
CA LEU A 12 0.01 10.47 3.30
C LEU A 12 1.17 9.50 3.56
N CYS A 13 2.39 10.00 3.35
CA CYS A 13 3.59 9.20 3.56
C CYS A 13 4.36 9.67 4.79
N ALA A 14 5.46 8.98 5.10
CA ALA A 14 6.31 9.32 6.24
C ALA A 14 7.36 10.34 5.82
N ASP A 15 7.64 10.37 4.51
CA ASP A 15 8.63 11.30 3.94
C ASP A 15 8.22 11.73 2.55
N GLN A 16 8.95 12.70 2.00
CA GLN A 16 8.68 13.24 0.65
C GLN A 16 8.91 12.19 -0.44
N GLU A 17 9.78 11.22 -0.17
CA GLU A 17 10.08 10.16 -1.14
C GLU A 17 9.13 8.97 -1.00
N CYS A 18 8.35 8.94 0.11
CA CYS A 18 7.41 7.84 0.39
C CYS A 18 8.16 6.51 0.41
N SER A 19 9.44 6.58 0.77
CA SER A 19 10.32 5.41 0.83
C SER A 19 10.42 4.85 2.25
N HIS A 20 9.71 5.47 3.19
CA HIS A 20 9.72 5.04 4.59
C HIS A 20 8.41 4.34 4.97
N PRO A 21 8.46 3.32 5.88
CA PRO A 21 7.27 2.60 6.33
C PRO A 21 6.64 3.26 7.55
N ILE A 22 5.43 3.79 7.37
CA ILE A 22 4.70 4.47 8.45
C ILE A 22 4.42 3.51 9.60
N SER A 23 3.69 2.43 9.31
CA SER A 23 3.34 1.46 10.35
C SER A 23 3.51 0.03 9.85
N MET A 24 3.39 -0.91 10.78
CA MET A 24 3.50 -2.33 10.51
C MET A 24 2.18 -2.98 10.87
N ALA A 25 1.35 -3.25 9.87
CA ALA A 25 0.03 -3.84 10.10
C ALA A 25 0.03 -5.34 9.87
N VAL A 26 -0.74 -6.04 10.69
CA VAL A 26 -0.86 -7.50 10.61
C VAL A 26 -2.14 -7.89 9.84
N ALA A 27 -2.05 -8.90 8.97
CA ALA A 27 -3.19 -9.36 8.19
C ALA A 27 -4.07 -10.32 8.99
N LEU A 28 -5.38 -10.08 8.95
CA LEU A 28 -6.34 -10.90 9.68
C LEU A 28 -6.99 -11.97 8.80
N GLN A 29 -6.94 -11.80 7.48
CA GLN A 29 -7.55 -12.78 6.57
C GLN A 29 -6.82 -12.89 5.23
N ASP A 30 -7.36 -13.71 4.33
CA ASP A 30 -6.79 -13.93 3.01
C ASP A 30 -7.37 -12.94 1.99
N TYR A 31 -6.55 -12.57 1.00
CA TYR A 31 -6.96 -11.64 -0.04
C TYR A 31 -6.21 -11.91 -1.34
N MET A 32 -6.94 -11.92 -2.45
CA MET A 32 -6.36 -12.13 -3.76
C MET A 32 -6.41 -10.84 -4.59
N ALA A 33 -5.30 -10.51 -5.25
CA ALA A 33 -5.22 -9.29 -6.06
C ALA A 33 -5.91 -9.44 -7.42
N PRO A 34 -7.02 -8.68 -7.69
CA PRO A 34 -7.73 -8.75 -8.96
C PRO A 34 -7.00 -7.99 -10.07
N ASP A 35 -6.78 -6.68 -9.87
CA ASP A 35 -6.09 -5.84 -10.86
C ASP A 35 -4.59 -5.80 -10.62
N CYS A 36 -3.87 -5.24 -11.61
CA CYS A 36 -2.41 -5.13 -11.59
C CYS A 36 -1.88 -4.23 -10.45
N ARG A 37 -2.69 -3.29 -9.95
CA ARG A 37 -2.22 -2.40 -8.89
C ARG A 37 -2.63 -2.86 -7.49
N PHE A 38 -3.09 -4.13 -7.36
CA PHE A 38 -3.48 -4.66 -6.05
C PHE A 38 -2.49 -5.71 -5.56
N LEU A 39 -2.52 -6.00 -4.26
CA LEU A 39 -1.62 -6.98 -3.64
C LEU A 39 -2.35 -8.21 -3.12
N THR A 40 -1.68 -9.37 -3.22
CA THR A 40 -2.23 -10.63 -2.73
C THR A 40 -1.64 -10.90 -1.34
N ILE A 41 -2.50 -10.84 -0.32
CA ILE A 41 -2.06 -11.03 1.06
C ILE A 41 -2.65 -12.31 1.67
N HIS A 42 -1.88 -12.93 2.57
CA HIS A 42 -2.32 -14.15 3.25
C HIS A 42 -2.55 -13.87 4.73
N ARG A 43 -3.41 -14.68 5.36
CA ARG A 43 -3.74 -14.53 6.77
C ARG A 43 -2.52 -14.77 7.67
N GLY A 44 -2.11 -13.73 8.41
CA GLY A 44 -0.98 -13.84 9.31
C GLY A 44 0.31 -13.24 8.78
N GLN A 45 0.29 -12.71 7.54
CA GLN A 45 1.48 -12.10 6.95
C GLN A 45 1.69 -10.68 7.46
N VAL A 46 2.96 -10.24 7.41
CA VAL A 46 3.34 -8.90 7.86
C VAL A 46 3.37 -7.94 6.67
N VAL A 47 2.52 -6.92 6.72
CA VAL A 47 2.43 -5.93 5.63
C VAL A 47 2.86 -4.56 6.11
N TYR A 48 3.84 -3.97 5.43
CA TYR A 48 4.35 -2.65 5.77
C TYR A 48 3.60 -1.57 4.98
N VAL A 49 2.97 -0.65 5.70
CA VAL A 49 2.22 0.44 5.08
C VAL A 49 3.14 1.63 4.82
N PHE A 50 3.22 2.06 3.55
CA PHE A 50 4.07 3.17 3.15
C PHE A 50 3.28 4.46 2.97
N SER A 51 1.98 4.34 2.64
CA SER A 51 1.14 5.51 2.43
C SER A 51 -0.33 5.22 2.72
N LYS A 52 -1.10 6.29 2.95
CA LYS A 52 -2.54 6.18 3.22
C LYS A 52 -3.29 7.09 2.24
N LEU A 53 -4.06 6.49 1.33
CA LEU A 53 -4.80 7.25 0.31
C LEU A 53 -5.96 8.06 0.91
N LYS A 54 -6.31 9.16 0.24
CA LYS A 54 -7.40 10.04 0.68
C LYS A 54 -8.32 10.38 -0.50
N GLY A 55 -9.57 10.71 -0.18
CA GLY A 55 -10.54 11.08 -1.22
C GLY A 55 -11.07 9.87 -1.97
N ARG A 56 -12.37 9.57 -1.74
CA ARG A 56 -13.10 8.44 -2.37
C ARG A 56 -12.63 7.10 -1.81
N GLY A 57 -11.37 6.76 -2.07
CA GLY A 57 -10.80 5.52 -1.58
C GLY A 57 -9.88 5.76 -0.39
N ARG A 58 -10.35 6.59 0.54
CA ARG A 58 -9.59 6.92 1.75
C ARG A 58 -9.46 5.72 2.70
N LEU A 59 -10.24 4.67 2.43
CA LEU A 59 -10.21 3.46 3.24
C LEU A 59 -9.19 2.45 2.69
N PHE A 60 -8.36 2.92 1.74
CA PHE A 60 -7.35 2.06 1.12
C PHE A 60 -5.93 2.55 1.44
N TRP A 61 -5.10 1.63 1.91
CA TRP A 61 -3.72 1.93 2.26
C TRP A 61 -2.75 1.26 1.30
N GLY A 62 -1.71 1.98 0.92
CA GLY A 62 -0.71 1.46 0.00
C GLY A 62 0.55 1.05 0.72
N GLY A 63 1.35 0.18 0.07
CA GLY A 63 2.59 -0.30 0.64
C GLY A 63 3.07 -1.59 0.01
N SER A 64 3.88 -2.34 0.75
CA SER A 64 4.42 -3.61 0.27
C SER A 64 4.21 -4.71 1.31
N VAL A 65 4.22 -5.97 0.85
CA VAL A 65 4.02 -7.11 1.73
C VAL A 65 5.32 -7.91 1.89
N GLN A 66 5.77 -8.06 3.14
CA GLN A 66 6.99 -8.81 3.42
C GLN A 66 6.70 -10.32 3.46
N GLY A 67 7.53 -11.09 2.75
CA GLY A 67 7.37 -12.53 2.70
C GLY A 67 8.03 -13.14 1.48
N ASP A 68 7.93 -12.43 0.35
CA ASP A 68 8.52 -12.88 -0.91
C ASP A 68 9.53 -11.87 -1.44
N TYR A 69 10.82 -12.16 -1.24
CA TYR A 69 11.90 -11.27 -1.69
C TYR A 69 12.81 -11.98 -2.69
N TYR A 70 12.32 -12.13 -3.93
CA TYR A 70 13.09 -12.78 -4.99
C TYR A 70 12.77 -12.18 -6.36
N GLY A 71 12.06 -11.03 -6.37
CA GLY A 71 11.72 -10.37 -7.61
C GLY A 71 10.23 -10.08 -7.75
N ASP A 72 9.53 -9.97 -6.61
CA ASP A 72 8.10 -9.68 -6.62
C ASP A 72 7.65 -9.02 -5.31
N LEU A 73 6.37 -8.60 -5.27
CA LEU A 73 5.75 -7.94 -4.11
C LEU A 73 6.44 -6.62 -3.75
N ALA A 74 7.51 -6.67 -2.95
CA ALA A 74 8.24 -5.46 -2.56
C ALA A 74 9.28 -5.08 -3.61
N ALA A 75 8.81 -4.47 -4.69
CA ALA A 75 9.69 -4.05 -5.79
C ALA A 75 9.09 -2.86 -6.54
N ARG A 76 7.77 -2.90 -6.75
CA ARG A 76 7.07 -1.82 -7.46
C ARG A 76 5.84 -1.32 -6.69
N LEU A 77 5.70 -1.80 -5.43
CA LEU A 77 4.60 -1.42 -4.53
C LEU A 77 3.22 -1.81 -5.06
N GLY A 78 2.21 -1.70 -4.19
CA GLY A 78 0.84 -2.03 -4.54
C GLY A 78 -0.15 -1.44 -3.57
N TYR A 79 -1.44 -1.76 -3.74
CA TYR A 79 -2.49 -1.25 -2.85
C TYR A 79 -3.29 -2.38 -2.22
N PHE A 80 -3.87 -2.10 -1.05
CA PHE A 80 -4.66 -3.07 -0.30
C PHE A 80 -5.69 -2.37 0.61
N PRO A 81 -6.86 -3.00 0.90
CA PRO A 81 -7.89 -2.40 1.77
C PRO A 81 -7.46 -2.44 3.24
N SER A 82 -7.60 -1.30 3.93
CA SER A 82 -7.21 -1.20 5.35
C SER A 82 -8.10 -2.10 6.23
N SER A 83 -9.26 -2.49 5.69
CA SER A 83 -10.21 -3.33 6.41
C SER A 83 -9.67 -4.75 6.69
N ILE A 84 -8.69 -5.20 5.89
CA ILE A 84 -8.13 -6.55 6.10
C ILE A 84 -6.86 -6.54 6.94
N VAL A 85 -6.40 -5.34 7.34
CA VAL A 85 -5.20 -5.22 8.15
C VAL A 85 -5.46 -4.43 9.43
N ARG A 86 -4.53 -4.54 10.38
CA ARG A 86 -4.66 -3.84 11.66
C ARG A 86 -3.33 -3.19 12.08
N GLU A 87 -3.33 -1.86 12.09
CA GLU A 87 -2.18 -1.06 12.47
C GLU A 87 -1.95 -1.14 13.98
N ASP A 88 -0.69 -1.29 14.38
CA ASP A 88 -0.36 -1.39 15.81
C ASP A 88 1.02 -0.79 16.12
N GLN A 89 2.01 -1.05 15.26
CA GLN A 89 3.37 -0.55 15.49
C GLN A 89 3.82 0.44 14.42
N THR A 90 3.90 1.72 14.81
CA THR A 90 4.34 2.79 13.91
C THR A 90 5.88 2.83 13.87
N LEU A 91 6.44 2.51 12.71
CA LEU A 91 7.89 2.47 12.53
C LEU A 91 8.45 3.85 12.16
N LYS A 92 7.55 4.77 11.83
CA LYS A 92 7.92 6.14 11.46
C LYS A 92 6.67 7.03 11.31
N PRO A 93 6.64 8.25 11.95
CA PRO A 93 5.49 9.15 11.89
C PRO A 93 5.06 9.47 10.45
N GLY A 94 3.76 9.32 10.18
CA GLY A 94 3.22 9.60 8.86
C GLY A 94 2.39 10.87 8.86
N LYS A 95 3.03 11.98 8.51
CA LYS A 95 2.36 13.29 8.50
C LYS A 95 2.83 14.17 7.33
N VAL A 96 3.16 13.53 6.21
CA VAL A 96 3.62 14.26 5.02
C VAL A 96 2.63 14.05 3.87
N ASP A 97 2.25 15.14 3.20
CA ASP A 97 1.29 15.08 2.09
C ASP A 97 2.00 15.09 0.74
N VAL A 98 1.83 14.00 -0.02
CA VAL A 98 2.43 13.87 -1.35
C VAL A 98 1.35 13.52 -2.38
N LYS A 99 1.30 14.28 -3.47
CA LYS A 99 0.32 14.06 -4.54
C LYS A 99 0.75 12.88 -5.42
N THR A 100 -0.21 12.32 -6.18
CA THR A 100 0.08 11.19 -7.07
C THR A 100 0.70 11.66 -8.38
N ASP A 101 1.15 10.71 -9.20
CA ASP A 101 1.78 11.02 -10.48
C ASP A 101 0.92 10.54 -11.66
N LYS A 102 1.43 10.73 -12.88
CA LYS A 102 0.74 10.34 -14.10
C LYS A 102 0.78 8.84 -14.31
N TRP A 103 1.93 8.25 -14.01
CA TRP A 103 2.15 6.81 -14.19
C TRP A 103 1.50 5.97 -13.10
N ASP A 104 0.87 6.64 -12.12
CA ASP A 104 0.19 5.94 -11.04
C ASP A 104 -1.19 5.46 -11.51
N PHE A 105 -1.65 4.34 -10.93
CA PHE A 105 -2.95 3.72 -11.28
C PHE A 105 -3.00 3.33 -12.76
N TYR A 106 -1.82 3.11 -13.36
CA TYR A 106 -1.71 2.75 -14.77
C TYR A 106 -0.69 1.63 -14.96
N CYS A 107 -1.19 0.44 -15.30
CA CYS A 107 -0.34 -0.73 -15.52
C CYS A 107 -0.34 -1.11 -17.00
N GLN A 108 0.81 -0.99 -17.63
CA GLN A 108 0.95 -1.31 -19.04
C GLN A 108 2.05 -2.36 -19.24
N MET A 1 -2.00 -5.18 -14.23
CA MET A 1 -0.75 -4.92 -14.98
C MET A 1 -1.01 -3.99 -16.16
N GLY A 2 -0.31 -2.85 -16.18
CA GLY A 2 -0.46 -1.89 -17.25
C GLY A 2 -1.07 -0.56 -16.78
N PRO A 3 -1.23 0.44 -17.69
CA PRO A 3 -1.80 1.73 -17.32
C PRO A 3 -3.33 1.68 -17.28
N MET A 4 -3.87 1.68 -16.06
CA MET A 4 -5.32 1.64 -15.84
C MET A 4 -5.80 2.91 -15.14
N PRO A 5 -7.15 3.20 -15.10
CA PRO A 5 -7.69 4.41 -14.43
C PRO A 5 -7.24 4.53 -12.98
N LYS A 6 -7.20 5.76 -12.47
CA LYS A 6 -6.78 6.03 -11.10
C LYS A 6 -7.83 5.63 -10.09
N LEU A 7 -7.44 5.69 -8.82
CA LEU A 7 -8.28 5.32 -7.69
C LEU A 7 -8.30 6.45 -6.65
N ALA A 8 -7.19 7.18 -6.56
CA ALA A 8 -7.07 8.30 -5.63
C ALA A 8 -6.31 9.46 -6.29
N ASP A 9 -6.06 10.52 -5.52
CA ASP A 9 -5.35 11.70 -6.04
C ASP A 9 -4.12 12.03 -5.20
N ARG A 10 -4.26 11.97 -3.86
CA ARG A 10 -3.16 12.26 -2.95
C ARG A 10 -3.08 11.22 -1.84
N LYS A 11 -1.89 11.10 -1.24
CA LYS A 11 -1.65 10.13 -0.17
C LYS A 11 -0.83 10.74 0.97
N LEU A 12 -0.81 10.04 2.10
CA LEU A 12 -0.06 10.47 3.27
C LEU A 12 1.09 9.51 3.52
N CYS A 13 2.32 9.98 3.28
CA CYS A 13 3.51 9.17 3.46
C CYS A 13 4.28 9.59 4.72
N ALA A 14 5.35 8.85 5.02
CA ALA A 14 6.20 9.14 6.17
C ALA A 14 7.32 10.10 5.79
N ASP A 15 7.68 10.07 4.51
CA ASP A 15 8.74 10.93 3.97
C ASP A 15 8.31 11.51 2.62
N GLN A 16 9.09 12.46 2.15
CA GLN A 16 8.83 13.14 0.87
C GLN A 16 9.02 12.18 -0.31
N GLU A 17 9.80 11.11 -0.09
CA GLU A 17 10.06 10.12 -1.12
C GLU A 17 9.02 9.01 -1.12
N CYS A 18 8.22 8.93 -0.03
CA CYS A 18 7.20 7.89 0.14
C CYS A 18 7.85 6.51 0.10
N SER A 19 9.14 6.48 0.48
CA SER A 19 9.94 5.27 0.50
C SER A 19 10.08 4.72 1.92
N HIS A 20 9.46 5.42 2.87
CA HIS A 20 9.50 5.03 4.28
C HIS A 20 8.19 4.35 4.71
N PRO A 21 8.25 3.34 5.63
CA PRO A 21 7.07 2.63 6.12
C PRO A 21 6.49 3.30 7.37
N ILE A 22 5.25 3.79 7.25
CA ILE A 22 4.58 4.46 8.36
C ILE A 22 4.36 3.50 9.53
N SER A 23 3.54 2.48 9.32
CA SER A 23 3.24 1.52 10.37
C SER A 23 3.19 0.09 9.85
N MET A 24 3.69 -0.83 10.67
CA MET A 24 3.70 -2.24 10.33
C MET A 24 2.41 -2.88 10.83
N ALA A 25 1.57 -3.32 9.89
CA ALA A 25 0.28 -3.93 10.23
C ALA A 25 0.23 -5.41 9.90
N VAL A 26 -0.49 -6.16 10.73
CA VAL A 26 -0.64 -7.61 10.53
C VAL A 26 -1.96 -7.92 9.81
N ALA A 27 -1.93 -8.92 8.91
CA ALA A 27 -3.11 -9.32 8.15
C ALA A 27 -3.97 -10.30 8.94
N LEU A 28 -5.29 -10.06 8.95
CA LEU A 28 -6.24 -10.89 9.68
C LEU A 28 -6.91 -11.94 8.79
N GLN A 29 -6.86 -11.74 7.46
CA GLN A 29 -7.49 -12.69 6.54
C GLN A 29 -6.75 -12.79 5.20
N ASP A 30 -7.28 -13.68 4.33
CA ASP A 30 -6.70 -13.91 3.00
C ASP A 30 -7.27 -12.92 1.98
N TYR A 31 -6.45 -12.60 0.98
CA TYR A 31 -6.84 -11.67 -0.09
C TYR A 31 -6.10 -12.01 -1.38
N MET A 32 -6.87 -12.24 -2.46
CA MET A 32 -6.28 -12.53 -3.77
C MET A 32 -6.43 -11.33 -4.68
N ALA A 33 -5.34 -10.93 -5.32
CA ALA A 33 -5.34 -9.76 -6.20
C ALA A 33 -5.13 -10.12 -7.68
N PRO A 34 -5.99 -9.61 -8.60
CA PRO A 34 -5.88 -9.89 -10.03
C PRO A 34 -4.90 -8.95 -10.74
N ASP A 35 -5.20 -7.65 -10.70
CA ASP A 35 -4.37 -6.62 -11.34
C ASP A 35 -3.33 -6.03 -10.40
N CYS A 36 -2.41 -5.23 -10.96
CA CYS A 36 -1.33 -4.58 -10.21
C CYS A 36 -1.84 -3.55 -9.20
N ARG A 37 -3.10 -3.11 -9.32
CA ARG A 37 -3.65 -2.12 -8.41
C ARG A 37 -3.86 -2.70 -7.01
N PHE A 38 -3.94 -4.04 -6.90
CA PHE A 38 -4.14 -4.67 -5.60
C PHE A 38 -3.01 -5.65 -5.29
N LEU A 39 -2.82 -5.92 -3.99
CA LEU A 39 -1.78 -6.84 -3.51
C LEU A 39 -2.37 -8.14 -2.97
N THR A 40 -1.71 -9.26 -3.26
CA THR A 40 -2.15 -10.57 -2.78
C THR A 40 -1.54 -10.83 -1.41
N ILE A 41 -2.39 -10.79 -0.38
CA ILE A 41 -1.94 -10.99 1.00
C ILE A 41 -2.54 -12.26 1.60
N HIS A 42 -1.79 -12.91 2.49
CA HIS A 42 -2.24 -14.13 3.15
C HIS A 42 -2.51 -13.86 4.63
N ARG A 43 -3.35 -14.69 5.23
CA ARG A 43 -3.73 -14.57 6.63
C ARG A 43 -2.54 -14.83 7.56
N GLY A 44 -2.15 -13.78 8.30
CA GLY A 44 -1.04 -13.90 9.23
C GLY A 44 0.28 -13.33 8.70
N GLN A 45 0.28 -12.80 7.48
CA GLN A 45 1.49 -12.23 6.90
C GLN A 45 1.75 -10.81 7.41
N VAL A 46 2.99 -10.34 7.20
CA VAL A 46 3.41 -9.00 7.62
C VAL A 46 3.33 -8.02 6.45
N VAL A 47 2.46 -7.02 6.57
CA VAL A 47 2.29 -6.02 5.52
C VAL A 47 2.79 -4.65 6.00
N TYR A 48 3.67 -4.02 5.21
CA TYR A 48 4.19 -2.70 5.57
C TYR A 48 3.42 -1.60 4.84
N VAL A 49 2.81 -0.70 5.61
CA VAL A 49 2.04 0.40 5.05
C VAL A 49 2.95 1.58 4.75
N PHE A 50 3.01 2.00 3.48
CA PHE A 50 3.86 3.10 3.05
C PHE A 50 3.08 4.41 2.92
N SER A 51 1.80 4.32 2.52
CA SER A 51 0.98 5.52 2.35
C SER A 51 -0.49 5.25 2.62
N LYS A 52 -1.24 6.33 2.88
CA LYS A 52 -2.68 6.26 3.14
C LYS A 52 -3.41 7.20 2.18
N LEU A 53 -4.12 6.63 1.20
CA LEU A 53 -4.84 7.42 0.19
C LEU A 53 -6.01 8.20 0.79
N LYS A 54 -6.39 9.30 0.12
CA LYS A 54 -7.49 10.16 0.57
C LYS A 54 -8.43 10.47 -0.59
N GLY A 55 -9.39 11.36 -0.36
CA GLY A 55 -10.35 11.75 -1.39
C GLY A 55 -11.55 10.83 -1.43
N ARG A 56 -11.57 9.95 -2.44
CA ARG A 56 -12.67 8.99 -2.60
C ARG A 56 -12.25 7.60 -2.14
N GLY A 57 -10.98 7.47 -1.75
CA GLY A 57 -10.47 6.19 -1.28
C GLY A 57 -9.67 6.32 0.00
N ARG A 58 -10.28 6.93 1.02
CA ARG A 58 -9.62 7.13 2.32
C ARG A 58 -9.51 5.81 3.10
N LEU A 59 -10.25 4.79 2.64
CA LEU A 59 -10.22 3.48 3.27
C LEU A 59 -9.22 2.55 2.57
N PHE A 60 -8.48 3.11 1.60
CA PHE A 60 -7.47 2.34 0.86
C PHE A 60 -6.07 2.75 1.27
N TRP A 61 -5.31 1.78 1.78
CA TRP A 61 -3.93 2.01 2.21
C TRP A 61 -2.93 1.31 1.29
N GLY A 62 -1.95 2.07 0.81
CA GLY A 62 -0.95 1.53 -0.09
C GLY A 62 0.29 1.06 0.64
N GLY A 63 1.07 0.21 -0.02
CA GLY A 63 2.30 -0.32 0.56
C GLY A 63 2.79 -1.56 -0.16
N SER A 64 3.52 -2.41 0.56
CA SER A 64 4.06 -3.66 0.02
C SER A 64 4.16 -4.69 1.12
N VAL A 65 3.64 -5.90 0.85
CA VAL A 65 3.65 -6.99 1.83
C VAL A 65 4.92 -7.85 1.71
N GLN A 66 5.51 -8.18 2.86
CA GLN A 66 6.72 -9.01 2.89
C GLN A 66 6.38 -10.51 2.86
N GLY A 67 7.41 -11.35 3.01
CA GLY A 67 7.21 -12.79 2.98
C GLY A 67 7.80 -13.40 1.72
N ASP A 68 7.28 -12.97 0.57
CA ASP A 68 7.74 -13.43 -0.73
C ASP A 68 8.39 -12.26 -1.48
N TYR A 69 8.36 -11.08 -0.84
CA TYR A 69 8.93 -9.86 -1.39
C TYR A 69 10.26 -9.56 -0.72
N TYR A 70 11.35 -9.92 -1.39
CA TYR A 70 12.70 -9.70 -0.87
C TYR A 70 13.18 -8.25 -1.13
N GLY A 71 14.39 -8.06 -1.70
CA GLY A 71 14.90 -6.71 -1.95
C GLY A 71 14.40 -6.10 -3.24
N ASP A 72 14.42 -6.89 -4.32
CA ASP A 72 13.98 -6.41 -5.64
C ASP A 72 12.46 -6.27 -5.70
N LEU A 73 11.75 -7.02 -4.86
CA LEU A 73 10.28 -6.96 -4.84
C LEU A 73 9.77 -6.02 -3.76
N ALA A 74 9.42 -4.80 -4.20
CA ALA A 74 8.87 -3.74 -3.34
C ALA A 74 8.71 -2.45 -4.14
N ALA A 75 9.34 -2.41 -5.32
CA ALA A 75 9.27 -1.25 -6.21
C ALA A 75 7.86 -1.07 -6.76
N ARG A 76 7.20 -2.20 -7.07
CA ARG A 76 5.84 -2.18 -7.58
C ARG A 76 4.86 -1.97 -6.43
N LEU A 77 4.56 -0.70 -6.17
CA LEU A 77 3.65 -0.31 -5.09
C LEU A 77 2.22 -0.74 -5.39
N GLY A 78 1.62 -1.48 -4.44
CA GLY A 78 0.26 -1.96 -4.60
C GLY A 78 -0.65 -1.43 -3.51
N TYR A 79 -1.96 -1.57 -3.70
CA TYR A 79 -2.92 -1.09 -2.71
C TYR A 79 -3.70 -2.25 -2.09
N PHE A 80 -4.22 -2.02 -0.88
CA PHE A 80 -4.98 -3.03 -0.14
C PHE A 80 -6.01 -2.37 0.80
N PRO A 81 -7.13 -3.06 1.16
CA PRO A 81 -8.15 -2.50 2.06
C PRO A 81 -7.67 -2.44 3.51
N SER A 82 -7.87 -1.29 4.13
CA SER A 82 -7.47 -1.07 5.54
C SER A 82 -8.25 -1.97 6.49
N SER A 83 -9.43 -2.43 6.03
CA SER A 83 -10.31 -3.28 6.82
C SER A 83 -9.70 -4.66 7.09
N ILE A 84 -8.73 -5.09 6.28
CA ILE A 84 -8.12 -6.41 6.48
C ILE A 84 -6.77 -6.33 7.22
N VAL A 85 -6.34 -5.11 7.59
CA VAL A 85 -5.08 -4.95 8.31
C VAL A 85 -5.29 -4.31 9.68
N ARG A 86 -4.35 -4.55 10.59
CA ARG A 86 -4.42 -4.00 11.95
C ARG A 86 -3.06 -3.44 12.35
N GLU A 87 -2.98 -2.10 12.42
CA GLU A 87 -1.76 -1.42 12.81
C GLU A 87 -1.46 -1.62 14.29
N ASP A 88 -0.31 -2.22 14.57
CA ASP A 88 0.11 -2.51 15.94
C ASP A 88 1.24 -1.58 16.38
N GLN A 89 2.19 -1.32 15.46
CA GLN A 89 3.33 -0.47 15.77
C GLN A 89 3.65 0.50 14.62
N THR A 90 4.07 1.71 14.97
CA THR A 90 4.44 2.73 13.99
C THR A 90 5.96 2.82 13.90
N LEU A 91 6.50 2.58 12.70
CA LEU A 91 7.95 2.60 12.47
C LEU A 91 8.46 4.00 12.16
N LYS A 92 7.58 4.84 11.61
CA LYS A 92 7.94 6.22 11.24
C LYS A 92 6.66 7.08 11.10
N PRO A 93 6.63 8.31 11.70
CA PRO A 93 5.47 9.21 11.63
C PRO A 93 5.02 9.53 10.20
N GLY A 94 3.72 9.32 9.95
CA GLY A 94 3.16 9.60 8.64
C GLY A 94 2.37 10.88 8.63
N LYS A 95 3.08 11.99 8.52
CA LYS A 95 2.46 13.31 8.52
C LYS A 95 2.92 14.16 7.32
N VAL A 96 3.22 13.49 6.20
CA VAL A 96 3.65 14.17 4.98
C VAL A 96 2.62 13.97 3.87
N ASP A 97 2.29 15.05 3.15
CA ASP A 97 1.30 14.98 2.07
C ASP A 97 1.98 15.07 0.69
N VAL A 98 1.94 13.96 -0.04
CA VAL A 98 2.54 13.89 -1.37
C VAL A 98 1.50 13.42 -2.40
N LYS A 99 1.38 14.16 -3.50
CA LYS A 99 0.42 13.82 -4.56
C LYS A 99 0.96 12.69 -5.44
N THR A 100 0.07 12.05 -6.20
CA THR A 100 0.46 10.94 -7.09
C THR A 100 0.91 11.46 -8.45
N ASP A 101 1.92 10.80 -9.02
CA ASP A 101 2.44 11.17 -10.33
C ASP A 101 1.89 10.23 -11.43
N LYS A 102 2.77 9.54 -12.18
CA LYS A 102 2.32 8.62 -13.22
C LYS A 102 2.83 7.20 -12.97
N TRP A 103 3.81 7.06 -12.09
CA TRP A 103 4.38 5.75 -11.76
C TRP A 103 3.58 5.03 -10.68
N ASP A 104 2.55 5.70 -10.17
CA ASP A 104 1.69 5.13 -9.13
C ASP A 104 0.72 4.12 -9.73
N PHE A 105 0.24 4.41 -10.95
CA PHE A 105 -0.69 3.53 -11.65
C PHE A 105 -0.11 3.12 -13.00
N TYR A 106 1.11 2.58 -12.96
CA TYR A 106 1.80 2.13 -14.17
C TYR A 106 2.74 0.97 -13.84
N CYS A 107 2.33 -0.24 -14.21
CA CYS A 107 3.11 -1.44 -13.95
C CYS A 107 3.52 -2.14 -15.24
N GLN A 108 4.71 -1.76 -15.74
CA GLN A 108 5.25 -2.33 -16.97
C GLN A 108 6.76 -2.48 -16.87
N MET A 1 -4.47 -5.40 -15.25
CA MET A 1 -3.60 -5.33 -16.45
C MET A 1 -4.05 -4.20 -17.37
N GLY A 2 -3.32 -3.08 -17.34
CA GLY A 2 -3.65 -1.93 -18.17
C GLY A 2 -4.01 -0.71 -17.34
N PRO A 3 -4.23 0.48 -17.97
CA PRO A 3 -4.59 1.69 -17.25
C PRO A 3 -6.06 1.74 -16.86
N MET A 4 -6.31 1.86 -15.56
CA MET A 4 -7.66 1.92 -15.01
C MET A 4 -7.70 3.00 -13.88
N PRO A 5 -8.87 3.29 -13.21
CA PRO A 5 -8.96 4.33 -12.15
C PRO A 5 -7.83 4.26 -11.12
N LYS A 6 -7.45 5.43 -10.63
CA LYS A 6 -6.37 5.56 -9.64
C LYS A 6 -6.91 5.50 -8.20
N LEU A 7 -8.24 5.45 -8.06
CA LEU A 7 -8.93 5.39 -6.74
C LEU A 7 -8.89 6.74 -6.00
N ALA A 8 -7.77 7.46 -6.09
CA ALA A 8 -7.61 8.74 -5.41
C ALA A 8 -6.69 9.68 -6.20
N ASP A 9 -6.31 10.80 -5.57
CA ASP A 9 -5.43 11.78 -6.21
C ASP A 9 -4.18 12.05 -5.36
N ARG A 10 -4.36 12.14 -4.04
CA ARG A 10 -3.25 12.38 -3.12
C ARG A 10 -3.17 11.28 -2.05
N LYS A 11 -1.96 11.04 -1.57
CA LYS A 11 -1.71 10.02 -0.54
C LYS A 11 -0.93 10.60 0.63
N LEU A 12 -0.76 9.81 1.70
CA LEU A 12 -0.04 10.25 2.89
C LEU A 12 1.11 9.31 3.21
N CYS A 13 2.33 9.85 3.22
CA CYS A 13 3.54 9.09 3.51
C CYS A 13 4.29 9.68 4.69
N ALA A 14 5.37 9.01 5.11
CA ALA A 14 6.19 9.46 6.22
C ALA A 14 7.16 10.56 5.80
N ASP A 15 7.75 10.39 4.61
CA ASP A 15 8.69 11.36 4.05
C ASP A 15 8.23 11.81 2.66
N GLN A 16 8.93 12.81 2.11
CA GLN A 16 8.62 13.33 0.78
C GLN A 16 8.98 12.30 -0.30
N GLU A 17 9.85 11.36 0.06
CA GLU A 17 10.27 10.29 -0.85
C GLU A 17 9.33 9.10 -0.74
N CYS A 18 8.55 9.05 0.36
CA CYS A 18 7.60 7.96 0.64
C CYS A 18 8.36 6.62 0.65
N SER A 19 9.63 6.69 1.03
CA SER A 19 10.51 5.54 1.10
C SER A 19 10.51 4.94 2.51
N HIS A 20 9.87 5.64 3.44
CA HIS A 20 9.78 5.20 4.83
C HIS A 20 8.43 4.52 5.13
N PRO A 21 8.40 3.51 6.04
CA PRO A 21 7.16 2.82 6.42
C PRO A 21 6.48 3.47 7.62
N ILE A 22 5.22 3.86 7.42
CA ILE A 22 4.45 4.50 8.49
C ILE A 22 4.15 3.53 9.62
N SER A 23 3.37 2.49 9.34
CA SER A 23 3.00 1.51 10.36
C SER A 23 3.04 0.09 9.83
N MET A 24 3.60 -0.80 10.65
CA MET A 24 3.69 -2.22 10.34
C MET A 24 2.42 -2.90 10.84
N ALA A 25 1.65 -3.47 9.92
CA ALA A 25 0.40 -4.12 10.28
C ALA A 25 0.38 -5.61 9.96
N VAL A 26 -0.39 -6.35 10.75
CA VAL A 26 -0.52 -7.81 10.57
C VAL A 26 -1.87 -8.14 9.92
N ALA A 27 -1.84 -9.00 8.90
CA ALA A 27 -3.05 -9.40 8.17
C ALA A 27 -3.96 -10.30 9.01
N LEU A 28 -5.26 -9.99 8.98
CA LEU A 28 -6.25 -10.74 9.74
C LEU A 28 -7.03 -11.73 8.87
N GLN A 29 -6.96 -11.57 7.54
CA GLN A 29 -7.68 -12.46 6.62
C GLN A 29 -6.99 -12.56 5.25
N ASP A 30 -7.63 -13.33 4.34
CA ASP A 30 -7.11 -13.55 2.99
C ASP A 30 -7.66 -12.51 2.00
N TYR A 31 -6.87 -12.23 0.95
CA TYR A 31 -7.26 -11.28 -0.08
C TYR A 31 -6.61 -11.65 -1.41
N MET A 32 -7.39 -11.61 -2.50
CA MET A 32 -6.89 -11.91 -3.84
C MET A 32 -6.77 -10.64 -4.67
N ALA A 33 -5.63 -10.47 -5.34
CA ALA A 33 -5.38 -9.27 -6.15
C ALA A 33 -5.78 -9.47 -7.62
N PRO A 34 -6.79 -8.70 -8.13
CA PRO A 34 -7.23 -8.79 -9.52
C PRO A 34 -6.30 -8.04 -10.47
N ASP A 35 -6.17 -6.72 -10.26
CA ASP A 35 -5.31 -5.86 -11.08
C ASP A 35 -3.91 -5.79 -10.46
N CYS A 36 -2.95 -5.30 -11.25
CA CYS A 36 -1.56 -5.16 -10.82
C CYS A 36 -1.42 -4.20 -9.64
N ARG A 37 -2.37 -3.25 -9.55
CA ARG A 37 -2.36 -2.23 -8.50
C ARG A 37 -2.61 -2.82 -7.11
N PHE A 38 -3.25 -4.00 -7.05
CA PHE A 38 -3.57 -4.63 -5.77
C PHE A 38 -2.58 -5.72 -5.39
N LEU A 39 -2.53 -6.06 -4.09
CA LEU A 39 -1.63 -7.09 -3.56
C LEU A 39 -2.39 -8.29 -3.01
N THR A 40 -1.85 -9.49 -3.25
CA THR A 40 -2.44 -10.72 -2.74
C THR A 40 -1.85 -11.00 -1.36
N ILE A 41 -2.71 -10.98 -0.34
CA ILE A 41 -2.28 -11.18 1.04
C ILE A 41 -2.98 -12.37 1.71
N HIS A 42 -2.20 -13.16 2.44
CA HIS A 42 -2.73 -14.32 3.16
C HIS A 42 -2.90 -13.96 4.64
N ARG A 43 -3.79 -14.68 5.31
CA ARG A 43 -4.08 -14.45 6.73
C ARG A 43 -2.84 -14.70 7.60
N GLY A 44 -2.32 -13.62 8.20
CA GLY A 44 -1.15 -13.74 9.07
C GLY A 44 0.14 -13.22 8.46
N GLN A 45 0.08 -12.67 7.24
CA GLN A 45 1.29 -12.15 6.58
C GLN A 45 1.65 -10.75 7.08
N VAL A 46 2.96 -10.48 7.15
CA VAL A 46 3.47 -9.18 7.59
C VAL A 46 3.47 -8.21 6.42
N VAL A 47 2.67 -7.14 6.52
CA VAL A 47 2.60 -6.15 5.44
C VAL A 47 2.90 -4.75 5.98
N TYR A 48 3.85 -4.07 5.35
CA TYR A 48 4.24 -2.72 5.75
C TYR A 48 3.47 -1.68 4.95
N VAL A 49 3.00 -0.63 5.64
CA VAL A 49 2.26 0.45 5.00
C VAL A 49 3.17 1.63 4.70
N PHE A 50 3.09 2.14 3.47
CA PHE A 50 3.92 3.27 3.05
C PHE A 50 3.07 4.50 2.69
N SER A 51 1.89 4.28 2.10
CA SER A 51 1.01 5.38 1.70
C SER A 51 -0.45 5.10 2.04
N LYS A 52 -1.19 6.18 2.35
CA LYS A 52 -2.61 6.11 2.67
C LYS A 52 -3.40 7.05 1.76
N LEU A 53 -4.22 6.49 0.88
CA LEU A 53 -5.00 7.29 -0.08
C LEU A 53 -6.12 8.07 0.62
N LYS A 54 -6.39 9.28 0.11
CA LYS A 54 -7.43 10.15 0.66
C LYS A 54 -8.56 10.37 -0.35
N GLY A 55 -9.53 11.20 0.01
CA GLY A 55 -10.66 11.49 -0.87
C GLY A 55 -11.77 10.48 -0.74
N ARG A 56 -12.18 9.92 -1.88
CA ARG A 56 -13.24 8.92 -1.92
C ARG A 56 -12.75 7.54 -1.47
N GLY A 57 -11.42 7.40 -1.38
CA GLY A 57 -10.82 6.15 -0.96
C GLY A 57 -9.99 6.31 0.30
N ARG A 58 -10.61 6.86 1.36
CA ARG A 58 -9.94 7.07 2.64
C ARG A 58 -9.68 5.76 3.36
N LEU A 59 -10.37 4.70 2.93
CA LEU A 59 -10.22 3.37 3.54
C LEU A 59 -9.29 2.50 2.70
N PHE A 60 -8.66 3.10 1.68
CA PHE A 60 -7.74 2.38 0.81
C PHE A 60 -6.29 2.79 1.09
N TRP A 61 -5.48 1.83 1.48
CA TRP A 61 -4.07 2.07 1.80
C TRP A 61 -3.16 1.41 0.77
N GLY A 62 -1.85 1.42 1.05
CA GLY A 62 -0.89 0.83 0.13
C GLY A 62 0.47 0.65 0.77
N GLY A 63 1.26 -0.27 0.21
CA GLY A 63 2.60 -0.54 0.72
C GLY A 63 3.22 -1.75 0.06
N SER A 64 4.06 -2.47 0.82
CA SER A 64 4.72 -3.67 0.30
C SER A 64 4.63 -4.81 1.32
N VAL A 65 4.37 -6.02 0.81
CA VAL A 65 4.24 -7.20 1.67
C VAL A 65 5.59 -7.91 1.87
N GLN A 66 5.95 -8.12 3.14
CA GLN A 66 7.21 -8.78 3.50
C GLN A 66 7.00 -10.30 3.62
N GLY A 67 5.75 -10.73 3.79
CA GLY A 67 5.42 -12.14 3.93
C GLY A 67 5.98 -13.00 2.82
N ASP A 68 5.45 -12.83 1.61
CA ASP A 68 5.90 -13.60 0.46
C ASP A 68 6.61 -12.71 -0.57
N TYR A 69 7.52 -13.30 -1.35
CA TYR A 69 8.27 -12.56 -2.35
C TYR A 69 8.36 -13.34 -3.66
N TYR A 70 9.49 -14.05 -3.89
CA TYR A 70 9.71 -14.85 -5.11
C TYR A 70 9.37 -14.05 -6.37
N GLY A 71 10.09 -12.95 -6.57
CA GLY A 71 9.85 -12.08 -7.70
C GLY A 71 9.60 -10.66 -7.26
N ASP A 72 10.30 -9.72 -7.90
CA ASP A 72 10.21 -8.28 -7.60
C ASP A 72 8.78 -7.85 -7.32
N LEU A 73 8.52 -7.43 -6.07
CA LEU A 73 7.20 -7.00 -5.65
C LEU A 73 7.30 -5.89 -4.60
N ALA A 74 8.27 -6.03 -3.69
CA ALA A 74 8.48 -5.05 -2.63
C ALA A 74 9.23 -3.82 -3.15
N ALA A 75 9.72 -3.90 -4.38
CA ALA A 75 10.46 -2.81 -4.99
C ALA A 75 9.58 -1.96 -5.90
N ARG A 76 8.43 -2.54 -6.33
CA ARG A 76 7.49 -1.83 -7.20
C ARG A 76 6.21 -1.43 -6.45
N LEU A 77 6.17 -1.76 -5.16
CA LEU A 77 5.03 -1.44 -4.27
C LEU A 77 3.69 -2.01 -4.75
N GLY A 78 2.64 -1.73 -3.96
CA GLY A 78 1.31 -2.19 -4.27
C GLY A 78 0.27 -1.50 -3.40
N TYR A 79 -1.01 -1.89 -3.54
CA TYR A 79 -2.09 -1.27 -2.76
C TYR A 79 -3.04 -2.35 -2.20
N PHE A 80 -3.60 -2.07 -1.02
CA PHE A 80 -4.50 -3.01 -0.32
C PHE A 80 -5.50 -2.26 0.57
N PRO A 81 -6.67 -2.88 0.94
CA PRO A 81 -7.66 -2.25 1.81
C PRO A 81 -7.24 -2.28 3.28
N SER A 82 -7.41 -1.16 3.97
CA SER A 82 -7.05 -1.05 5.39
C SER A 82 -7.93 -1.95 6.27
N SER A 83 -9.08 -2.35 5.73
CA SER A 83 -10.03 -3.20 6.44
C SER A 83 -9.51 -4.62 6.68
N ILE A 84 -8.45 -5.03 5.96
CA ILE A 84 -7.90 -6.38 6.15
C ILE A 84 -6.62 -6.39 6.99
N VAL A 85 -6.18 -5.21 7.47
CA VAL A 85 -4.96 -5.14 8.27
C VAL A 85 -5.24 -4.61 9.68
N ARG A 86 -4.36 -4.97 10.62
CA ARG A 86 -4.46 -4.54 12.00
C ARG A 86 -3.21 -3.77 12.42
N GLU A 87 -3.38 -2.47 12.67
CA GLU A 87 -2.27 -1.60 13.05
C GLU A 87 -2.04 -1.66 14.55
N ASP A 88 -0.76 -1.65 14.94
CA ASP A 88 -0.39 -1.70 16.35
C ASP A 88 0.98 -1.07 16.57
N GLN A 89 1.85 -1.16 15.56
CA GLN A 89 3.20 -0.59 15.66
C GLN A 89 3.49 0.42 14.54
N THR A 90 3.78 1.66 14.96
CA THR A 90 4.11 2.75 14.02
C THR A 90 5.63 2.96 14.01
N LEU A 91 6.25 2.71 12.87
CA LEU A 91 7.70 2.81 12.73
C LEU A 91 8.16 4.23 12.40
N LYS A 92 7.24 5.05 11.90
CA LYS A 92 7.54 6.43 11.53
C LYS A 92 6.26 7.24 11.26
N PRO A 93 6.10 8.47 11.84
CA PRO A 93 4.90 9.31 11.65
C PRO A 93 4.60 9.63 10.18
N GLY A 94 3.36 9.38 9.77
CA GLY A 94 2.94 9.66 8.41
C GLY A 94 2.07 10.89 8.34
N LYS A 95 2.70 12.05 8.31
CA LYS A 95 2.00 13.33 8.28
C LYS A 95 2.43 14.21 7.10
N VAL A 96 2.86 13.56 6.00
CA VAL A 96 3.27 14.29 4.79
C VAL A 96 2.32 13.97 3.63
N ASP A 97 1.90 15.00 2.90
CA ASP A 97 0.97 14.82 1.77
C ASP A 97 1.71 14.92 0.44
N VAL A 98 1.70 13.81 -0.31
CA VAL A 98 2.34 13.74 -1.63
C VAL A 98 1.32 13.33 -2.69
N LYS A 99 1.30 14.05 -3.82
CA LYS A 99 0.37 13.74 -4.91
C LYS A 99 0.88 12.57 -5.75
N THR A 100 -0.01 11.97 -6.55
CA THR A 100 0.35 10.84 -7.40
C THR A 100 0.73 11.29 -8.81
N ASP A 101 1.49 10.45 -9.51
CA ASP A 101 1.93 10.73 -10.88
C ASP A 101 1.26 9.79 -11.87
N LYS A 102 1.69 9.83 -13.13
CA LYS A 102 1.11 8.98 -14.17
C LYS A 102 1.68 7.56 -14.13
N TRP A 103 2.82 7.40 -13.44
CA TRP A 103 3.45 6.08 -13.32
C TRP A 103 2.71 5.23 -12.29
N ASP A 104 1.98 5.90 -11.40
CA ASP A 104 1.20 5.24 -10.37
C ASP A 104 -0.10 4.70 -10.97
N PHE A 105 -0.48 3.48 -10.54
CA PHE A 105 -1.69 2.80 -11.02
C PHE A 105 -1.66 2.62 -12.55
N TYR A 106 -0.52 2.16 -13.06
CA TYR A 106 -0.34 1.93 -14.50
C TYR A 106 0.47 0.66 -14.72
N CYS A 107 -0.23 -0.42 -15.07
CA CYS A 107 0.40 -1.72 -15.31
C CYS A 107 0.61 -1.95 -16.81
N GLN A 108 1.80 -2.41 -17.17
CA GLN A 108 2.14 -2.68 -18.57
C GLN A 108 2.51 -4.15 -18.78
N MET A 1 -1.94 -5.53 -16.76
CA MET A 1 -0.98 -4.61 -17.44
C MET A 1 -1.69 -3.67 -18.43
N GLY A 2 -2.30 -2.62 -17.88
CA GLY A 2 -3.01 -1.65 -18.68
C GLY A 2 -3.43 -0.44 -17.86
N PRO A 3 -3.78 0.70 -18.51
CA PRO A 3 -4.17 1.91 -17.80
C PRO A 3 -5.66 1.92 -17.42
N MET A 4 -5.92 2.12 -16.13
CA MET A 4 -7.28 2.16 -15.61
C MET A 4 -7.49 3.45 -14.77
N PRO A 5 -8.76 3.93 -14.62
CA PRO A 5 -9.06 5.17 -13.85
C PRO A 5 -8.42 5.19 -12.46
N LYS A 6 -7.76 6.30 -12.14
CA LYS A 6 -7.08 6.49 -10.86
C LYS A 6 -8.04 6.33 -9.68
N LEU A 7 -7.60 5.57 -8.67
CA LEU A 7 -8.41 5.33 -7.48
C LEU A 7 -8.36 6.54 -6.54
N ALA A 8 -7.19 7.19 -6.52
CA ALA A 8 -6.98 8.38 -5.68
C ALA A 8 -6.03 9.36 -6.37
N ASP A 9 -5.92 10.56 -5.80
CA ASP A 9 -5.04 11.60 -6.34
C ASP A 9 -3.85 11.86 -5.43
N ARG A 10 -4.13 12.14 -4.15
CA ARG A 10 -3.07 12.39 -3.17
C ARG A 10 -3.09 11.34 -2.06
N LYS A 11 -1.90 11.06 -1.51
CA LYS A 11 -1.76 10.06 -0.45
C LYS A 11 -0.99 10.66 0.74
N LEU A 12 -0.86 9.86 1.81
CA LEU A 12 -0.15 10.28 3.01
C LEU A 12 1.03 9.34 3.30
N CYS A 13 2.24 9.91 3.31
CA CYS A 13 3.46 9.14 3.56
C CYS A 13 4.26 9.76 4.71
N ALA A 14 5.35 9.09 5.09
CA ALA A 14 6.21 9.58 6.18
C ALA A 14 7.14 10.69 5.70
N ASP A 15 7.65 10.55 4.47
CA ASP A 15 8.54 11.54 3.88
C ASP A 15 8.07 11.94 2.49
N GLN A 16 8.72 12.97 1.92
CA GLN A 16 8.39 13.47 0.58
C GLN A 16 8.71 12.44 -0.49
N GLU A 17 9.58 11.48 -0.15
CA GLU A 17 9.97 10.42 -1.08
C GLU A 17 9.02 9.23 -0.97
N CYS A 18 8.29 9.17 0.15
CA CYS A 18 7.34 8.08 0.43
C CYS A 18 8.06 6.72 0.35
N SER A 19 9.35 6.75 0.70
CA SER A 19 10.20 5.58 0.69
C SER A 19 10.36 5.01 2.11
N HIS A 20 9.46 5.43 3.00
CA HIS A 20 9.48 5.00 4.39
C HIS A 20 8.16 4.31 4.78
N PRO A 21 8.20 3.32 5.72
CA PRO A 21 7.01 2.63 6.18
C PRO A 21 6.36 3.31 7.38
N ILE A 22 5.11 3.74 7.22
CA ILE A 22 4.38 4.43 8.29
C ILE A 22 4.19 3.51 9.50
N SER A 23 3.44 2.43 9.33
CA SER A 23 3.19 1.49 10.42
C SER A 23 3.20 0.05 9.95
N MET A 24 3.67 -0.84 10.83
CA MET A 24 3.72 -2.26 10.56
C MET A 24 2.42 -2.89 11.03
N ALA A 25 1.64 -3.42 10.07
CA ALA A 25 0.36 -4.03 10.39
C ALA A 25 0.33 -5.52 10.07
N VAL A 26 -0.36 -6.28 10.92
CA VAL A 26 -0.48 -7.73 10.73
C VAL A 26 -1.80 -8.05 10.03
N ALA A 27 -1.75 -8.97 9.05
CA ALA A 27 -2.93 -9.37 8.29
C ALA A 27 -3.83 -10.31 9.10
N LEU A 28 -5.13 -10.02 9.08
CA LEU A 28 -6.11 -10.82 9.80
C LEU A 28 -6.85 -11.80 8.89
N GLN A 29 -6.77 -11.58 7.57
CA GLN A 29 -7.45 -12.45 6.60
C GLN A 29 -6.74 -12.45 5.23
N ASP A 30 -7.34 -13.15 4.27
CA ASP A 30 -6.78 -13.25 2.91
C ASP A 30 -7.44 -12.28 1.95
N TYR A 31 -6.69 -11.93 0.89
CA TYR A 31 -7.16 -11.02 -0.15
C TYR A 31 -6.48 -11.35 -1.47
N MET A 32 -7.20 -11.16 -2.59
CA MET A 32 -6.65 -11.43 -3.92
C MET A 32 -6.54 -10.14 -4.74
N ALA A 33 -5.42 -9.98 -5.44
CA ALA A 33 -5.17 -8.79 -6.25
C ALA A 33 -5.69 -8.94 -7.70
N PRO A 34 -6.75 -8.18 -8.10
CA PRO A 34 -7.30 -8.26 -9.45
C PRO A 34 -6.43 -7.53 -10.49
N ASP A 35 -6.21 -6.23 -10.30
CA ASP A 35 -5.41 -5.43 -11.22
C ASP A 35 -3.93 -5.39 -10.83
N CYS A 36 -3.12 -4.82 -11.73
CA CYS A 36 -1.67 -4.72 -11.56
C CYS A 36 -1.25 -3.86 -10.36
N ARG A 37 -2.12 -2.93 -9.94
CA ARG A 37 -1.77 -2.04 -8.82
C ARG A 37 -2.36 -2.49 -7.49
N PHE A 38 -2.82 -3.74 -7.41
CA PHE A 38 -3.36 -4.28 -6.16
C PHE A 38 -2.39 -5.31 -5.59
N LEU A 39 -2.55 -5.66 -4.31
CA LEU A 39 -1.64 -6.61 -3.65
C LEU A 39 -2.38 -7.80 -3.03
N THR A 40 -1.82 -9.00 -3.23
CA THR A 40 -2.38 -10.23 -2.68
C THR A 40 -1.79 -10.49 -1.31
N ILE A 41 -2.66 -10.72 -0.32
CA ILE A 41 -2.24 -10.96 1.06
C ILE A 41 -2.84 -12.25 1.63
N HIS A 42 -2.10 -12.89 2.55
CA HIS A 42 -2.56 -14.11 3.21
C HIS A 42 -2.71 -13.85 4.70
N ARG A 43 -3.63 -14.58 5.34
CA ARG A 43 -3.88 -14.42 6.77
C ARG A 43 -2.65 -14.73 7.62
N GLY A 44 -2.13 -13.69 8.30
CA GLY A 44 -0.97 -13.86 9.15
C GLY A 44 0.33 -13.33 8.54
N GLN A 45 0.25 -12.65 7.39
CA GLN A 45 1.46 -12.11 6.75
C GLN A 45 1.80 -10.72 7.25
N VAL A 46 3.10 -10.43 7.26
CA VAL A 46 3.63 -9.14 7.68
C VAL A 46 3.48 -8.14 6.53
N VAL A 47 2.69 -7.09 6.72
CA VAL A 47 2.47 -6.10 5.67
C VAL A 47 2.85 -4.69 6.14
N TYR A 48 3.86 -4.12 5.47
CA TYR A 48 4.33 -2.77 5.78
C TYR A 48 3.52 -1.73 4.99
N VAL A 49 2.88 -0.80 5.71
CA VAL A 49 2.09 0.25 5.08
C VAL A 49 2.99 1.42 4.71
N PHE A 50 2.87 1.91 3.46
CA PHE A 50 3.69 3.03 2.99
C PHE A 50 2.87 4.29 2.74
N SER A 51 1.62 4.13 2.29
CA SER A 51 0.76 5.28 2.00
C SER A 51 -0.71 5.03 2.28
N LYS A 52 -1.40 6.10 2.67
CA LYS A 52 -2.84 6.06 2.95
C LYS A 52 -3.54 7.04 2.01
N LEU A 53 -4.35 6.51 1.10
CA LEU A 53 -5.05 7.33 0.10
C LEU A 53 -6.07 8.29 0.73
N LYS A 54 -6.28 9.43 0.07
CA LYS A 54 -7.22 10.46 0.53
C LYS A 54 -8.33 10.67 -0.50
N GLY A 55 -7.96 10.69 -1.78
CA GLY A 55 -8.93 10.89 -2.85
C GLY A 55 -9.90 9.74 -2.98
N ARG A 56 -11.11 9.94 -2.44
CA ARG A 56 -12.22 8.96 -2.43
C ARG A 56 -11.76 7.53 -2.08
N GLY A 57 -10.64 7.44 -1.35
CA GLY A 57 -10.11 6.15 -0.92
C GLY A 57 -10.25 5.96 0.58
N ARG A 58 -9.64 6.89 1.33
CA ARG A 58 -9.67 6.94 2.80
C ARG A 58 -9.24 5.62 3.46
N LEU A 59 -10.14 4.64 3.42
CA LEU A 59 -9.89 3.32 4.00
C LEU A 59 -8.95 2.48 3.13
N PHE A 60 -8.68 2.95 1.92
CA PHE A 60 -7.79 2.23 1.01
C PHE A 60 -6.34 2.65 1.22
N TRP A 61 -5.51 1.67 1.60
CA TRP A 61 -4.09 1.90 1.87
C TRP A 61 -3.24 1.22 0.78
N GLY A 62 -1.91 1.28 0.95
CA GLY A 62 -1.01 0.67 -0.03
C GLY A 62 0.39 0.45 0.52
N GLY A 63 1.00 -0.67 0.15
CA GLY A 63 2.35 -0.98 0.61
C GLY A 63 2.89 -2.26 0.01
N SER A 64 3.71 -2.97 0.80
CA SER A 64 4.31 -4.23 0.37
C SER A 64 4.24 -5.27 1.49
N VAL A 65 4.57 -6.53 1.15
CA VAL A 65 4.53 -7.63 2.12
C VAL A 65 5.92 -8.22 2.35
N GLN A 66 6.33 -8.29 3.62
CA GLN A 66 7.61 -8.86 4.00
C GLN A 66 7.54 -10.39 3.99
N GLY A 67 7.25 -11.00 5.15
CA GLY A 67 7.13 -12.45 5.26
C GLY A 67 8.48 -13.15 5.27
N ASP A 68 9.07 -13.29 4.08
CA ASP A 68 10.36 -13.96 3.92
C ASP A 68 11.40 -12.99 3.36
N TYR A 69 10.93 -12.10 2.48
CA TYR A 69 11.77 -11.08 1.82
C TYR A 69 12.92 -11.72 1.02
N TYR A 70 12.67 -11.95 -0.27
CA TYR A 70 13.67 -12.54 -1.16
C TYR A 70 13.83 -11.75 -2.47
N GLY A 71 13.08 -10.64 -2.58
CA GLY A 71 13.16 -9.79 -3.76
C GLY A 71 12.15 -10.13 -4.83
N ASP A 72 10.85 -10.08 -4.47
CA ASP A 72 9.76 -10.36 -5.41
C ASP A 72 8.43 -9.89 -4.83
N LEU A 73 8.24 -10.12 -3.53
CA LEU A 73 7.01 -9.73 -2.85
C LEU A 73 7.06 -8.30 -2.31
N ALA A 74 8.28 -7.75 -2.19
CA ALA A 74 8.45 -6.39 -1.69
C ALA A 74 8.32 -5.37 -2.82
N ALA A 75 8.51 -5.85 -4.06
CA ALA A 75 8.40 -5.01 -5.24
C ALA A 75 6.93 -4.76 -5.58
N ARG A 76 6.70 -4.04 -6.70
CA ARG A 76 5.35 -3.69 -7.19
C ARG A 76 4.37 -3.35 -6.05
N LEU A 77 4.44 -2.10 -5.58
CA LEU A 77 3.57 -1.63 -4.50
C LEU A 77 2.10 -1.75 -4.89
N GLY A 78 1.34 -2.47 -4.05
CA GLY A 78 -0.08 -2.67 -4.33
C GLY A 78 -0.97 -2.09 -3.27
N TYR A 79 -2.26 -2.00 -3.56
CA TYR A 79 -3.23 -1.45 -2.62
C TYR A 79 -4.06 -2.55 -1.98
N PHE A 80 -4.50 -2.29 -0.74
CA PHE A 80 -5.30 -3.24 0.03
C PHE A 80 -6.22 -2.51 1.02
N PRO A 81 -7.40 -3.08 1.39
CA PRO A 81 -8.32 -2.44 2.34
C PRO A 81 -7.78 -2.48 3.78
N SER A 82 -8.01 -1.40 4.52
CA SER A 82 -7.54 -1.29 5.91
C SER A 82 -8.25 -2.31 6.81
N SER A 83 -9.42 -2.76 6.36
CA SER A 83 -10.24 -3.72 7.10
C SER A 83 -9.60 -5.11 7.20
N ILE A 84 -8.64 -5.41 6.30
CA ILE A 84 -7.99 -6.73 6.33
C ILE A 84 -6.71 -6.73 7.17
N VAL A 85 -6.33 -5.56 7.70
CA VAL A 85 -5.12 -5.46 8.52
C VAL A 85 -5.40 -4.81 9.87
N ARG A 86 -4.42 -4.91 10.77
CA ARG A 86 -4.53 -4.33 12.11
C ARG A 86 -3.20 -3.69 12.51
N GLU A 87 -3.22 -2.38 12.72
CA GLU A 87 -2.03 -1.62 13.12
C GLU A 87 -1.71 -1.85 14.59
N ASP A 88 -0.45 -2.20 14.87
CA ASP A 88 -0.01 -2.46 16.24
C ASP A 88 1.14 -1.54 16.63
N GLN A 89 2.02 -1.24 15.67
CA GLN A 89 3.18 -0.38 15.94
C GLN A 89 3.51 0.53 14.75
N THR A 90 3.88 1.79 15.05
CA THR A 90 4.24 2.77 14.03
C THR A 90 5.77 2.91 13.94
N LEU A 91 6.32 2.73 12.74
CA LEU A 91 7.76 2.80 12.52
C LEU A 91 8.21 4.24 12.26
N LYS A 92 7.27 5.05 11.76
CA LYS A 92 7.51 6.46 11.46
C LYS A 92 6.18 7.20 11.21
N PRO A 93 5.99 8.44 11.76
CA PRO A 93 4.74 9.21 11.59
C PRO A 93 4.46 9.58 10.15
N GLY A 94 3.28 9.18 9.66
CA GLY A 94 2.88 9.49 8.30
C GLY A 94 1.92 10.67 8.27
N LYS A 95 2.49 11.87 8.16
CA LYS A 95 1.71 13.10 8.14
C LYS A 95 2.19 14.09 7.07
N VAL A 96 2.67 13.56 5.94
CA VAL A 96 3.16 14.37 4.83
C VAL A 96 2.35 14.06 3.57
N ASP A 97 1.59 15.06 3.09
CA ASP A 97 0.75 14.91 1.90
C ASP A 97 1.58 15.00 0.62
N VAL A 98 1.63 13.89 -0.12
CA VAL A 98 2.37 13.81 -1.38
C VAL A 98 1.45 13.34 -2.51
N LYS A 99 1.40 14.12 -3.60
CA LYS A 99 0.55 13.78 -4.76
C LYS A 99 1.19 12.66 -5.58
N THR A 100 0.37 11.99 -6.40
CA THR A 100 0.85 10.89 -7.25
C THR A 100 1.05 11.35 -8.69
N ASP A 101 1.80 10.55 -9.46
CA ASP A 101 2.07 10.86 -10.86
C ASP A 101 1.31 9.89 -11.77
N LYS A 102 1.52 10.03 -13.09
CA LYS A 102 0.86 9.16 -14.07
C LYS A 102 1.53 7.79 -14.15
N TRP A 103 2.80 7.73 -13.74
CA TRP A 103 3.57 6.48 -13.77
C TRP A 103 3.17 5.55 -12.63
N ASP A 104 2.47 6.11 -11.63
CA ASP A 104 2.03 5.34 -10.48
C ASP A 104 0.77 4.53 -10.79
N PHE A 105 -0.02 5.02 -11.75
CA PHE A 105 -1.27 4.35 -12.14
C PHE A 105 -1.22 3.93 -13.62
N TYR A 106 -0.08 3.36 -14.03
CA TYR A 106 0.10 2.90 -15.42
C TYR A 106 1.07 1.72 -15.47
N CYS A 107 0.56 0.57 -15.88
CA CYS A 107 1.37 -0.64 -15.99
C CYS A 107 1.32 -1.22 -17.39
N GLN A 108 2.46 -1.69 -17.89
CA GLN A 108 2.56 -2.26 -19.23
C GLN A 108 3.15 -3.67 -19.19
N MET A 1 -2.65 -5.25 -15.50
CA MET A 1 -1.38 -4.83 -16.15
C MET A 1 -1.63 -3.67 -17.13
N GLY A 2 -1.00 -2.53 -16.85
CA GLY A 2 -1.15 -1.37 -17.71
C GLY A 2 -1.33 -0.07 -16.93
N PRO A 3 -1.43 1.10 -17.61
CA PRO A 3 -1.62 2.38 -16.96
C PRO A 3 -3.06 2.61 -16.54
N MET A 4 -3.29 2.59 -15.23
CA MET A 4 -4.63 2.78 -14.67
C MET A 4 -4.58 3.59 -13.36
N PRO A 5 -5.66 4.37 -13.06
CA PRO A 5 -5.72 5.20 -11.85
C PRO A 5 -6.32 4.47 -10.64
N LYS A 6 -6.16 5.07 -9.46
CA LYS A 6 -6.70 4.51 -8.22
C LYS A 6 -8.11 5.02 -7.96
N LEU A 7 -8.56 4.91 -6.71
CA LEU A 7 -9.87 5.36 -6.30
C LEU A 7 -9.78 6.81 -5.81
N ALA A 8 -8.56 7.19 -5.40
CA ALA A 8 -8.29 8.55 -4.89
C ALA A 8 -7.32 9.30 -5.81
N ASP A 9 -6.71 10.38 -5.29
CA ASP A 9 -5.76 11.19 -6.06
C ASP A 9 -4.56 11.64 -5.23
N ARG A 10 -4.70 11.65 -3.90
CA ARG A 10 -3.60 12.04 -3.00
C ARG A 10 -3.38 10.98 -1.91
N LYS A 11 -2.12 10.87 -1.46
CA LYS A 11 -1.74 9.90 -0.43
C LYS A 11 -0.98 10.57 0.71
N LEU A 12 -0.72 9.78 1.76
CA LEU A 12 0.01 10.25 2.93
C LEU A 12 1.18 9.31 3.22
N CYS A 13 2.39 9.86 3.19
CA CYS A 13 3.60 9.09 3.44
C CYS A 13 4.39 9.68 4.61
N ALA A 14 5.47 9.00 5.00
CA ALA A 14 6.32 9.45 6.11
C ALA A 14 7.25 10.57 5.66
N ASP A 15 7.65 10.53 4.39
CA ASP A 15 8.54 11.54 3.81
C ASP A 15 8.18 11.82 2.35
N GLN A 16 8.85 12.81 1.76
CA GLN A 16 8.61 13.21 0.37
C GLN A 16 9.00 12.10 -0.62
N GLU A 17 9.82 11.16 -0.18
CA GLU A 17 10.24 10.04 -1.02
C GLU A 17 9.28 8.87 -0.91
N CYS A 18 8.52 8.85 0.21
CA CYS A 18 7.55 7.79 0.51
C CYS A 18 8.28 6.43 0.53
N SER A 19 9.56 6.49 0.87
CA SER A 19 10.43 5.32 0.93
C SER A 19 10.45 4.74 2.35
N HIS A 20 9.88 5.47 3.29
CA HIS A 20 9.82 5.05 4.69
C HIS A 20 8.48 4.37 5.01
N PRO A 21 8.47 3.36 5.94
CA PRO A 21 7.25 2.67 6.33
C PRO A 21 6.56 3.36 7.51
N ILE A 22 5.32 3.80 7.31
CA ILE A 22 4.57 4.49 8.35
C ILE A 22 4.25 3.56 9.52
N SER A 23 3.44 2.54 9.29
CA SER A 23 3.07 1.61 10.34
C SER A 23 3.05 0.17 9.86
N MET A 24 3.52 -0.72 10.74
CA MET A 24 3.56 -2.16 10.46
C MET A 24 2.24 -2.77 10.93
N ALA A 25 1.45 -3.28 9.98
CA ALA A 25 0.16 -3.87 10.29
C ALA A 25 0.10 -5.36 9.98
N VAL A 26 -0.64 -6.09 10.82
CA VAL A 26 -0.79 -7.54 10.66
C VAL A 26 -2.08 -7.86 9.88
N ALA A 27 -2.01 -8.87 9.00
CA ALA A 27 -3.16 -9.29 8.19
C ALA A 27 -4.06 -10.26 8.95
N LEU A 28 -5.38 -10.02 8.86
CA LEU A 28 -6.36 -10.85 9.56
C LEU A 28 -7.02 -11.88 8.64
N GLN A 29 -6.93 -11.68 7.32
CA GLN A 29 -7.55 -12.60 6.37
C GLN A 29 -6.81 -12.64 5.03
N ASP A 30 -7.31 -13.47 4.11
CA ASP A 30 -6.72 -13.64 2.78
C ASP A 30 -7.27 -12.62 1.80
N TYR A 31 -6.47 -12.32 0.76
CA TYR A 31 -6.85 -11.37 -0.27
C TYR A 31 -6.18 -11.72 -1.59
N MET A 32 -6.97 -11.80 -2.66
CA MET A 32 -6.44 -12.11 -4.00
C MET A 32 -6.44 -10.86 -4.87
N ALA A 33 -5.28 -10.57 -5.47
CA ALA A 33 -5.12 -9.39 -6.32
C ALA A 33 -5.28 -9.71 -7.81
N PRO A 34 -6.26 -9.08 -8.52
CA PRO A 34 -6.47 -9.31 -9.94
C PRO A 34 -5.47 -8.51 -10.80
N ASP A 35 -5.57 -7.17 -10.73
CA ASP A 35 -4.69 -6.28 -11.48
C ASP A 35 -3.45 -5.90 -10.66
N CYS A 36 -2.48 -5.26 -11.32
CA CYS A 36 -1.23 -4.84 -10.68
C CYS A 36 -1.43 -3.78 -9.60
N ARG A 37 -2.61 -3.15 -9.54
CA ARG A 37 -2.88 -2.13 -8.55
C ARG A 37 -3.16 -2.75 -7.17
N PHE A 38 -3.71 -3.97 -7.15
CA PHE A 38 -3.99 -4.63 -5.87
C PHE A 38 -2.83 -5.56 -5.48
N LEU A 39 -2.75 -5.88 -4.18
CA LEU A 39 -1.70 -6.75 -3.64
C LEU A 39 -2.29 -8.02 -3.02
N THR A 40 -1.64 -9.17 -3.26
CA THR A 40 -2.09 -10.44 -2.70
C THR A 40 -1.47 -10.65 -1.33
N ILE A 41 -2.34 -10.81 -0.32
CA ILE A 41 -1.90 -11.00 1.06
C ILE A 41 -2.54 -12.24 1.69
N HIS A 42 -1.75 -12.97 2.49
CA HIS A 42 -2.24 -14.17 3.17
C HIS A 42 -2.51 -13.87 4.65
N ARG A 43 -3.42 -14.65 5.23
CA ARG A 43 -3.81 -14.50 6.64
C ARG A 43 -2.63 -14.77 7.58
N GLY A 44 -2.29 -13.78 8.42
CA GLY A 44 -1.21 -13.92 9.38
C GLY A 44 0.11 -13.36 8.91
N GLN A 45 0.17 -12.88 7.66
CA GLN A 45 1.41 -12.31 7.12
C GLN A 45 1.62 -10.87 7.57
N VAL A 46 2.89 -10.47 7.64
CA VAL A 46 3.28 -9.12 8.04
C VAL A 46 3.33 -8.21 6.81
N VAL A 47 2.63 -7.08 6.87
CA VAL A 47 2.61 -6.13 5.74
C VAL A 47 2.97 -4.73 6.21
N TYR A 48 3.92 -4.11 5.51
CA TYR A 48 4.37 -2.75 5.83
C TYR A 48 3.63 -1.72 4.98
N VAL A 49 3.02 -0.74 5.64
CA VAL A 49 2.27 0.32 4.95
C VAL A 49 3.20 1.50 4.64
N PHE A 50 3.18 1.95 3.38
CA PHE A 50 4.02 3.06 2.93
C PHE A 50 3.18 4.30 2.61
N SER A 51 1.98 4.09 2.04
CA SER A 51 1.10 5.21 1.69
C SER A 51 -0.35 4.96 2.08
N LYS A 52 -1.04 6.04 2.45
CA LYS A 52 -2.45 5.97 2.84
C LYS A 52 -3.24 7.05 2.09
N LEU A 53 -4.12 6.62 1.17
CA LEU A 53 -4.92 7.56 0.38
C LEU A 53 -5.98 8.24 1.24
N LYS A 54 -6.42 9.43 0.80
CA LYS A 54 -7.45 10.18 1.54
C LYS A 54 -8.47 10.77 0.57
N GLY A 55 -9.57 11.30 1.15
CA GLY A 55 -10.62 11.92 0.34
C GLY A 55 -11.61 10.91 -0.22
N ARG A 56 -11.40 10.54 -1.48
CA ARG A 56 -12.29 9.59 -2.16
C ARG A 56 -12.06 8.16 -1.66
N GLY A 57 -10.80 7.85 -1.33
CA GLY A 57 -10.47 6.52 -0.83
C GLY A 57 -9.68 6.57 0.45
N ARG A 58 -10.28 7.16 1.48
CA ARG A 58 -9.63 7.29 2.80
C ARG A 58 -9.53 5.95 3.52
N LEU A 59 -10.22 4.93 2.99
CA LEU A 59 -10.21 3.59 3.56
C LEU A 59 -9.28 2.66 2.78
N PHE A 60 -8.55 3.23 1.81
CA PHE A 60 -7.64 2.45 0.97
C PHE A 60 -6.18 2.83 1.24
N TRP A 61 -5.37 1.83 1.59
CA TRP A 61 -3.96 2.01 1.88
C TRP A 61 -3.09 1.34 0.81
N GLY A 62 -1.77 1.30 1.05
CA GLY A 62 -0.86 0.68 0.11
C GLY A 62 0.51 0.44 0.70
N GLY A 63 1.25 -0.51 0.13
CA GLY A 63 2.58 -0.84 0.62
C GLY A 63 3.11 -2.13 0.04
N SER A 64 4.01 -2.78 0.79
CA SER A 64 4.61 -4.04 0.35
C SER A 64 4.44 -5.11 1.42
N VAL A 65 4.19 -6.34 0.99
CA VAL A 65 4.00 -7.46 1.91
C VAL A 65 5.32 -8.20 2.19
N GLN A 66 5.66 -8.29 3.48
CA GLN A 66 6.88 -8.97 3.90
C GLN A 66 6.63 -10.48 4.04
N GLY A 67 7.54 -11.27 3.49
CA GLY A 67 7.41 -12.71 3.55
C GLY A 67 8.48 -13.44 2.76
N ASP A 68 9.04 -12.75 1.76
CA ASP A 68 10.08 -13.33 0.91
C ASP A 68 11.14 -12.28 0.56
N TYR A 69 12.06 -12.05 1.50
CA TYR A 69 13.15 -11.09 1.30
C TYR A 69 14.44 -11.81 0.93
N TYR A 70 14.38 -13.14 0.85
CA TYR A 70 15.53 -13.97 0.49
C TYR A 70 15.76 -13.89 -1.02
N GLY A 71 14.68 -13.63 -1.74
CA GLY A 71 14.74 -13.52 -3.20
C GLY A 71 14.34 -12.14 -3.67
N ASP A 72 13.07 -11.99 -4.07
CA ASP A 72 12.55 -10.72 -4.55
C ASP A 72 11.02 -10.68 -4.44
N LEU A 73 10.51 -9.72 -3.66
CA LEU A 73 9.05 -9.58 -3.46
C LEU A 73 8.69 -8.13 -3.12
N ALA A 74 9.57 -7.45 -2.39
CA ALA A 74 9.33 -6.06 -1.97
C ALA A 74 9.56 -5.07 -3.11
N ALA A 75 10.05 -5.56 -4.26
CA ALA A 75 10.30 -4.69 -5.42
C ALA A 75 8.99 -4.17 -6.00
N ARG A 76 8.00 -5.05 -6.09
CA ARG A 76 6.69 -4.69 -6.62
C ARG A 76 5.83 -4.05 -5.52
N LEU A 77 5.45 -2.80 -5.73
CA LEU A 77 4.65 -2.06 -4.77
C LEU A 77 3.18 -2.10 -5.19
N GLY A 78 2.29 -2.38 -4.24
CA GLY A 78 0.88 -2.46 -4.55
C GLY A 78 0.01 -1.75 -3.53
N TYR A 79 -1.30 -1.97 -3.63
CA TYR A 79 -2.26 -1.34 -2.72
C TYR A 79 -3.22 -2.38 -2.15
N PHE A 80 -3.74 -2.10 -0.95
CA PHE A 80 -4.66 -3.01 -0.26
C PHE A 80 -5.63 -2.24 0.66
N PRO A 81 -6.88 -2.76 0.90
CA PRO A 81 -7.85 -2.10 1.77
C PRO A 81 -7.48 -2.21 3.25
N SER A 82 -7.67 -1.13 4.00
CA SER A 82 -7.35 -1.09 5.43
C SER A 82 -8.22 -2.07 6.24
N SER A 83 -9.35 -2.45 5.65
CA SER A 83 -10.30 -3.37 6.30
C SER A 83 -9.71 -4.78 6.52
N ILE A 84 -8.67 -5.14 5.77
CA ILE A 84 -8.07 -6.49 5.93
C ILE A 84 -6.86 -6.48 6.84
N VAL A 85 -6.43 -5.30 7.31
CA VAL A 85 -5.27 -5.22 8.20
C VAL A 85 -5.61 -4.52 9.52
N ARG A 86 -4.66 -4.59 10.46
CA ARG A 86 -4.80 -3.96 11.76
C ARG A 86 -3.46 -3.41 12.23
N GLU A 87 -3.40 -2.08 12.35
CA GLU A 87 -2.18 -1.39 12.79
C GLU A 87 -1.80 -1.81 14.21
N ASP A 88 -0.52 -2.10 14.41
CA ASP A 88 -0.02 -2.52 15.71
C ASP A 88 1.00 -1.53 16.26
N GLN A 89 1.95 -1.12 15.40
CA GLN A 89 3.00 -0.18 15.82
C GLN A 89 3.46 0.72 14.66
N THR A 90 3.60 2.02 14.95
CA THR A 90 4.05 3.00 13.95
C THR A 90 5.58 3.08 13.98
N LEU A 91 6.20 2.80 12.84
CA LEU A 91 7.66 2.82 12.73
C LEU A 91 8.19 4.21 12.42
N LYS A 92 7.38 4.98 11.70
CA LYS A 92 7.75 6.35 11.32
C LYS A 92 6.48 7.19 11.06
N PRO A 93 6.35 8.40 11.72
CA PRO A 93 5.17 9.26 11.56
C PRO A 93 4.84 9.60 10.10
N GLY A 94 3.58 9.37 9.73
CA GLY A 94 3.11 9.67 8.38
C GLY A 94 2.29 10.93 8.38
N LYS A 95 2.95 12.07 8.15
CA LYS A 95 2.29 13.37 8.16
C LYS A 95 2.69 14.23 6.95
N VAL A 96 3.02 13.57 5.83
CA VAL A 96 3.40 14.28 4.60
C VAL A 96 2.40 13.97 3.48
N ASP A 97 1.96 15.01 2.77
CA ASP A 97 1.00 14.86 1.68
C ASP A 97 1.69 14.91 0.31
N VAL A 98 1.54 13.82 -0.44
CA VAL A 98 2.11 13.70 -1.78
C VAL A 98 1.03 13.29 -2.78
N LYS A 99 0.89 14.03 -3.87
CA LYS A 99 -0.11 13.71 -4.88
C LYS A 99 0.39 12.57 -5.79
N THR A 100 -0.51 11.99 -6.58
CA THR A 100 -0.15 10.89 -7.48
C THR A 100 -0.14 11.36 -8.94
N ASP A 101 0.94 11.04 -9.64
CA ASP A 101 1.10 11.41 -11.05
C ASP A 101 0.83 10.17 -11.94
N LYS A 102 1.84 9.65 -12.63
CA LYS A 102 1.67 8.48 -13.49
C LYS A 102 2.72 7.40 -13.20
N TRP A 103 3.66 7.71 -12.30
CA TRP A 103 4.71 6.76 -11.93
C TRP A 103 4.30 5.93 -10.71
N ASP A 104 3.19 6.34 -10.08
CA ASP A 104 2.68 5.65 -8.90
C ASP A 104 1.91 4.39 -9.29
N PHE A 105 1.32 4.39 -10.49
CA PHE A 105 0.58 3.24 -10.99
C PHE A 105 0.77 3.04 -12.50
N TYR A 106 1.86 2.36 -12.84
CA TYR A 106 2.20 2.06 -14.24
C TYR A 106 2.99 0.75 -14.31
N CYS A 107 2.29 -0.36 -14.55
CA CYS A 107 2.91 -1.68 -14.61
C CYS A 107 3.02 -2.20 -16.05
N GLN A 108 3.61 -1.39 -16.91
CA GLN A 108 3.80 -1.74 -18.31
C GLN A 108 5.16 -1.24 -18.80
N MET A 1 -5.13 -5.85 -16.07
CA MET A 1 -4.20 -4.78 -16.50
C MET A 1 -4.90 -3.75 -17.38
N GLY A 2 -4.38 -2.52 -17.37
CA GLY A 2 -4.95 -1.45 -18.17
C GLY A 2 -5.27 -0.22 -17.33
N PRO A 3 -5.66 0.92 -17.96
CA PRO A 3 -6.00 2.14 -17.24
C PRO A 3 -7.43 2.15 -16.72
N MET A 4 -7.56 2.00 -15.40
CA MET A 4 -8.85 1.98 -14.73
C MET A 4 -8.99 3.27 -13.87
N PRO A 5 -10.15 3.55 -13.19
CA PRO A 5 -10.32 4.77 -12.37
C PRO A 5 -9.16 5.01 -11.39
N LYS A 6 -8.87 6.29 -11.15
CA LYS A 6 -7.78 6.70 -10.26
C LYS A 6 -8.01 6.25 -8.82
N LEU A 7 -9.29 6.33 -8.38
CA LEU A 7 -9.74 5.94 -7.01
C LEU A 7 -9.00 6.70 -5.89
N ALA A 8 -8.13 7.66 -6.26
CA ALA A 8 -7.38 8.45 -5.29
C ALA A 8 -6.80 9.71 -5.93
N ASP A 9 -6.20 10.57 -5.12
CA ASP A 9 -5.59 11.81 -5.61
C ASP A 9 -4.26 12.06 -4.89
N ARG A 10 -4.29 12.05 -3.55
CA ARG A 10 -3.09 12.27 -2.74
C ARG A 10 -2.94 11.13 -1.72
N LYS A 11 -1.68 10.85 -1.35
CA LYS A 11 -1.37 9.80 -0.39
C LYS A 11 -0.66 10.37 0.83
N LEU A 12 -0.59 9.56 1.89
CA LEU A 12 0.07 9.97 3.14
C LEU A 12 1.30 9.11 3.39
N CYS A 13 2.47 9.74 3.32
CA CYS A 13 3.75 9.05 3.55
C CYS A 13 4.47 9.64 4.76
N ALA A 14 5.60 9.01 5.13
CA ALA A 14 6.39 9.45 6.27
C ALA A 14 7.34 10.59 5.88
N ASP A 15 7.78 10.58 4.61
CA ASP A 15 8.69 11.60 4.10
C ASP A 15 8.32 11.99 2.67
N GLN A 16 9.03 13.01 2.14
CA GLN A 16 8.80 13.50 0.78
C GLN A 16 9.20 12.45 -0.26
N GLU A 17 10.03 11.48 0.16
CA GLU A 17 10.49 10.42 -0.72
C GLU A 17 9.53 9.24 -0.68
N CYS A 18 8.71 9.18 0.40
CA CYS A 18 7.73 8.10 0.62
C CYS A 18 8.44 6.75 0.58
N SER A 19 9.70 6.76 1.01
CA SER A 19 10.54 5.57 1.04
C SER A 19 10.54 4.93 2.43
N HIS A 20 9.85 5.60 3.38
CA HIS A 20 9.74 5.11 4.75
C HIS A 20 8.34 4.55 5.04
N PRO A 21 8.23 3.51 5.93
CA PRO A 21 6.95 2.92 6.29
C PRO A 21 6.34 3.60 7.52
N ILE A 22 5.06 3.97 7.42
CA ILE A 22 4.37 4.65 8.52
C ILE A 22 4.05 3.68 9.65
N SER A 23 3.22 2.67 9.36
CA SER A 23 2.83 1.71 10.38
C SER A 23 2.94 0.27 9.89
N MET A 24 3.34 -0.61 10.80
CA MET A 24 3.48 -2.04 10.52
C MET A 24 2.17 -2.71 10.91
N ALA A 25 1.41 -3.17 9.91
CA ALA A 25 0.13 -3.80 10.17
C ALA A 25 0.15 -5.31 9.92
N VAL A 26 -0.59 -6.04 10.73
CA VAL A 26 -0.68 -7.50 10.62
C VAL A 26 -1.97 -7.87 9.87
N ALA A 27 -1.87 -8.83 8.95
CA ALA A 27 -3.02 -9.28 8.16
C ALA A 27 -3.93 -10.19 8.98
N LEU A 28 -5.23 -9.85 9.00
CA LEU A 28 -6.22 -10.60 9.74
C LEU A 28 -6.93 -11.65 8.87
N GLN A 29 -6.83 -11.51 7.54
CA GLN A 29 -7.48 -12.46 6.62
C GLN A 29 -6.75 -12.52 5.27
N ASP A 30 -7.32 -13.29 4.34
CA ASP A 30 -6.74 -13.45 3.00
C ASP A 30 -7.38 -12.52 1.99
N TYR A 31 -6.62 -12.18 0.95
CA TYR A 31 -7.08 -11.29 -0.12
C TYR A 31 -6.37 -11.64 -1.42
N MET A 32 -7.06 -11.47 -2.54
CA MET A 32 -6.50 -11.74 -3.87
C MET A 32 -6.46 -10.46 -4.69
N ALA A 33 -5.41 -10.28 -5.48
CA ALA A 33 -5.24 -9.08 -6.30
C ALA A 33 -5.87 -9.23 -7.71
N PRO A 34 -7.04 -8.56 -7.97
CA PRO A 34 -7.71 -8.63 -9.27
C PRO A 34 -7.04 -7.72 -10.31
N ASP A 35 -6.76 -6.47 -9.92
CA ASP A 35 -6.14 -5.49 -10.80
C ASP A 35 -4.61 -5.57 -10.69
N CYS A 36 -3.94 -5.01 -11.69
CA CYS A 36 -2.48 -4.99 -11.77
C CYS A 36 -1.85 -4.19 -10.62
N ARG A 37 -2.55 -3.16 -10.16
CA ARG A 37 -2.03 -2.30 -9.08
C ARG A 37 -2.41 -2.82 -7.69
N PHE A 38 -3.13 -3.95 -7.61
CA PHE A 38 -3.53 -4.51 -6.33
C PHE A 38 -2.47 -5.48 -5.79
N LEU A 39 -2.62 -5.88 -4.53
CA LEU A 39 -1.67 -6.79 -3.87
C LEU A 39 -2.37 -7.98 -3.21
N THR A 40 -1.79 -9.17 -3.37
CA THR A 40 -2.33 -10.40 -2.79
C THR A 40 -1.72 -10.63 -1.40
N ILE A 41 -2.59 -10.84 -0.42
CA ILE A 41 -2.16 -11.04 0.97
C ILE A 41 -2.75 -12.33 1.58
N HIS A 42 -2.01 -12.92 2.52
CA HIS A 42 -2.45 -14.14 3.21
C HIS A 42 -2.59 -13.84 4.70
N ARG A 43 -3.51 -14.54 5.37
CA ARG A 43 -3.77 -14.34 6.79
C ARG A 43 -2.52 -14.64 7.64
N GLY A 44 -2.02 -13.63 8.34
CA GLY A 44 -0.86 -13.80 9.18
C GLY A 44 0.42 -13.18 8.63
N GLN A 45 0.35 -12.60 7.42
CA GLN A 45 1.53 -11.99 6.81
C GLN A 45 1.75 -10.57 7.31
N VAL A 46 3.03 -10.20 7.46
CA VAL A 46 3.41 -8.86 7.90
C VAL A 46 3.40 -7.93 6.70
N VAL A 47 2.64 -6.84 6.78
CA VAL A 47 2.55 -5.90 5.67
C VAL A 47 2.90 -4.48 6.13
N TYR A 48 3.96 -3.93 5.54
CA TYR A 48 4.43 -2.57 5.84
C TYR A 48 3.68 -1.56 4.98
N VAL A 49 3.01 -0.60 5.63
CA VAL A 49 2.25 0.43 4.91
C VAL A 49 3.17 1.61 4.55
N PHE A 50 3.25 1.91 3.26
CA PHE A 50 4.09 3.00 2.77
C PHE A 50 3.27 4.25 2.42
N SER A 51 1.98 4.06 2.13
CA SER A 51 1.12 5.19 1.76
C SER A 51 -0.36 4.93 2.07
N LYS A 52 -1.05 5.97 2.53
CA LYS A 52 -2.48 5.90 2.84
C LYS A 52 -3.24 6.89 1.97
N LEU A 53 -4.06 6.38 1.05
CA LEU A 53 -4.81 7.23 0.12
C LEU A 53 -5.89 8.04 0.83
N LYS A 54 -6.21 9.21 0.25
CA LYS A 54 -7.23 10.11 0.80
C LYS A 54 -8.36 10.33 -0.20
N GLY A 55 -9.36 11.14 0.19
CA GLY A 55 -10.49 11.43 -0.68
C GLY A 55 -11.51 10.31 -0.69
N ARG A 56 -11.78 9.78 -1.88
CA ARG A 56 -12.74 8.68 -2.05
C ARG A 56 -12.14 7.35 -1.60
N GLY A 57 -10.80 7.31 -1.52
CA GLY A 57 -10.10 6.11 -1.08
C GLY A 57 -9.58 6.24 0.33
N ARG A 58 -10.43 6.72 1.24
CA ARG A 58 -10.07 6.92 2.64
C ARG A 58 -9.81 5.57 3.33
N LEU A 59 -10.44 4.52 2.82
CA LEU A 59 -10.27 3.18 3.39
C LEU A 59 -9.35 2.33 2.51
N PHE A 60 -8.57 2.99 1.66
CA PHE A 60 -7.63 2.29 0.76
C PHE A 60 -6.19 2.64 1.11
N TRP A 61 -5.43 1.62 1.49
CA TRP A 61 -4.02 1.77 1.85
C TRP A 61 -3.12 1.11 0.79
N GLY A 62 -1.81 1.20 0.99
CA GLY A 62 -0.87 0.61 0.05
C GLY A 62 0.49 0.39 0.66
N GLY A 63 1.18 -0.66 0.20
CA GLY A 63 2.50 -0.98 0.72
C GLY A 63 3.06 -2.26 0.13
N SER A 64 3.96 -2.91 0.88
CA SER A 64 4.57 -4.17 0.44
C SER A 64 4.53 -5.21 1.56
N VAL A 65 4.53 -6.48 1.18
CA VAL A 65 4.49 -7.58 2.15
C VAL A 65 5.88 -8.09 2.49
N GLN A 66 6.21 -8.04 3.78
CA GLN A 66 7.50 -8.53 4.26
C GLN A 66 7.27 -9.86 5.00
N GLY A 67 7.08 -10.92 4.21
CA GLY A 67 6.85 -12.23 4.77
C GLY A 67 7.71 -13.28 4.09
N ASP A 68 9.02 -13.20 4.34
CA ASP A 68 10.01 -14.13 3.76
C ASP A 68 10.06 -14.04 2.23
N TYR A 69 10.67 -12.97 1.73
CA TYR A 69 10.79 -12.74 0.28
C TYR A 69 12.27 -12.64 -0.10
N TYR A 70 12.79 -13.73 -0.67
CA TYR A 70 14.19 -13.78 -1.09
C TYR A 70 14.33 -13.62 -2.60
N GLY A 71 13.20 -13.56 -3.31
CA GLY A 71 13.22 -13.40 -4.75
C GLY A 71 13.01 -11.96 -5.18
N ASP A 72 11.92 -11.72 -5.91
CA ASP A 72 11.60 -10.37 -6.38
C ASP A 72 10.08 -10.23 -6.57
N LEU A 73 9.42 -9.59 -5.60
CA LEU A 73 7.98 -9.38 -5.65
C LEU A 73 7.61 -8.09 -4.89
N ALA A 74 8.13 -7.97 -3.66
CA ALA A 74 7.85 -6.79 -2.84
C ALA A 74 8.81 -5.64 -3.20
N ALA A 75 8.56 -5.00 -4.33
CA ALA A 75 9.38 -3.89 -4.80
C ALA A 75 8.60 -2.96 -5.73
N ARG A 76 7.63 -3.53 -6.45
CA ARG A 76 6.81 -2.74 -7.39
C ARG A 76 5.64 -2.06 -6.67
N LEU A 77 5.43 -2.45 -5.42
CA LEU A 77 4.36 -1.91 -4.55
C LEU A 77 2.95 -2.21 -5.05
N GLY A 78 2.07 -2.54 -4.10
CA GLY A 78 0.68 -2.86 -4.41
C GLY A 78 -0.28 -2.13 -3.50
N TYR A 79 -1.58 -2.24 -3.79
CA TYR A 79 -2.61 -1.58 -2.98
C TYR A 79 -3.60 -2.60 -2.43
N PHE A 80 -4.04 -2.35 -1.19
CA PHE A 80 -4.96 -3.25 -0.49
C PHE A 80 -5.91 -2.46 0.44
N PRO A 81 -7.13 -3.00 0.76
CA PRO A 81 -8.07 -2.31 1.65
C PRO A 81 -7.63 -2.39 3.11
N SER A 82 -7.75 -1.29 3.83
CA SER A 82 -7.36 -1.22 5.25
C SER A 82 -8.20 -2.16 6.12
N SER A 83 -9.34 -2.58 5.59
CA SER A 83 -10.27 -3.47 6.31
C SER A 83 -9.67 -4.87 6.55
N ILE A 84 -8.69 -5.29 5.74
CA ILE A 84 -8.08 -6.61 5.92
C ILE A 84 -6.85 -6.58 6.83
N VAL A 85 -6.42 -5.38 7.23
CA VAL A 85 -5.23 -5.26 8.09
C VAL A 85 -5.51 -4.42 9.33
N ARG A 86 -4.61 -4.54 10.31
CA ARG A 86 -4.74 -3.81 11.57
C ARG A 86 -3.36 -3.42 12.10
N GLU A 87 -3.06 -2.13 12.10
CA GLU A 87 -1.78 -1.63 12.58
C GLU A 87 -1.78 -1.48 14.10
N ASP A 88 -0.69 -1.92 14.72
CA ASP A 88 -0.55 -1.87 16.17
C ASP A 88 0.74 -1.18 16.58
N GLN A 89 1.71 -1.13 15.66
CA GLN A 89 3.00 -0.49 15.97
C GLN A 89 3.46 0.44 14.83
N THR A 90 3.55 1.74 15.15
CA THR A 90 3.98 2.75 14.18
C THR A 90 5.51 2.82 14.12
N LEU A 91 6.04 2.70 12.91
CA LEU A 91 7.48 2.71 12.69
C LEU A 91 8.02 4.14 12.48
N LYS A 92 7.28 4.95 11.74
CA LYS A 92 7.69 6.33 11.45
C LYS A 92 6.48 7.25 11.23
N PRO A 93 6.44 8.46 11.87
CA PRO A 93 5.31 9.41 11.73
C PRO A 93 4.89 9.68 10.29
N GLY A 94 3.61 9.50 10.02
CA GLY A 94 3.07 9.74 8.68
C GLY A 94 2.28 11.02 8.63
N LYS A 95 3.00 12.13 8.57
CA LYS A 95 2.39 13.46 8.54
C LYS A 95 2.78 14.25 7.28
N VAL A 96 3.17 13.54 6.23
CA VAL A 96 3.56 14.18 4.96
C VAL A 96 2.56 13.81 3.85
N ASP A 97 2.16 14.81 3.06
CA ASP A 97 1.20 14.60 1.97
C ASP A 97 1.88 14.79 0.62
N VAL A 98 1.85 13.73 -0.20
CA VAL A 98 2.44 13.76 -1.54
C VAL A 98 1.40 13.37 -2.59
N LYS A 99 1.34 14.13 -3.69
CA LYS A 99 0.37 13.86 -4.76
C LYS A 99 0.81 12.64 -5.58
N THR A 100 -0.16 11.97 -6.21
CA THR A 100 0.12 10.78 -7.01
C THR A 100 0.08 11.12 -8.51
N ASP A 101 1.00 10.54 -9.27
CA ASP A 101 1.08 10.77 -10.72
C ASP A 101 0.39 9.63 -11.48
N LYS A 102 0.57 9.62 -12.81
CA LYS A 102 -0.04 8.59 -13.65
C LYS A 102 0.75 7.28 -13.63
N TRP A 103 1.93 7.30 -13.00
CA TRP A 103 2.78 6.11 -12.93
C TRP A 103 2.55 5.36 -11.61
N ASP A 104 1.38 5.56 -11.01
CA ASP A 104 1.03 4.89 -9.76
C ASP A 104 -0.11 3.89 -9.94
N PHE A 105 -0.88 4.08 -11.02
CA PHE A 105 -2.01 3.19 -11.33
C PHE A 105 -2.25 3.06 -12.84
N TYR A 106 -1.22 2.59 -13.55
CA TYR A 106 -1.29 2.41 -15.01
C TYR A 106 -0.38 1.26 -15.45
N CYS A 107 -1.00 0.19 -15.95
CA CYS A 107 -0.26 -0.98 -16.43
C CYS A 107 -0.53 -1.22 -17.92
N GLN A 108 0.48 -1.73 -18.61
CA GLN A 108 0.38 -2.01 -20.04
C GLN A 108 0.51 -3.50 -20.32
N MET A 1 -2.86 -5.99 -16.98
CA MET A 1 -1.88 -5.09 -17.62
C MET A 1 -2.57 -3.95 -18.36
N GLY A 2 -2.76 -2.83 -17.65
CA GLY A 2 -3.40 -1.67 -18.25
C GLY A 2 -3.81 -0.62 -17.22
N PRO A 3 -4.24 0.59 -17.66
CA PRO A 3 -4.65 1.66 -16.76
C PRO A 3 -6.10 1.49 -16.29
N MET A 4 -6.48 2.24 -15.26
CA MET A 4 -7.82 2.19 -14.69
C MET A 4 -8.18 3.52 -14.01
N PRO A 5 -9.45 3.72 -13.55
CA PRO A 5 -9.85 4.96 -12.87
C PRO A 5 -9.12 5.13 -11.53
N LYS A 6 -8.67 6.36 -11.27
CA LYS A 6 -7.95 6.67 -10.04
C LYS A 6 -8.85 6.55 -8.81
N LEU A 7 -8.38 5.81 -7.81
CA LEU A 7 -9.13 5.61 -6.57
C LEU A 7 -9.01 6.83 -5.67
N ALA A 8 -7.87 7.53 -5.78
CA ALA A 8 -7.61 8.72 -4.97
C ALA A 8 -6.71 9.71 -5.73
N ASP A 9 -6.32 10.79 -5.06
CA ASP A 9 -5.46 11.81 -5.66
C ASP A 9 -4.17 11.99 -4.85
N ARG A 10 -4.32 12.20 -3.54
CA ARG A 10 -3.17 12.39 -2.65
C ARG A 10 -3.19 11.39 -1.51
N LYS A 11 -2.03 11.20 -0.87
CA LYS A 11 -1.87 10.24 0.22
C LYS A 11 -0.95 10.79 1.32
N LEU A 12 -0.79 9.99 2.39
CA LEU A 12 0.08 10.35 3.51
C LEU A 12 1.33 9.48 3.49
N CYS A 13 2.48 10.11 3.67
CA CYS A 13 3.76 9.40 3.69
C CYS A 13 4.66 9.96 4.80
N ALA A 14 5.73 9.22 5.12
CA ALA A 14 6.67 9.65 6.14
C ALA A 14 7.63 10.69 5.57
N ASP A 15 7.90 10.57 4.26
CA ASP A 15 8.78 11.49 3.54
C ASP A 15 8.24 11.74 2.13
N GLN A 16 8.86 12.69 1.43
CA GLN A 16 8.45 13.05 0.06
C GLN A 16 8.71 11.91 -0.93
N GLU A 17 9.54 10.93 -0.50
CA GLU A 17 9.87 9.79 -1.34
C GLU A 17 8.88 8.64 -1.15
N CYS A 18 8.14 8.65 -0.02
CA CYS A 18 7.17 7.60 0.32
C CYS A 18 7.87 6.22 0.33
N SER A 19 9.16 6.24 0.63
CA SER A 19 9.99 5.05 0.67
C SER A 19 10.13 4.50 2.10
N HIS A 20 9.59 5.25 3.07
CA HIS A 20 9.63 4.84 4.47
C HIS A 20 8.32 4.17 4.91
N PRO A 21 8.37 3.25 5.93
CA PRO A 21 7.19 2.57 6.42
C PRO A 21 6.55 3.31 7.60
N ILE A 22 5.30 3.76 7.40
CA ILE A 22 4.58 4.49 8.43
C ILE A 22 4.19 3.59 9.58
N SER A 23 3.35 2.58 9.30
CA SER A 23 2.87 1.65 10.32
C SER A 23 2.92 0.22 9.85
N MET A 24 3.38 -0.66 10.74
CA MET A 24 3.45 -2.09 10.48
C MET A 24 2.13 -2.73 10.90
N ALA A 25 1.40 -3.28 9.94
CA ALA A 25 0.10 -3.89 10.21
C ALA A 25 0.09 -5.38 9.94
N VAL A 26 -0.69 -6.11 10.75
CA VAL A 26 -0.82 -7.56 10.60
C VAL A 26 -2.11 -7.91 9.85
N ALA A 27 -2.01 -8.86 8.92
CA ALA A 27 -3.16 -9.30 8.13
C ALA A 27 -4.06 -10.23 8.92
N LEU A 28 -5.37 -9.94 8.89
CA LEU A 28 -6.36 -10.73 9.62
C LEU A 28 -7.07 -11.74 8.73
N GLN A 29 -6.96 -11.59 7.40
CA GLN A 29 -7.62 -12.51 6.47
C GLN A 29 -6.89 -12.58 5.11
N ASP A 30 -7.43 -13.41 4.21
CA ASP A 30 -6.86 -13.62 2.88
C ASP A 30 -7.43 -12.61 1.88
N TYR A 31 -6.62 -12.30 0.85
CA TYR A 31 -7.02 -11.36 -0.19
C TYR A 31 -6.32 -11.68 -1.51
N MET A 32 -7.10 -11.77 -2.59
CA MET A 32 -6.55 -12.05 -3.92
C MET A 32 -6.53 -10.77 -4.76
N ALA A 33 -5.40 -10.52 -5.43
CA ALA A 33 -5.25 -9.30 -6.24
C ALA A 33 -5.77 -9.47 -7.67
N PRO A 34 -6.88 -8.77 -8.05
CA PRO A 34 -7.44 -8.85 -9.41
C PRO A 34 -6.64 -8.01 -10.41
N ASP A 35 -6.44 -6.73 -10.06
CA ASP A 35 -5.70 -5.80 -10.91
C ASP A 35 -4.21 -5.81 -10.55
N CYS A 36 -3.38 -5.28 -11.46
CA CYS A 36 -1.93 -5.20 -11.28
C CYS A 36 -1.54 -4.33 -10.09
N ARG A 37 -2.35 -3.30 -9.82
CA ARG A 37 -2.05 -2.37 -8.72
C ARG A 37 -2.42 -2.95 -7.34
N PHE A 38 -3.18 -4.05 -7.31
CA PHE A 38 -3.56 -4.66 -6.04
C PHE A 38 -2.56 -5.72 -5.60
N LEU A 39 -2.54 -6.01 -4.30
CA LEU A 39 -1.63 -7.00 -3.72
C LEU A 39 -2.36 -8.23 -3.17
N THR A 40 -1.74 -9.41 -3.33
CA THR A 40 -2.30 -10.66 -2.81
C THR A 40 -1.70 -10.93 -1.43
N ILE A 41 -2.54 -10.85 -0.40
CA ILE A 41 -2.10 -11.03 0.98
C ILE A 41 -2.70 -12.30 1.61
N HIS A 42 -1.93 -12.94 2.49
CA HIS A 42 -2.38 -14.14 3.18
C HIS A 42 -2.58 -13.84 4.67
N ARG A 43 -3.50 -14.59 5.29
CA ARG A 43 -3.82 -14.41 6.70
C ARG A 43 -2.62 -14.74 7.60
N GLY A 44 -2.18 -13.73 8.39
CA GLY A 44 -1.07 -13.92 9.29
C GLY A 44 0.24 -13.31 8.80
N GLN A 45 0.26 -12.82 7.56
CA GLN A 45 1.47 -12.22 7.00
C GLN A 45 1.67 -10.79 7.50
N VAL A 46 2.94 -10.37 7.55
CA VAL A 46 3.31 -9.03 8.00
C VAL A 46 3.37 -8.07 6.80
N VAL A 47 2.42 -7.16 6.72
CA VAL A 47 2.38 -6.19 5.62
C VAL A 47 2.74 -4.79 6.11
N TYR A 48 3.71 -4.17 5.46
CA TYR A 48 4.15 -2.82 5.84
C TYR A 48 3.43 -1.76 5.02
N VAL A 49 2.85 -0.78 5.71
CA VAL A 49 2.14 0.32 5.06
C VAL A 49 3.10 1.45 4.73
N PHE A 50 3.11 1.89 3.47
CA PHE A 50 4.00 2.97 3.03
C PHE A 50 3.22 4.26 2.78
N SER A 51 1.91 4.15 2.53
CA SER A 51 1.09 5.33 2.27
C SER A 51 -0.38 5.08 2.63
N LYS A 52 -1.11 6.18 2.88
CA LYS A 52 -2.54 6.11 3.22
C LYS A 52 -3.31 7.11 2.34
N LEU A 53 -4.05 6.59 1.37
CA LEU A 53 -4.82 7.44 0.43
C LEU A 53 -5.96 8.20 1.12
N LYS A 54 -6.39 9.30 0.50
CA LYS A 54 -7.48 10.14 1.01
C LYS A 54 -8.59 10.29 -0.03
N GLY A 55 -9.63 11.06 0.32
CA GLY A 55 -10.75 11.29 -0.59
C GLY A 55 -11.76 10.17 -0.58
N ARG A 56 -12.23 9.82 -1.78
CA ARG A 56 -13.24 8.76 -1.95
C ARG A 56 -12.66 7.38 -1.65
N GLY A 57 -11.34 7.25 -1.82
CA GLY A 57 -10.66 5.99 -1.55
C GLY A 57 -9.78 6.07 -0.33
N ARG A 58 -10.24 6.77 0.71
CA ARG A 58 -9.49 6.93 1.94
C ARG A 58 -9.39 5.62 2.73
N LEU A 59 -10.24 4.65 2.38
CA LEU A 59 -10.23 3.35 3.03
C LEU A 59 -9.19 2.43 2.39
N PHE A 60 -8.35 3.00 1.52
CA PHE A 60 -7.32 2.24 0.82
C PHE A 60 -5.93 2.67 1.28
N TRP A 61 -5.18 1.70 1.81
CA TRP A 61 -3.82 1.94 2.30
C TRP A 61 -2.79 1.31 1.37
N GLY A 62 -1.91 2.15 0.82
CA GLY A 62 -0.88 1.68 -0.08
C GLY A 62 0.31 1.12 0.67
N GLY A 63 1.13 0.33 -0.03
CA GLY A 63 2.30 -0.26 0.59
C GLY A 63 2.63 -1.60 -0.01
N SER A 64 3.39 -2.41 0.73
CA SER A 64 3.79 -3.74 0.27
C SER A 64 4.09 -4.67 1.44
N VAL A 65 3.92 -5.96 1.21
CA VAL A 65 4.17 -6.98 2.22
C VAL A 65 5.68 -7.08 2.51
N GLN A 66 6.03 -7.70 3.65
CA GLN A 66 7.41 -7.89 4.11
C GLN A 66 8.42 -8.05 2.96
N GLY A 67 9.55 -7.34 3.09
CA GLY A 67 10.59 -7.38 2.07
C GLY A 67 11.45 -8.63 2.13
N ASP A 68 10.87 -9.76 1.78
CA ASP A 68 11.58 -11.03 1.77
C ASP A 68 12.05 -11.34 0.34
N TYR A 69 11.46 -10.61 -0.62
CA TYR A 69 11.77 -10.73 -2.05
C TYR A 69 11.59 -12.18 -2.53
N TYR A 70 10.34 -12.58 -2.70
CA TYR A 70 10.00 -13.92 -3.15
C TYR A 70 9.81 -13.95 -4.67
N GLY A 71 9.65 -12.76 -5.25
CA GLY A 71 9.47 -12.64 -6.69
C GLY A 71 9.25 -11.21 -7.13
N ASP A 72 8.05 -10.69 -6.83
CA ASP A 72 7.70 -9.32 -7.19
C ASP A 72 6.74 -8.70 -6.16
N LEU A 73 6.94 -9.07 -4.89
CA LEU A 73 6.11 -8.56 -3.80
C LEU A 73 6.52 -7.15 -3.38
N ALA A 74 7.66 -7.05 -2.69
CA ALA A 74 8.16 -5.75 -2.23
C ALA A 74 9.20 -5.19 -3.21
N ALA A 75 8.76 -4.93 -4.43
CA ALA A 75 9.64 -4.39 -5.47
C ALA A 75 8.89 -3.46 -6.41
N ARG A 76 7.68 -3.86 -6.81
CA ARG A 76 6.87 -3.05 -7.73
C ARG A 76 5.92 -2.13 -6.99
N LEU A 77 5.69 -2.45 -5.71
CA LEU A 77 4.80 -1.69 -4.80
C LEU A 77 3.33 -1.76 -5.26
N GLY A 78 2.39 -1.82 -4.29
CA GLY A 78 0.98 -1.92 -4.65
C GLY A 78 0.05 -1.28 -3.65
N TYR A 79 -1.20 -1.73 -3.65
CA TYR A 79 -2.23 -1.20 -2.74
C TYR A 79 -3.06 -2.33 -2.13
N PHE A 80 -3.66 -2.05 -0.96
CA PHE A 80 -4.47 -3.04 -0.25
C PHE A 80 -5.51 -2.33 0.65
N PRO A 81 -6.72 -2.94 0.86
CA PRO A 81 -7.76 -2.33 1.72
C PRO A 81 -7.37 -2.36 3.19
N SER A 82 -7.57 -1.24 3.88
CA SER A 82 -7.24 -1.13 5.31
C SER A 82 -8.10 -2.07 6.16
N SER A 83 -9.25 -2.46 5.60
CA SER A 83 -10.20 -3.34 6.30
C SER A 83 -9.64 -4.75 6.52
N ILE A 84 -8.64 -5.17 5.74
CA ILE A 84 -8.06 -6.51 5.90
C ILE A 84 -6.81 -6.50 6.79
N VAL A 85 -6.36 -5.31 7.20
CA VAL A 85 -5.18 -5.20 8.04
C VAL A 85 -5.49 -4.47 9.34
N ARG A 86 -4.58 -4.61 10.33
CA ARG A 86 -4.76 -3.98 11.62
C ARG A 86 -3.45 -3.37 12.12
N GLU A 87 -3.43 -2.03 12.24
CA GLU A 87 -2.27 -1.30 12.71
C GLU A 87 -2.05 -1.56 14.19
N ASP A 88 -0.82 -1.91 14.55
CA ASP A 88 -0.48 -2.20 15.94
C ASP A 88 0.71 -1.38 16.42
N GLN A 89 1.67 -1.12 15.51
CA GLN A 89 2.87 -0.36 15.86
C GLN A 89 3.31 0.57 14.72
N THR A 90 3.51 1.85 15.05
CA THR A 90 3.97 2.84 14.06
C THR A 90 5.50 2.87 14.08
N LEU A 91 6.10 2.67 12.91
CA LEU A 91 7.56 2.65 12.79
C LEU A 91 8.13 4.04 12.58
N LYS A 92 7.43 4.85 11.78
CA LYS A 92 7.88 6.20 11.49
C LYS A 92 6.66 7.10 11.14
N PRO A 93 6.47 8.25 11.87
CA PRO A 93 5.35 9.16 11.65
C PRO A 93 5.13 9.55 10.18
N GLY A 94 3.88 9.41 9.73
CA GLY A 94 3.51 9.77 8.37
C GLY A 94 2.66 11.01 8.36
N LYS A 95 3.31 12.17 8.34
CA LYS A 95 2.63 13.46 8.37
C LYS A 95 3.06 14.37 7.22
N VAL A 96 3.42 13.76 6.09
CA VAL A 96 3.85 14.51 4.90
C VAL A 96 2.95 14.15 3.70
N ASP A 97 2.12 15.09 3.28
CA ASP A 97 1.19 14.88 2.17
C ASP A 97 1.92 14.91 0.82
N VAL A 98 1.82 13.79 0.09
CA VAL A 98 2.45 13.66 -1.23
C VAL A 98 1.41 13.19 -2.26
N LYS A 99 1.35 13.87 -3.41
CA LYS A 99 0.41 13.53 -4.48
C LYS A 99 0.90 12.32 -5.27
N THR A 100 0.00 11.69 -6.04
CA THR A 100 0.33 10.52 -6.85
C THR A 100 0.62 10.91 -8.30
N ASP A 101 1.46 10.11 -8.96
CA ASP A 101 1.84 10.33 -10.36
C ASP A 101 1.28 9.22 -11.25
N LYS A 102 1.70 9.18 -12.51
CA LYS A 102 1.22 8.16 -13.45
C LYS A 102 2.04 6.86 -13.34
N TRP A 103 3.00 6.84 -12.42
CA TRP A 103 3.83 5.64 -12.22
C TRP A 103 3.44 4.92 -10.93
N ASP A 104 2.25 5.23 -10.42
CA ASP A 104 1.76 4.64 -9.18
C ASP A 104 0.73 3.54 -9.44
N PHE A 105 -0.08 3.72 -10.50
CA PHE A 105 -1.11 2.74 -10.87
C PHE A 105 -1.27 2.65 -12.38
N TYR A 106 -0.18 2.26 -13.06
CA TYR A 106 -0.17 2.14 -14.51
C TYR A 106 0.82 1.06 -14.95
N CYS A 107 0.31 -0.17 -15.16
CA CYS A 107 1.13 -1.30 -15.58
C CYS A 107 1.02 -1.51 -17.09
N GLN A 108 1.93 -0.88 -17.82
CA GLN A 108 1.96 -0.97 -19.27
C GLN A 108 2.94 -2.05 -19.72
N MET A 1 -1.52 -5.28 -15.22
CA MET A 1 -0.46 -4.46 -15.86
C MET A 1 -1.00 -3.74 -17.09
N GLY A 2 -1.75 -2.65 -16.85
CA GLY A 2 -2.32 -1.88 -17.95
C GLY A 2 -2.64 -0.44 -17.57
N PRO A 3 -3.02 0.43 -18.55
CA PRO A 3 -3.35 1.82 -18.27
C PRO A 3 -4.79 1.97 -17.78
N MET A 4 -4.92 2.49 -16.55
CA MET A 4 -6.24 2.66 -15.93
C MET A 4 -6.43 4.10 -15.40
N PRO A 5 -7.68 4.52 -15.02
CA PRO A 5 -7.93 5.87 -14.50
C PRO A 5 -7.39 6.06 -13.08
N LYS A 6 -7.64 7.23 -12.50
CA LYS A 6 -7.17 7.56 -11.16
C LYS A 6 -8.18 7.16 -10.07
N LEU A 7 -7.69 6.47 -9.05
CA LEU A 7 -8.52 6.05 -7.92
C LEU A 7 -8.50 7.13 -6.84
N ALA A 8 -7.37 7.85 -6.77
CA ALA A 8 -7.17 8.94 -5.81
C ALA A 8 -6.28 10.03 -6.40
N ASP A 9 -5.92 11.03 -5.59
CA ASP A 9 -5.07 12.12 -6.05
C ASP A 9 -3.85 12.34 -5.14
N ARG A 10 -4.09 12.37 -3.82
CA ARG A 10 -3.01 12.57 -2.85
C ARG A 10 -3.06 11.49 -1.76
N LYS A 11 -1.90 11.23 -1.15
CA LYS A 11 -1.77 10.23 -0.10
C LYS A 11 -0.88 10.73 1.04
N LEU A 12 -0.90 10.03 2.17
CA LEU A 12 -0.09 10.39 3.34
C LEU A 12 1.14 9.49 3.40
N CYS A 13 2.31 10.10 3.49
CA CYS A 13 3.58 9.38 3.56
C CYS A 13 4.42 9.89 4.72
N ALA A 14 5.52 9.18 5.00
CA ALA A 14 6.43 9.54 6.09
C ALA A 14 7.35 10.70 5.68
N ASP A 15 7.66 10.79 4.39
CA ASP A 15 8.51 11.86 3.87
C ASP A 15 8.20 12.15 2.40
N GLN A 16 8.91 13.13 1.83
CA GLN A 16 8.71 13.55 0.43
C GLN A 16 9.02 12.42 -0.56
N GLU A 17 9.83 11.44 -0.14
CA GLU A 17 10.19 10.31 -0.99
C GLU A 17 9.17 9.18 -0.87
N CYS A 18 8.44 9.16 0.25
CA CYS A 18 7.43 8.12 0.55
C CYS A 18 8.09 6.73 0.45
N SER A 19 9.37 6.69 0.82
CA SER A 19 10.16 5.46 0.77
C SER A 19 10.29 4.83 2.16
N HIS A 20 9.63 5.45 3.15
CA HIS A 20 9.65 4.96 4.53
C HIS A 20 8.32 4.31 4.92
N PRO A 21 8.32 3.33 5.88
CA PRO A 21 7.11 2.66 6.33
C PRO A 21 6.47 3.36 7.52
N ILE A 22 5.21 3.76 7.37
CA ILE A 22 4.49 4.45 8.43
C ILE A 22 4.16 3.52 9.59
N SER A 23 3.31 2.52 9.34
CA SER A 23 2.91 1.58 10.39
C SER A 23 2.96 0.14 9.91
N MET A 24 3.43 -0.74 10.80
CA MET A 24 3.52 -2.17 10.52
C MET A 24 2.21 -2.84 10.94
N ALA A 25 1.48 -3.38 9.98
CA ALA A 25 0.20 -4.02 10.26
C ALA A 25 0.21 -5.51 9.91
N VAL A 26 -0.44 -6.30 10.75
CA VAL A 26 -0.55 -7.76 10.54
C VAL A 26 -1.89 -8.10 9.89
N ALA A 27 -1.85 -8.99 8.89
CA ALA A 27 -3.05 -9.41 8.17
C ALA A 27 -3.95 -10.31 9.01
N LEU A 28 -5.25 -10.02 8.97
CA LEU A 28 -6.24 -10.78 9.74
C LEU A 28 -6.94 -11.85 8.89
N GLN A 29 -6.91 -11.69 7.56
CA GLN A 29 -7.58 -12.65 6.66
C GLN A 29 -6.87 -12.74 5.30
N ASP A 30 -7.43 -13.59 4.43
CA ASP A 30 -6.89 -13.80 3.08
C ASP A 30 -7.46 -12.80 2.09
N TYR A 31 -6.66 -12.49 1.06
CA TYR A 31 -7.06 -11.54 0.01
C TYR A 31 -6.35 -11.87 -1.30
N MET A 32 -7.10 -11.81 -2.41
CA MET A 32 -6.54 -12.08 -3.74
C MET A 32 -6.54 -10.80 -4.56
N ALA A 33 -5.47 -10.57 -5.32
CA ALA A 33 -5.33 -9.37 -6.14
C ALA A 33 -5.75 -9.60 -7.61
N PRO A 34 -6.91 -9.04 -8.05
CA PRO A 34 -7.38 -9.18 -9.42
C PRO A 34 -6.79 -8.11 -10.35
N ASP A 35 -6.74 -6.87 -9.88
CA ASP A 35 -6.23 -5.73 -10.64
C ASP A 35 -4.73 -5.52 -10.41
N CYS A 36 -4.10 -4.75 -11.31
CA CYS A 36 -2.66 -4.45 -11.24
C CYS A 36 -2.27 -3.72 -9.95
N ARG A 37 -3.05 -2.70 -9.60
CA ARG A 37 -2.78 -1.90 -8.40
C ARG A 37 -3.15 -2.61 -7.10
N PHE A 38 -3.62 -3.86 -7.18
CA PHE A 38 -3.99 -4.61 -5.98
C PHE A 38 -2.90 -5.61 -5.60
N LEU A 39 -2.76 -5.88 -4.30
CA LEU A 39 -1.74 -6.82 -3.80
C LEU A 39 -2.40 -8.03 -3.13
N THR A 40 -1.80 -9.21 -3.32
CA THR A 40 -2.30 -10.46 -2.73
C THR A 40 -1.70 -10.64 -1.35
N ILE A 41 -2.56 -10.81 -0.35
CA ILE A 41 -2.13 -10.97 1.04
C ILE A 41 -2.75 -12.21 1.68
N HIS A 42 -1.95 -12.95 2.45
CA HIS A 42 -2.43 -14.15 3.16
C HIS A 42 -2.61 -13.83 4.64
N ARG A 43 -3.45 -14.61 5.30
CA ARG A 43 -3.74 -14.43 6.73
C ARG A 43 -2.49 -14.64 7.58
N GLY A 44 -2.05 -13.56 8.26
CA GLY A 44 -0.89 -13.64 9.12
C GLY A 44 0.38 -13.06 8.52
N GLN A 45 0.30 -12.47 7.31
CA GLN A 45 1.48 -11.89 6.67
C GLN A 45 1.81 -10.51 7.26
N VAL A 46 3.11 -10.25 7.42
CA VAL A 46 3.58 -8.97 7.95
C VAL A 46 3.65 -7.96 6.80
N VAL A 47 2.65 -7.09 6.71
CA VAL A 47 2.59 -6.10 5.64
C VAL A 47 2.95 -4.71 6.15
N TYR A 48 3.95 -4.10 5.50
CA TYR A 48 4.40 -2.76 5.85
C TYR A 48 3.64 -1.71 5.03
N VAL A 49 3.01 -0.76 5.72
CA VAL A 49 2.25 0.31 5.06
C VAL A 49 3.18 1.47 4.72
N PHE A 50 3.08 1.99 3.48
CA PHE A 50 3.90 3.10 3.04
C PHE A 50 3.08 4.37 2.77
N SER A 51 1.79 4.20 2.42
CA SER A 51 0.94 5.37 2.14
C SER A 51 -0.55 5.09 2.38
N LYS A 52 -1.30 6.18 2.59
CA LYS A 52 -2.76 6.11 2.81
C LYS A 52 -3.46 7.06 1.83
N LEU A 53 -4.22 6.50 0.88
CA LEU A 53 -4.92 7.31 -0.13
C LEU A 53 -6.05 8.15 0.46
N LYS A 54 -6.34 9.29 -0.18
CA LYS A 54 -7.41 10.19 0.25
C LYS A 54 -8.53 10.24 -0.79
N GLY A 55 -9.54 11.08 -0.53
CA GLY A 55 -10.66 11.22 -1.44
C GLY A 55 -11.69 10.12 -1.28
N ARG A 56 -12.11 9.55 -2.41
CA ARG A 56 -13.10 8.46 -2.42
C ARG A 56 -12.46 7.16 -1.92
N GLY A 57 -11.14 7.09 -1.98
CA GLY A 57 -10.41 5.91 -1.51
C GLY A 57 -9.72 6.16 -0.19
N ARG A 58 -10.46 6.75 0.76
CA ARG A 58 -9.93 7.05 2.09
C ARG A 58 -9.68 5.77 2.88
N LEU A 59 -10.43 4.71 2.54
CA LEU A 59 -10.28 3.42 3.20
C LEU A 59 -9.25 2.56 2.47
N PHE A 60 -8.74 3.06 1.34
CA PHE A 60 -7.74 2.35 0.56
C PHE A 60 -6.33 2.80 0.92
N TRP A 61 -5.51 1.83 1.35
CA TRP A 61 -4.13 2.09 1.73
C TRP A 61 -3.18 1.48 0.70
N GLY A 62 -1.87 1.51 1.01
CA GLY A 62 -0.88 0.96 0.10
C GLY A 62 0.43 0.67 0.80
N GLY A 63 1.22 -0.23 0.21
CA GLY A 63 2.51 -0.60 0.78
C GLY A 63 3.08 -1.85 0.13
N SER A 64 4.01 -2.51 0.84
CA SER A 64 4.64 -3.73 0.32
C SER A 64 4.60 -4.83 1.37
N VAL A 65 4.42 -6.07 0.91
CA VAL A 65 4.36 -7.22 1.80
C VAL A 65 5.75 -7.81 2.06
N GLN A 66 6.04 -8.08 3.33
CA GLN A 66 7.33 -8.63 3.75
C GLN A 66 7.20 -10.13 4.10
N GLY A 67 5.95 -10.59 4.25
CA GLY A 67 5.69 -11.99 4.59
C GLY A 67 6.32 -12.97 3.61
N ASP A 68 6.25 -12.66 2.31
CA ASP A 68 6.82 -13.53 1.28
C ASP A 68 7.75 -12.74 0.35
N TYR A 69 8.92 -13.31 0.08
CA TYR A 69 9.91 -12.69 -0.80
C TYR A 69 10.76 -13.76 -1.47
N TYR A 70 10.49 -14.01 -2.75
CA TYR A 70 11.22 -15.02 -3.52
C TYR A 70 12.15 -14.37 -4.55
N GLY A 71 12.01 -13.06 -4.72
CA GLY A 71 12.84 -12.32 -5.67
C GLY A 71 12.04 -11.31 -6.47
N ASP A 72 12.32 -10.03 -6.23
CA ASP A 72 11.65 -8.90 -6.90
C ASP A 72 10.13 -8.98 -6.71
N LEU A 73 9.68 -8.52 -5.54
CA LEU A 73 8.26 -8.53 -5.20
C LEU A 73 7.89 -7.23 -4.47
N ALA A 74 8.67 -6.90 -3.43
CA ALA A 74 8.44 -5.70 -2.65
C ALA A 74 9.30 -4.54 -3.16
N ALA A 75 9.10 -4.18 -4.43
CA ALA A 75 9.84 -3.09 -5.06
C ALA A 75 8.94 -2.24 -5.95
N ARG A 76 7.82 -2.82 -6.39
CA ARG A 76 6.88 -2.11 -7.25
C ARG A 76 5.61 -1.72 -6.49
N LEU A 77 5.61 -2.02 -5.17
CA LEU A 77 4.49 -1.71 -4.26
C LEU A 77 3.15 -2.35 -4.68
N GLY A 78 2.13 -2.12 -3.86
CA GLY A 78 0.81 -2.68 -4.12
C GLY A 78 -0.21 -2.17 -3.12
N TYR A 79 -1.34 -1.68 -3.63
CA TYR A 79 -2.40 -1.13 -2.79
C TYR A 79 -3.33 -2.23 -2.29
N PHE A 80 -3.86 -2.02 -1.07
CA PHE A 80 -4.76 -2.98 -0.43
C PHE A 80 -5.74 -2.27 0.53
N PRO A 81 -6.93 -2.86 0.83
CA PRO A 81 -7.91 -2.25 1.74
C PRO A 81 -7.46 -2.35 3.20
N SER A 82 -7.58 -1.25 3.94
CA SER A 82 -7.19 -1.20 5.36
C SER A 82 -8.05 -2.13 6.22
N SER A 83 -9.21 -2.52 5.68
CA SER A 83 -10.15 -3.40 6.38
C SER A 83 -9.59 -4.81 6.62
N ILE A 84 -8.58 -5.21 5.85
CA ILE A 84 -8.00 -6.55 6.01
C ILE A 84 -6.75 -6.56 6.89
N VAL A 85 -6.31 -5.38 7.36
CA VAL A 85 -5.11 -5.31 8.20
C VAL A 85 -5.43 -4.77 9.59
N ARG A 86 -4.48 -5.00 10.51
CA ARG A 86 -4.60 -4.55 11.89
C ARG A 86 -3.32 -3.84 12.32
N GLU A 87 -3.41 -2.51 12.47
CA GLU A 87 -2.28 -1.69 12.86
C GLU A 87 -1.98 -1.87 14.34
N ASP A 88 -0.73 -2.22 14.66
CA ASP A 88 -0.33 -2.45 16.04
C ASP A 88 0.81 -1.52 16.48
N GLN A 89 1.71 -1.18 15.56
CA GLN A 89 2.84 -0.30 15.89
C GLN A 89 3.25 0.60 14.72
N THR A 90 3.56 1.86 15.04
CA THR A 90 4.00 2.83 14.03
C THR A 90 5.53 2.85 14.02
N LEU A 91 6.12 2.57 12.86
CA LEU A 91 7.57 2.52 12.70
C LEU A 91 8.16 3.91 12.45
N LYS A 92 7.37 4.77 11.81
CA LYS A 92 7.79 6.13 11.50
C LYS A 92 6.57 7.01 11.18
N PRO A 93 6.40 8.18 11.88
CA PRO A 93 5.25 9.09 11.68
C PRO A 93 5.02 9.46 10.21
N GLY A 94 3.74 9.59 9.84
CA GLY A 94 3.36 9.97 8.49
C GLY A 94 2.52 11.23 8.46
N LYS A 95 3.19 12.37 8.49
CA LYS A 95 2.53 13.68 8.50
C LYS A 95 2.90 14.49 7.26
N VAL A 96 3.48 13.81 6.27
CA VAL A 96 3.93 14.47 5.05
C VAL A 96 3.12 13.99 3.84
N ASP A 97 2.16 14.81 3.41
CA ASP A 97 1.31 14.50 2.27
C ASP A 97 2.04 14.68 0.94
N VAL A 98 2.02 13.63 0.12
CA VAL A 98 2.67 13.64 -1.20
C VAL A 98 1.66 13.24 -2.27
N LYS A 99 1.61 14.02 -3.36
CA LYS A 99 0.69 13.75 -4.47
C LYS A 99 1.16 12.54 -5.29
N THR A 100 0.29 12.06 -6.18
CA THR A 100 0.61 10.91 -7.03
C THR A 100 1.06 11.35 -8.42
N ASP A 101 1.85 10.49 -9.08
CA ASP A 101 2.36 10.76 -10.42
C ASP A 101 1.68 9.84 -11.44
N LYS A 102 2.16 9.83 -12.69
CA LYS A 102 1.57 8.99 -13.73
C LYS A 102 2.04 7.53 -13.63
N TRP A 103 3.18 7.30 -12.96
CA TRP A 103 3.72 5.96 -12.81
C TRP A 103 3.03 5.19 -11.67
N ASP A 104 2.12 5.86 -10.98
CA ASP A 104 1.38 5.25 -9.87
C ASP A 104 0.11 4.56 -10.36
N PHE A 105 -0.29 4.86 -11.60
CA PHE A 105 -1.49 4.27 -12.19
C PHE A 105 -1.15 3.39 -13.39
N TYR A 106 -0.13 3.80 -14.14
CA TYR A 106 0.29 3.08 -15.34
C TYR A 106 1.34 2.01 -15.01
N CYS A 107 0.99 0.76 -15.29
CA CYS A 107 1.87 -0.38 -15.05
C CYS A 107 1.95 -1.28 -16.28
N GLN A 108 3.11 -1.90 -16.46
CA GLN A 108 3.33 -2.81 -17.60
C GLN A 108 3.99 -4.10 -17.15
N MET A 1 -4.05 -4.68 -15.49
CA MET A 1 -3.12 -4.31 -16.60
C MET A 1 -3.87 -3.56 -17.71
N GLY A 2 -3.86 -2.23 -17.60
CA GLY A 2 -4.52 -1.38 -18.58
C GLY A 2 -5.09 -0.11 -17.95
N PRO A 3 -5.60 0.85 -18.77
CA PRO A 3 -6.17 2.10 -18.26
C PRO A 3 -7.55 1.90 -17.64
N MET A 4 -7.76 2.50 -16.47
CA MET A 4 -9.03 2.37 -15.75
C MET A 4 -9.32 3.64 -14.92
N PRO A 5 -10.61 3.87 -14.45
CA PRO A 5 -10.99 5.06 -13.67
C PRO A 5 -10.09 5.34 -12.46
N LYS A 6 -10.12 6.59 -11.97
CA LYS A 6 -9.31 7.03 -10.85
C LYS A 6 -9.87 6.52 -9.53
N LEU A 7 -8.99 6.38 -8.54
CA LEU A 7 -9.36 5.93 -7.20
C LEU A 7 -9.10 7.04 -6.20
N ALA A 8 -8.02 7.78 -6.44
CA ALA A 8 -7.60 8.89 -5.58
C ALA A 8 -6.67 9.85 -6.35
N ASP A 9 -6.11 10.83 -5.64
CA ASP A 9 -5.21 11.81 -6.24
C ASP A 9 -3.93 11.97 -5.42
N ARG A 10 -4.09 12.08 -4.10
CA ARG A 10 -2.94 12.24 -3.20
C ARG A 10 -2.99 11.23 -2.05
N LYS A 11 -1.80 10.99 -1.46
CA LYS A 11 -1.65 10.05 -0.35
C LYS A 11 -0.85 10.67 0.79
N LEU A 12 -0.74 9.93 1.89
CA LEU A 12 0.01 10.38 3.06
C LEU A 12 1.14 9.42 3.38
N CYS A 13 2.37 9.94 3.37
CA CYS A 13 3.57 9.14 3.65
C CYS A 13 4.35 9.72 4.82
N ALA A 14 5.47 9.09 5.17
CA ALA A 14 6.33 9.54 6.27
C ALA A 14 7.23 10.68 5.80
N ASP A 15 7.53 10.69 4.50
CA ASP A 15 8.36 11.72 3.89
C ASP A 15 7.95 11.96 2.43
N GLN A 16 8.56 12.97 1.80
CA GLN A 16 8.25 13.32 0.41
C GLN A 16 8.66 12.23 -0.58
N GLU A 17 9.47 11.26 -0.12
CA GLU A 17 9.93 10.17 -0.99
C GLU A 17 8.97 8.99 -0.97
N CYS A 18 8.16 8.89 0.11
CA CYS A 18 7.22 7.78 0.29
C CYS A 18 7.99 6.44 0.28
N SER A 19 9.23 6.51 0.76
CA SER A 19 10.13 5.37 0.81
C SER A 19 10.19 4.76 2.22
N HIS A 20 9.62 5.46 3.20
CA HIS A 20 9.61 4.99 4.58
C HIS A 20 8.27 4.32 4.94
N PRO A 21 8.28 3.33 5.88
CA PRO A 21 7.07 2.64 6.31
C PRO A 21 6.43 3.31 7.53
N ILE A 22 5.19 3.77 7.36
CA ILE A 22 4.47 4.45 8.45
C ILE A 22 4.22 3.52 9.63
N SER A 23 3.41 2.48 9.42
CA SER A 23 3.10 1.54 10.51
C SER A 23 3.11 0.10 10.04
N MET A 24 3.61 -0.77 10.91
CA MET A 24 3.67 -2.21 10.64
C MET A 24 2.39 -2.86 11.13
N ALA A 25 1.69 -3.52 10.23
CA ALA A 25 0.42 -4.16 10.57
C ALA A 25 0.39 -5.65 10.26
N VAL A 26 -0.46 -6.36 10.99
CA VAL A 26 -0.63 -7.81 10.82
C VAL A 26 -1.93 -8.12 10.05
N ALA A 27 -1.84 -9.02 9.05
CA ALA A 27 -3.01 -9.39 8.24
C ALA A 27 -3.90 -10.40 8.96
N LEU A 28 -5.22 -10.15 8.93
CA LEU A 28 -6.20 -11.01 9.60
C LEU A 28 -6.79 -12.06 8.66
N GLN A 29 -6.71 -11.84 7.34
CA GLN A 29 -7.26 -12.80 6.37
C GLN A 29 -6.54 -12.72 5.02
N ASP A 30 -7.01 -13.55 4.07
CA ASP A 30 -6.42 -13.60 2.73
C ASP A 30 -7.11 -12.62 1.79
N TYR A 31 -6.37 -12.22 0.74
CA TYR A 31 -6.86 -11.30 -0.27
C TYR A 31 -6.18 -11.57 -1.60
N MET A 32 -6.94 -11.49 -2.69
CA MET A 32 -6.40 -11.71 -4.03
C MET A 32 -6.36 -10.41 -4.82
N ALA A 33 -5.27 -10.18 -5.54
CA ALA A 33 -5.09 -8.96 -6.34
C ALA A 33 -5.73 -9.07 -7.72
N PRO A 34 -6.83 -8.30 -8.01
CA PRO A 34 -7.50 -8.33 -9.31
C PRO A 34 -6.75 -7.49 -10.35
N ASP A 35 -6.58 -6.20 -10.08
CA ASP A 35 -5.89 -5.28 -10.99
C ASP A 35 -4.39 -5.19 -10.69
N CYS A 36 -3.67 -4.53 -11.61
CA CYS A 36 -2.21 -4.36 -11.51
C CYS A 36 -1.76 -3.58 -10.26
N ARG A 37 -2.62 -2.71 -9.72
CA ARG A 37 -2.23 -1.89 -8.57
C ARG A 37 -2.54 -2.54 -7.22
N PHE A 38 -3.06 -3.77 -7.21
CA PHE A 38 -3.41 -4.42 -5.94
C PHE A 38 -2.42 -5.52 -5.55
N LEU A 39 -2.47 -5.91 -4.26
CA LEU A 39 -1.57 -6.94 -3.72
C LEU A 39 -2.32 -8.20 -3.28
N THR A 40 -1.62 -9.34 -3.35
CA THR A 40 -2.17 -10.62 -2.90
C THR A 40 -1.56 -10.97 -1.55
N ILE A 41 -2.40 -10.90 -0.51
CA ILE A 41 -1.94 -11.14 0.87
C ILE A 41 -2.51 -12.44 1.45
N HIS A 42 -1.77 -13.05 2.38
CA HIS A 42 -2.20 -14.28 3.05
C HIS A 42 -2.39 -14.02 4.54
N ARG A 43 -3.28 -14.81 5.16
CA ARG A 43 -3.58 -14.67 6.60
C ARG A 43 -2.35 -14.94 7.46
N GLY A 44 -2.00 -13.98 8.31
CA GLY A 44 -0.86 -14.14 9.20
C GLY A 44 0.41 -13.47 8.71
N GLN A 45 0.42 -13.02 7.44
CA GLN A 45 1.61 -12.37 6.87
C GLN A 45 1.78 -10.95 7.40
N VAL A 46 3.03 -10.49 7.40
CA VAL A 46 3.37 -9.16 7.88
C VAL A 46 3.35 -8.16 6.72
N VAL A 47 2.43 -7.19 6.79
CA VAL A 47 2.30 -6.18 5.72
C VAL A 47 2.68 -4.80 6.24
N TYR A 48 3.64 -4.17 5.57
CA TYR A 48 4.11 -2.84 5.95
C TYR A 48 3.39 -1.76 5.14
N VAL A 49 2.80 -0.79 5.85
CA VAL A 49 2.08 0.31 5.21
C VAL A 49 3.06 1.45 4.89
N PHE A 50 3.03 1.93 3.65
CA PHE A 50 3.91 3.01 3.23
C PHE A 50 3.14 4.30 2.96
N SER A 51 1.86 4.18 2.57
CA SER A 51 1.04 5.36 2.28
C SER A 51 -0.44 5.12 2.59
N LYS A 52 -1.19 6.22 2.68
CA LYS A 52 -2.63 6.17 2.94
C LYS A 52 -3.34 7.10 1.96
N LEU A 53 -4.08 6.52 1.01
CA LEU A 53 -4.79 7.30 -0.01
C LEU A 53 -5.92 8.12 0.62
N LYS A 54 -6.25 9.25 -0.02
CA LYS A 54 -7.33 10.13 0.46
C LYS A 54 -8.40 10.33 -0.62
N GLY A 55 -9.44 11.08 -0.29
CA GLY A 55 -10.51 11.35 -1.24
C GLY A 55 -11.69 10.40 -1.08
N ARG A 56 -12.16 9.86 -2.21
CA ARG A 56 -13.29 8.93 -2.20
C ARG A 56 -12.86 7.55 -1.70
N GLY A 57 -11.63 7.17 -2.03
CA GLY A 57 -11.09 5.88 -1.59
C GLY A 57 -10.08 6.03 -0.48
N ARG A 58 -10.45 6.82 0.53
CA ARG A 58 -9.58 7.07 1.68
C ARG A 58 -9.43 5.84 2.58
N LEU A 59 -10.23 4.80 2.32
CA LEU A 59 -10.18 3.58 3.11
C LEU A 59 -9.14 2.60 2.53
N PHE A 60 -8.48 3.03 1.45
CA PHE A 60 -7.44 2.20 0.80
C PHE A 60 -6.05 2.69 1.17
N TRP A 61 -5.26 1.79 1.76
CA TRP A 61 -3.89 2.12 2.17
C TRP A 61 -2.87 1.39 1.30
N GLY A 62 -1.85 2.13 0.87
CA GLY A 62 -0.81 1.56 0.04
C GLY A 62 0.36 1.05 0.85
N GLY A 63 1.23 0.27 0.20
CA GLY A 63 2.39 -0.29 0.87
C GLY A 63 2.83 -1.59 0.22
N SER A 64 3.73 -2.32 0.90
CA SER A 64 4.23 -3.60 0.38
C SER A 64 4.04 -4.71 1.41
N VAL A 65 4.00 -5.95 0.92
CA VAL A 65 3.83 -7.12 1.80
C VAL A 65 5.16 -7.87 1.96
N GLN A 66 5.52 -8.13 3.23
CA GLN A 66 6.75 -8.84 3.54
C GLN A 66 6.47 -10.31 3.85
N GLY A 67 7.38 -11.17 3.42
CA GLY A 67 7.26 -12.61 3.65
C GLY A 67 8.33 -13.37 2.89
N ASP A 68 8.57 -12.94 1.66
CA ASP A 68 9.58 -13.53 0.80
C ASP A 68 10.45 -12.42 0.19
N TYR A 69 11.28 -11.81 1.04
CA TYR A 69 12.15 -10.71 0.64
C TYR A 69 13.30 -11.20 -0.24
N TYR A 70 13.05 -11.22 -1.54
CA TYR A 70 14.05 -11.64 -2.54
C TYR A 70 14.29 -10.52 -3.54
N GLY A 71 13.45 -9.48 -3.48
CA GLY A 71 13.57 -8.35 -4.38
C GLY A 71 12.81 -8.54 -5.67
N ASP A 72 11.49 -8.68 -5.56
CA ASP A 72 10.62 -8.88 -6.72
C ASP A 72 9.20 -8.37 -6.47
N LEU A 73 8.67 -8.67 -5.28
CA LEU A 73 7.31 -8.26 -4.92
C LEU A 73 7.30 -6.88 -4.26
N ALA A 74 8.41 -6.51 -3.62
CA ALA A 74 8.51 -5.23 -2.94
C ALA A 74 9.30 -4.22 -3.79
N ALA A 75 9.20 -4.37 -5.11
CA ALA A 75 9.89 -3.49 -6.05
C ALA A 75 8.97 -2.37 -6.53
N ARG A 76 7.71 -2.72 -6.82
CA ARG A 76 6.73 -1.75 -7.30
C ARG A 76 5.50 -1.68 -6.38
N LEU A 77 5.55 -2.47 -5.29
CA LEU A 77 4.49 -2.57 -4.26
C LEU A 77 3.05 -2.56 -4.84
N GLY A 78 2.06 -2.18 -4.01
CA GLY A 78 0.68 -2.15 -4.46
C GLY A 78 -0.25 -1.52 -3.44
N TYR A 79 -1.55 -1.82 -3.56
CA TYR A 79 -2.57 -1.28 -2.65
C TYR A 79 -3.33 -2.42 -1.97
N PHE A 80 -3.93 -2.11 -0.81
CA PHE A 80 -4.69 -3.08 -0.03
C PHE A 80 -5.73 -2.38 0.87
N PRO A 81 -6.87 -3.04 1.21
CA PRO A 81 -7.90 -2.43 2.07
C PRO A 81 -7.44 -2.36 3.52
N SER A 82 -7.61 -1.20 4.14
CA SER A 82 -7.21 -0.99 5.54
C SER A 82 -8.01 -1.89 6.49
N SER A 83 -9.19 -2.31 6.04
CA SER A 83 -10.08 -3.16 6.84
C SER A 83 -9.51 -4.56 7.11
N ILE A 84 -8.58 -5.03 6.27
CA ILE A 84 -8.01 -6.37 6.47
C ILE A 84 -6.70 -6.34 7.26
N VAL A 85 -6.23 -5.13 7.63
CA VAL A 85 -4.99 -5.01 8.38
C VAL A 85 -5.21 -4.32 9.73
N ARG A 86 -4.50 -4.81 10.75
CA ARG A 86 -4.59 -4.27 12.09
C ARG A 86 -3.27 -3.60 12.48
N GLU A 87 -3.32 -2.28 12.61
CA GLU A 87 -2.15 -1.48 12.96
C GLU A 87 -2.00 -1.38 14.48
N ASP A 88 -0.91 -1.92 14.99
CA ASP A 88 -0.64 -1.91 16.42
C ASP A 88 0.61 -1.08 16.75
N GLN A 89 1.55 -1.00 15.80
CA GLN A 89 2.78 -0.25 16.02
C GLN A 89 3.16 0.63 14.83
N THR A 90 3.65 1.85 15.13
CA THR A 90 4.08 2.81 14.11
C THR A 90 5.61 2.89 14.10
N LEU A 91 6.21 2.65 12.94
CA LEU A 91 7.67 2.67 12.78
C LEU A 91 8.17 4.09 12.51
N LYS A 92 7.36 4.86 11.81
CA LYS A 92 7.70 6.25 11.46
C LYS A 92 6.41 7.07 11.25
N PRO A 93 6.31 8.29 11.84
CA PRO A 93 5.11 9.15 11.70
C PRO A 93 4.80 9.56 10.27
N GLY A 94 3.55 9.33 9.86
CA GLY A 94 3.10 9.70 8.52
C GLY A 94 2.31 10.99 8.54
N LYS A 95 3.02 12.11 8.39
CA LYS A 95 2.40 13.43 8.43
C LYS A 95 2.81 14.30 7.22
N VAL A 96 3.11 13.65 6.10
CA VAL A 96 3.50 14.35 4.87
C VAL A 96 2.54 13.99 3.73
N ASP A 97 2.24 14.96 2.87
CA ASP A 97 1.31 14.76 1.75
C ASP A 97 2.05 14.79 0.41
N VAL A 98 1.98 13.67 -0.32
CA VAL A 98 2.63 13.55 -1.64
C VAL A 98 1.62 13.07 -2.68
N LYS A 99 1.63 13.70 -3.85
CA LYS A 99 0.70 13.33 -4.93
C LYS A 99 1.20 12.10 -5.71
N THR A 100 0.29 11.45 -6.43
CA THR A 100 0.63 10.26 -7.22
C THR A 100 0.95 10.64 -8.67
N ASP A 101 1.63 9.74 -9.38
CA ASP A 101 2.00 9.95 -10.77
C ASP A 101 1.01 9.25 -11.72
N LYS A 102 1.25 9.37 -13.03
CA LYS A 102 0.38 8.75 -14.02
C LYS A 102 0.73 7.27 -14.23
N TRP A 103 1.96 6.90 -13.86
CA TRP A 103 2.43 5.52 -14.01
C TRP A 103 1.92 4.64 -12.87
N ASP A 104 1.34 5.28 -11.85
CA ASP A 104 0.79 4.58 -10.69
C ASP A 104 -0.59 4.00 -11.00
N PHE A 105 -1.19 4.48 -12.09
CA PHE A 105 -2.52 4.04 -12.52
C PHE A 105 -2.49 3.32 -13.87
N TYR A 106 -1.61 3.79 -14.76
CA TYR A 106 -1.48 3.23 -16.11
C TYR A 106 -0.45 2.09 -16.13
N CYS A 107 -0.95 0.87 -16.36
CA CYS A 107 -0.09 -0.33 -16.43
C CYS A 107 -0.29 -1.07 -17.74
N GLN A 108 0.27 -0.48 -18.78
CA GLN A 108 0.20 -1.04 -20.12
C GLN A 108 1.43 -0.63 -20.94
N MET A 1 -3.07 -6.10 -16.07
CA MET A 1 -2.20 -5.02 -16.59
C MET A 1 -2.97 -4.07 -17.51
N GLY A 2 -2.78 -2.77 -17.29
CA GLY A 2 -3.45 -1.77 -18.11
C GLY A 2 -3.94 -0.57 -17.32
N PRO A 3 -4.41 0.51 -18.00
CA PRO A 3 -4.91 1.71 -17.34
C PRO A 3 -6.38 1.59 -16.92
N MET A 4 -6.68 2.05 -15.71
CA MET A 4 -8.03 2.00 -15.15
C MET A 4 -8.24 3.14 -14.14
N PRO A 5 -9.52 3.52 -13.82
CA PRO A 5 -9.82 4.62 -12.88
C PRO A 5 -9.04 4.54 -11.56
N LYS A 6 -8.64 5.71 -11.06
CA LYS A 6 -7.88 5.81 -9.82
C LYS A 6 -8.79 5.78 -8.59
N LEU A 7 -8.18 5.58 -7.41
CA LEU A 7 -8.91 5.54 -6.15
C LEU A 7 -8.93 6.93 -5.50
N ALA A 8 -7.77 7.60 -5.57
CA ALA A 8 -7.61 8.94 -4.99
C ALA A 8 -6.62 9.77 -5.80
N ASP A 9 -6.26 10.94 -5.27
CA ASP A 9 -5.32 11.84 -5.93
C ASP A 9 -4.08 12.08 -5.08
N ARG A 10 -4.24 12.09 -3.75
CA ARG A 10 -3.11 12.31 -2.84
C ARG A 10 -3.05 11.22 -1.76
N LYS A 11 -1.86 11.05 -1.18
CA LYS A 11 -1.61 10.05 -0.14
C LYS A 11 -0.58 10.55 0.87
N LEU A 12 -0.69 10.04 2.11
CA LEU A 12 0.23 10.42 3.20
C LEU A 12 1.41 9.46 3.26
N CYS A 13 2.58 10.01 3.61
CA CYS A 13 3.82 9.24 3.72
C CYS A 13 4.64 9.73 4.92
N ALA A 14 5.65 8.95 5.32
CA ALA A 14 6.51 9.33 6.45
C ALA A 14 7.50 10.40 6.02
N ASP A 15 7.94 10.31 4.76
CA ASP A 15 8.87 11.27 4.18
C ASP A 15 8.37 11.74 2.82
N GLN A 16 9.02 12.79 2.28
CA GLN A 16 8.63 13.36 0.99
C GLN A 16 8.94 12.41 -0.17
N GLU A 17 9.74 11.38 0.10
CA GLU A 17 10.11 10.40 -0.93
C GLU A 17 9.14 9.23 -0.96
N CYS A 18 8.33 9.08 0.11
CA CYS A 18 7.36 7.98 0.23
C CYS A 18 8.08 6.64 0.15
N SER A 19 9.34 6.65 0.57
CA SER A 19 10.19 5.47 0.56
C SER A 19 10.32 4.88 1.97
N HIS A 20 9.56 5.44 2.91
CA HIS A 20 9.56 5.01 4.30
C HIS A 20 8.23 4.35 4.71
N PRO A 21 8.26 3.38 5.67
CA PRO A 21 7.06 2.71 6.15
C PRO A 21 6.43 3.44 7.34
N ILE A 22 5.20 3.92 7.15
CA ILE A 22 4.49 4.65 8.21
C ILE A 22 4.20 3.74 9.39
N SER A 23 3.31 2.76 9.18
CA SER A 23 2.93 1.83 10.24
C SER A 23 2.98 0.39 9.74
N MET A 24 3.21 -0.54 10.68
CA MET A 24 3.29 -1.96 10.36
C MET A 24 2.06 -2.68 10.88
N ALA A 25 1.34 -3.36 9.98
CA ALA A 25 0.11 -4.06 10.36
C ALA A 25 0.16 -5.54 10.01
N VAL A 26 -0.53 -6.33 10.83
CA VAL A 26 -0.63 -7.78 10.63
C VAL A 26 -1.97 -8.12 9.95
N ALA A 27 -1.91 -8.97 8.91
CA ALA A 27 -3.12 -9.38 8.17
C ALA A 27 -3.99 -10.33 8.99
N LEU A 28 -5.30 -10.08 8.97
CA LEU A 28 -6.26 -10.89 9.72
C LEU A 28 -6.93 -11.96 8.84
N GLN A 29 -6.88 -11.78 7.51
CA GLN A 29 -7.50 -12.75 6.60
C GLN A 29 -6.76 -12.83 5.25
N ASP A 30 -7.31 -13.63 4.33
CA ASP A 30 -6.73 -13.81 2.99
C ASP A 30 -7.27 -12.79 2.00
N TYR A 31 -6.45 -12.45 1.00
CA TYR A 31 -6.83 -11.50 -0.04
C TYR A 31 -6.09 -11.81 -1.34
N MET A 32 -6.82 -11.75 -2.46
CA MET A 32 -6.24 -11.99 -3.78
C MET A 32 -6.21 -10.70 -4.60
N ALA A 33 -5.14 -10.51 -5.38
CA ALA A 33 -4.98 -9.31 -6.19
C ALA A 33 -5.57 -9.48 -7.60
N PRO A 34 -6.72 -8.79 -7.92
CA PRO A 34 -7.34 -8.88 -9.25
C PRO A 34 -6.62 -8.03 -10.29
N ASP A 35 -6.40 -6.74 -9.96
CA ASP A 35 -5.73 -5.80 -10.86
C ASP A 35 -4.22 -5.81 -10.61
N CYS A 36 -3.46 -5.24 -11.55
CA CYS A 36 -2.00 -5.19 -11.47
C CYS A 36 -1.50 -4.35 -10.29
N ARG A 37 -2.32 -3.38 -9.85
CA ARG A 37 -1.91 -2.50 -8.75
C ARG A 37 -2.35 -3.01 -7.37
N PHE A 38 -2.93 -4.22 -7.31
CA PHE A 38 -3.37 -4.78 -6.03
C PHE A 38 -2.32 -5.76 -5.49
N LEU A 39 -2.41 -6.07 -4.19
CA LEU A 39 -1.48 -7.00 -3.54
C LEU A 39 -2.18 -8.25 -3.01
N THR A 40 -1.55 -9.41 -3.24
CA THR A 40 -2.09 -10.68 -2.76
C THR A 40 -1.51 -10.96 -1.37
N ILE A 41 -2.35 -10.90 -0.36
CA ILE A 41 -1.92 -11.09 1.03
C ILE A 41 -2.53 -12.36 1.63
N HIS A 42 -1.81 -12.97 2.59
CA HIS A 42 -2.28 -14.17 3.27
C HIS A 42 -2.49 -13.88 4.76
N ARG A 43 -3.36 -14.67 5.38
CA ARG A 43 -3.70 -14.51 6.79
C ARG A 43 -2.48 -14.79 7.69
N GLY A 44 -2.05 -13.76 8.42
CA GLY A 44 -0.92 -13.90 9.32
C GLY A 44 0.39 -13.33 8.78
N GLN A 45 0.36 -12.77 7.56
CA GLN A 45 1.57 -12.20 6.97
C GLN A 45 1.82 -10.77 7.45
N VAL A 46 3.11 -10.39 7.45
CA VAL A 46 3.53 -9.06 7.88
C VAL A 46 3.51 -8.10 6.69
N VAL A 47 2.64 -7.09 6.75
CA VAL A 47 2.51 -6.12 5.66
C VAL A 47 2.90 -4.71 6.13
N TYR A 48 3.73 -4.04 5.34
CA TYR A 48 4.17 -2.68 5.66
C TYR A 48 3.41 -1.65 4.83
N VAL A 49 2.88 -0.62 5.51
CA VAL A 49 2.13 0.44 4.85
C VAL A 49 3.06 1.62 4.54
N PHE A 50 3.09 2.04 3.27
CA PHE A 50 3.93 3.14 2.84
C PHE A 50 3.12 4.39 2.51
N SER A 51 1.86 4.22 2.07
CA SER A 51 1.01 5.36 1.73
C SER A 51 -0.46 5.11 2.06
N LYS A 52 -1.13 6.18 2.51
CA LYS A 52 -2.57 6.11 2.84
C LYS A 52 -3.34 7.09 1.95
N LEU A 53 -4.13 6.55 1.02
CA LEU A 53 -4.89 7.37 0.07
C LEU A 53 -6.06 8.10 0.73
N LYS A 54 -6.42 9.26 0.16
CA LYS A 54 -7.55 10.07 0.66
C LYS A 54 -8.67 10.13 -0.39
N GLY A 55 -9.22 11.32 -0.68
CA GLY A 55 -10.28 11.47 -1.66
C GLY A 55 -11.57 10.76 -1.27
N ARG A 56 -12.17 10.07 -2.24
CA ARG A 56 -13.41 9.33 -2.02
C ARG A 56 -13.11 7.92 -1.50
N GLY A 57 -11.82 7.61 -1.36
CA GLY A 57 -11.41 6.30 -0.87
C GLY A 57 -10.34 6.41 0.21
N ARG A 58 -10.70 7.06 1.31
CA ARG A 58 -9.77 7.26 2.43
C ARG A 58 -9.51 5.97 3.21
N LEU A 59 -10.24 4.90 2.86
CA LEU A 59 -10.07 3.61 3.53
C LEU A 59 -9.12 2.71 2.73
N PHE A 60 -8.61 3.22 1.61
CA PHE A 60 -7.70 2.46 0.75
C PHE A 60 -6.25 2.81 1.08
N TRP A 61 -5.48 1.80 1.44
CA TRP A 61 -4.06 1.98 1.78
C TRP A 61 -3.17 1.33 0.72
N GLY A 62 -1.86 1.39 0.93
CA GLY A 62 -0.92 0.82 -0.01
C GLY A 62 0.46 0.65 0.58
N GLY A 63 1.29 -0.16 -0.06
CA GLY A 63 2.65 -0.40 0.42
C GLY A 63 3.25 -1.65 -0.17
N SER A 64 4.02 -2.37 0.65
CA SER A 64 4.66 -3.61 0.21
C SER A 64 4.46 -4.71 1.24
N VAL A 65 4.08 -5.90 0.75
CA VAL A 65 3.83 -7.05 1.62
C VAL A 65 5.09 -7.92 1.78
N GLN A 66 5.46 -8.17 3.04
CA GLN A 66 6.63 -8.99 3.35
C GLN A 66 6.20 -10.41 3.73
N GLY A 67 7.07 -11.37 3.42
CA GLY A 67 6.79 -12.77 3.73
C GLY A 67 7.64 -13.72 2.90
N ASP A 68 8.26 -13.19 1.84
CA ASP A 68 9.11 -13.98 0.96
C ASP A 68 10.40 -13.23 0.66
N TYR A 69 10.24 -11.94 0.34
CA TYR A 69 11.35 -11.03 0.02
C TYR A 69 12.22 -11.55 -1.14
N TYR A 70 11.78 -11.27 -2.36
CA TYR A 70 12.49 -11.69 -3.57
C TYR A 70 12.79 -10.48 -4.46
N GLY A 71 12.16 -9.35 -4.15
CA GLY A 71 12.36 -8.14 -4.93
C GLY A 71 11.35 -8.00 -6.05
N ASP A 72 10.29 -8.80 -6.00
CA ASP A 72 9.25 -8.78 -7.02
C ASP A 72 7.87 -8.51 -6.40
N LEU A 73 7.78 -8.68 -5.08
CA LEU A 73 6.52 -8.45 -4.36
C LEU A 73 6.63 -7.27 -3.40
N ALA A 74 7.83 -6.71 -3.26
CA ALA A 74 8.06 -5.59 -2.36
C ALA A 74 8.92 -4.51 -3.02
N ALA A 75 8.76 -4.37 -4.34
CA ALA A 75 9.51 -3.37 -5.11
C ALA A 75 8.64 -2.71 -6.17
N ARG A 76 7.37 -3.11 -6.24
CA ARG A 76 6.44 -2.54 -7.22
C ARG A 76 5.41 -1.64 -6.56
N LEU A 77 5.25 -1.82 -5.25
CA LEU A 77 4.29 -1.05 -4.42
C LEU A 77 2.85 -1.17 -4.93
N GLY A 78 2.05 -1.97 -4.23
CA GLY A 78 0.66 -2.15 -4.60
C GLY A 78 -0.29 -1.51 -3.61
N TYR A 79 -1.55 -1.93 -3.63
CA TYR A 79 -2.57 -1.40 -2.72
C TYR A 79 -3.38 -2.52 -2.07
N PHE A 80 -3.96 -2.19 -0.91
CA PHE A 80 -4.78 -3.14 -0.14
C PHE A 80 -5.77 -2.40 0.77
N PRO A 81 -6.96 -2.99 1.09
CA PRO A 81 -7.96 -2.34 1.95
C PRO A 81 -7.54 -2.36 3.42
N SER A 82 -7.74 -1.23 4.11
CA SER A 82 -7.38 -1.12 5.53
C SER A 82 -8.23 -2.05 6.40
N SER A 83 -9.39 -2.45 5.86
CA SER A 83 -10.33 -3.34 6.56
C SER A 83 -9.75 -4.73 6.81
N ILE A 84 -8.76 -5.16 6.02
CA ILE A 84 -8.18 -6.50 6.20
C ILE A 84 -6.90 -6.47 7.03
N VAL A 85 -6.46 -5.28 7.44
CA VAL A 85 -5.24 -5.17 8.25
C VAL A 85 -5.53 -4.62 9.64
N ARG A 86 -4.68 -5.01 10.59
CA ARG A 86 -4.81 -4.56 11.98
C ARG A 86 -3.50 -3.90 12.42
N GLU A 87 -3.54 -2.59 12.62
CA GLU A 87 -2.36 -1.84 13.02
C GLU A 87 -2.02 -2.05 14.50
N ASP A 88 -0.77 -2.41 14.75
CA ASP A 88 -0.29 -2.64 16.11
C ASP A 88 0.68 -1.55 16.53
N GLN A 89 1.53 -1.09 15.60
CA GLN A 89 2.51 -0.05 15.91
C GLN A 89 2.84 0.84 14.71
N THR A 90 3.57 1.94 14.98
CA THR A 90 4.00 2.88 13.97
C THR A 90 5.52 3.02 14.01
N LEU A 91 6.16 2.92 12.85
CA LEU A 91 7.61 3.03 12.76
C LEU A 91 8.03 4.50 12.58
N LYS A 92 7.29 5.19 11.71
CA LYS A 92 7.53 6.61 11.45
C LYS A 92 6.20 7.34 11.19
N PRO A 93 5.99 8.56 11.78
CA PRO A 93 4.76 9.34 11.61
C PRO A 93 4.50 9.75 10.15
N GLY A 94 3.29 9.45 9.67
CA GLY A 94 2.91 9.80 8.32
C GLY A 94 2.15 11.11 8.28
N LYS A 95 2.87 12.21 8.17
CA LYS A 95 2.28 13.54 8.14
C LYS A 95 2.76 14.38 6.96
N VAL A 96 3.30 13.70 5.93
CA VAL A 96 3.79 14.39 4.73
C VAL A 96 2.85 14.11 3.56
N ASP A 97 2.11 15.15 3.16
CA ASP A 97 1.15 15.04 2.05
C ASP A 97 1.86 15.14 0.70
N VAL A 98 1.87 14.01 -0.02
CA VAL A 98 2.50 13.92 -1.34
C VAL A 98 1.47 13.46 -2.38
N LYS A 99 1.43 14.17 -3.52
CA LYS A 99 0.50 13.82 -4.60
C LYS A 99 1.04 12.63 -5.41
N THR A 100 0.14 11.93 -6.11
CA THR A 100 0.54 10.78 -6.93
C THR A 100 0.83 11.23 -8.36
N ASP A 101 1.66 10.47 -9.07
CA ASP A 101 2.01 10.79 -10.46
C ASP A 101 1.32 9.86 -11.45
N LYS A 102 1.66 10.02 -12.74
CA LYS A 102 1.09 9.22 -13.83
C LYS A 102 1.54 7.77 -13.78
N TRP A 103 2.79 7.55 -13.36
CA TRP A 103 3.36 6.20 -13.29
C TRP A 103 3.07 5.51 -11.95
N ASP A 104 1.81 5.60 -11.52
CA ASP A 104 1.36 4.98 -10.27
C ASP A 104 0.16 4.07 -10.53
N PHE A 105 -0.63 4.41 -11.55
CA PHE A 105 -1.81 3.62 -11.92
C PHE A 105 -1.71 3.17 -13.37
N TYR A 106 -0.49 2.79 -13.78
CA TYR A 106 -0.22 2.34 -15.15
C TYR A 106 0.72 1.13 -15.13
N CYS A 107 0.28 0.01 -15.72
CA CYS A 107 1.08 -1.23 -15.73
C CYS A 107 1.40 -1.73 -17.13
N GLN A 108 1.51 -0.81 -18.08
CA GLN A 108 1.82 -1.18 -19.45
C GLN A 108 3.24 -0.77 -19.82
N MET A 1 -2.02 -5.48 -14.60
CA MET A 1 -0.78 -5.15 -15.34
C MET A 1 -1.08 -4.29 -16.56
N GLY A 2 -0.66 -3.01 -16.50
CA GLY A 2 -0.90 -2.10 -17.60
C GLY A 2 -1.25 -0.69 -17.12
N PRO A 3 -1.42 0.29 -18.05
CA PRO A 3 -1.76 1.66 -17.69
C PRO A 3 -3.26 1.83 -17.44
N MET A 4 -3.59 2.45 -16.30
CA MET A 4 -4.98 2.67 -15.92
C MET A 4 -5.13 4.01 -15.15
N PRO A 5 -6.36 4.63 -15.12
CA PRO A 5 -6.59 5.91 -14.42
C PRO A 5 -6.25 5.87 -12.93
N LYS A 6 -6.21 7.05 -12.31
CA LYS A 6 -5.90 7.20 -10.89
C LYS A 6 -7.03 6.71 -10.00
N LEU A 7 -6.66 6.33 -8.79
CA LEU A 7 -7.61 5.84 -7.78
C LEU A 7 -7.74 6.90 -6.68
N ALA A 8 -6.74 7.77 -6.59
CA ALA A 8 -6.72 8.84 -5.60
C ALA A 8 -5.86 10.01 -6.09
N ASP A 9 -5.92 11.13 -5.35
CA ASP A 9 -5.15 12.32 -5.72
C ASP A 9 -3.88 12.40 -4.88
N ARG A 10 -4.05 12.50 -3.56
CA ARG A 10 -2.91 12.58 -2.63
C ARG A 10 -2.99 11.50 -1.56
N LYS A 11 -1.87 11.28 -0.87
CA LYS A 11 -1.76 10.26 0.17
C LYS A 11 -0.87 10.72 1.32
N LEU A 12 -0.92 10.00 2.44
CA LEU A 12 -0.10 10.29 3.61
C LEU A 12 1.12 9.39 3.62
N CYS A 13 2.31 10.00 3.78
CA CYS A 13 3.57 9.27 3.81
C CYS A 13 4.43 9.74 4.97
N ALA A 14 5.55 9.04 5.21
CA ALA A 14 6.47 9.39 6.27
C ALA A 14 7.40 10.51 5.83
N ASP A 15 7.74 10.51 4.53
CA ASP A 15 8.60 11.52 3.94
C ASP A 15 8.11 11.93 2.55
N GLN A 16 8.76 12.94 1.97
CA GLN A 16 8.39 13.45 0.65
C GLN A 16 8.65 12.41 -0.46
N GLU A 17 9.45 11.40 -0.14
CA GLU A 17 9.78 10.34 -1.11
C GLU A 17 8.79 9.19 -1.05
N CYS A 18 8.04 9.08 0.06
CA CYS A 18 7.07 7.99 0.27
C CYS A 18 7.79 6.64 0.19
N SER A 19 9.09 6.66 0.51
CA SER A 19 9.95 5.48 0.48
C SER A 19 10.06 4.83 1.86
N HIS A 20 9.61 5.54 2.89
CA HIS A 20 9.66 5.05 4.26
C HIS A 20 8.32 4.41 4.68
N PRO A 21 8.35 3.40 5.60
CA PRO A 21 7.14 2.73 6.08
C PRO A 21 6.57 3.42 7.32
N ILE A 22 5.29 3.81 7.24
CA ILE A 22 4.64 4.49 8.36
C ILE A 22 4.47 3.53 9.55
N SER A 23 3.70 2.46 9.35
CA SER A 23 3.48 1.50 10.43
C SER A 23 3.44 0.07 9.90
N MET A 24 3.97 -0.85 10.72
CA MET A 24 3.99 -2.27 10.39
C MET A 24 2.70 -2.91 10.89
N ALA A 25 1.87 -3.39 9.96
CA ALA A 25 0.59 -3.99 10.31
C ALA A 25 0.54 -5.48 10.00
N VAL A 26 -0.21 -6.21 10.82
CA VAL A 26 -0.36 -7.66 10.64
C VAL A 26 -1.68 -7.96 9.90
N ALA A 27 -1.63 -8.92 8.97
CA ALA A 27 -2.81 -9.31 8.18
C ALA A 27 -3.70 -10.28 8.95
N LEU A 28 -5.01 -10.07 8.87
CA LEU A 28 -5.99 -10.92 9.57
C LEU A 28 -6.61 -11.98 8.67
N GLN A 29 -6.91 -11.60 7.41
CA GLN A 29 -7.53 -12.54 6.48
C GLN A 29 -6.94 -12.44 5.07
N ASP A 30 -7.29 -13.44 4.25
CA ASP A 30 -6.82 -13.55 2.87
C ASP A 30 -7.45 -12.50 1.95
N TYR A 31 -6.73 -12.15 0.89
CA TYR A 31 -7.18 -11.18 -0.11
C TYR A 31 -6.55 -11.49 -1.47
N MET A 32 -7.40 -11.63 -2.49
CA MET A 32 -6.93 -11.93 -3.85
C MET A 32 -6.95 -10.65 -4.69
N ALA A 33 -5.84 -10.38 -5.39
CA ALA A 33 -5.72 -9.18 -6.22
C ALA A 33 -5.81 -9.49 -7.71
N PRO A 34 -6.77 -8.85 -8.46
CA PRO A 34 -6.92 -9.08 -9.89
C PRO A 34 -5.87 -8.33 -10.72
N ASP A 35 -5.88 -7.00 -10.60
CA ASP A 35 -4.94 -6.14 -11.34
C ASP A 35 -3.69 -5.88 -10.48
N CYS A 36 -2.64 -5.37 -11.12
CA CYS A 36 -1.37 -5.05 -10.46
C CYS A 36 -1.55 -3.94 -9.42
N ARG A 37 -2.60 -3.13 -9.59
CA ARG A 37 -2.91 -2.03 -8.68
C ARG A 37 -3.18 -2.51 -7.26
N PHE A 38 -3.60 -3.77 -7.11
CA PHE A 38 -3.88 -4.34 -5.78
C PHE A 38 -2.83 -5.38 -5.40
N LEU A 39 -2.83 -5.77 -4.11
CA LEU A 39 -1.88 -6.76 -3.59
C LEU A 39 -2.58 -8.02 -3.08
N THR A 40 -2.03 -9.19 -3.42
CA THR A 40 -2.57 -10.46 -2.96
C THR A 40 -1.92 -10.79 -1.62
N ILE A 41 -2.72 -10.69 -0.55
CA ILE A 41 -2.21 -10.91 0.81
C ILE A 41 -2.76 -12.19 1.44
N HIS A 42 -1.88 -12.91 2.15
CA HIS A 42 -2.25 -14.13 2.85
C HIS A 42 -2.35 -13.81 4.34
N ARG A 43 -3.39 -14.33 5.00
CA ARG A 43 -3.63 -14.07 6.41
C ARG A 43 -2.47 -14.57 7.28
N GLY A 44 -2.02 -13.71 8.20
CA GLY A 44 -0.93 -14.05 9.08
C GLY A 44 0.41 -13.46 8.64
N GLN A 45 0.47 -12.97 7.40
CA GLN A 45 1.71 -12.38 6.87
C GLN A 45 1.92 -10.96 7.38
N VAL A 46 3.14 -10.45 7.18
CA VAL A 46 3.50 -9.11 7.60
C VAL A 46 3.38 -8.14 6.43
N VAL A 47 2.54 -7.11 6.57
CA VAL A 47 2.35 -6.12 5.51
C VAL A 47 2.74 -4.73 6.01
N TYR A 48 3.69 -4.11 5.32
CA TYR A 48 4.15 -2.78 5.69
C TYR A 48 3.37 -1.70 4.95
N VAL A 49 2.79 -0.76 5.71
CA VAL A 49 2.01 0.33 5.13
C VAL A 49 2.93 1.51 4.80
N PHE A 50 2.82 2.00 3.56
CA PHE A 50 3.64 3.11 3.10
C PHE A 50 2.83 4.39 2.85
N SER A 51 1.58 4.23 2.40
CA SER A 51 0.72 5.39 2.11
C SER A 51 -0.75 5.15 2.39
N LYS A 52 -1.46 6.23 2.76
CA LYS A 52 -2.91 6.18 3.01
C LYS A 52 -3.62 7.12 2.03
N LEU A 53 -4.45 6.56 1.15
CA LEU A 53 -5.16 7.36 0.13
C LEU A 53 -6.18 8.33 0.73
N LYS A 54 -6.37 9.48 0.06
CA LYS A 54 -7.30 10.52 0.50
C LYS A 54 -8.44 10.75 -0.49
N GLY A 55 -8.20 10.47 -1.77
CA GLY A 55 -9.20 10.68 -2.81
C GLY A 55 -10.39 9.74 -2.72
N ARG A 56 -10.50 8.83 -3.69
CA ARG A 56 -11.60 7.87 -3.73
C ARG A 56 -11.26 6.62 -2.91
N GLY A 57 -10.18 6.71 -2.12
CA GLY A 57 -9.76 5.62 -1.29
C GLY A 57 -9.67 6.01 0.17
N ARG A 58 -10.79 6.46 0.73
CA ARG A 58 -10.87 6.89 2.13
C ARG A 58 -10.40 5.79 3.07
N LEU A 59 -11.00 4.61 2.90
CA LEU A 59 -10.68 3.44 3.71
C LEU A 59 -9.69 2.52 2.98
N PHE A 60 -9.01 3.06 1.96
CA PHE A 60 -8.05 2.29 1.18
C PHE A 60 -6.62 2.78 1.43
N TRP A 61 -5.77 1.84 1.83
CA TRP A 61 -4.37 2.14 2.10
C TRP A 61 -3.49 1.50 1.02
N GLY A 62 -2.17 1.53 1.24
CA GLY A 62 -1.25 0.97 0.27
C GLY A 62 0.12 0.73 0.86
N GLY A 63 0.92 -0.08 0.17
CA GLY A 63 2.26 -0.39 0.62
C GLY A 63 2.84 -1.60 -0.09
N SER A 64 3.61 -2.40 0.65
CA SER A 64 4.22 -3.59 0.10
C SER A 64 4.20 -4.73 1.12
N VAL A 65 3.96 -5.95 0.64
CA VAL A 65 3.88 -7.12 1.50
C VAL A 65 5.25 -7.78 1.67
N GLN A 66 5.61 -8.07 2.92
CA GLN A 66 6.88 -8.72 3.24
C GLN A 66 6.65 -9.92 4.15
N GLY A 67 6.58 -11.11 3.55
CA GLY A 67 6.36 -12.33 4.31
C GLY A 67 7.42 -13.38 4.02
N ASP A 68 7.84 -13.43 2.75
CA ASP A 68 8.85 -14.39 2.31
C ASP A 68 9.67 -13.78 1.17
N TYR A 69 9.07 -12.78 0.50
CA TYR A 69 9.68 -12.02 -0.62
C TYR A 69 9.68 -12.80 -1.95
N TYR A 70 10.07 -14.10 -1.91
CA TYR A 70 10.13 -14.97 -3.10
C TYR A 70 11.04 -14.38 -4.20
N GLY A 71 11.89 -13.43 -3.84
CA GLY A 71 12.79 -12.80 -4.81
C GLY A 71 12.21 -11.51 -5.38
N ASP A 72 10.92 -11.53 -5.69
CA ASP A 72 10.22 -10.38 -6.25
C ASP A 72 8.82 -10.24 -5.66
N LEU A 73 8.61 -9.22 -4.82
CA LEU A 73 7.30 -8.99 -4.20
C LEU A 73 7.13 -7.53 -3.80
N ALA A 74 8.16 -6.95 -3.19
CA ALA A 74 8.12 -5.56 -2.76
C ALA A 74 8.79 -4.65 -3.79
N ALA A 75 8.85 -5.11 -5.04
CA ALA A 75 9.46 -4.36 -6.12
C ALA A 75 8.55 -3.22 -6.57
N ARG A 76 7.26 -3.53 -6.75
CA ARG A 76 6.28 -2.55 -7.17
C ARG A 76 5.32 -2.22 -6.02
N LEU A 77 4.75 -1.02 -6.07
CA LEU A 77 3.83 -0.56 -5.03
C LEU A 77 2.38 -0.95 -5.36
N GLY A 78 1.68 -1.49 -4.36
CA GLY A 78 0.30 -1.89 -4.55
C GLY A 78 -0.61 -1.31 -3.48
N TYR A 79 -1.91 -1.61 -3.56
CA TYR A 79 -2.88 -1.10 -2.59
C TYR A 79 -3.70 -2.24 -1.98
N PHE A 80 -4.25 -1.99 -0.78
CA PHE A 80 -5.05 -2.98 -0.06
C PHE A 80 -6.05 -2.30 0.91
N PRO A 81 -7.20 -2.97 1.25
CA PRO A 81 -8.21 -2.39 2.15
C PRO A 81 -7.72 -2.37 3.60
N SER A 82 -7.97 -1.26 4.29
CA SER A 82 -7.56 -1.09 5.69
C SER A 82 -8.28 -2.08 6.61
N SER A 83 -9.44 -2.56 6.16
CA SER A 83 -10.26 -3.50 6.93
C SER A 83 -9.59 -4.86 7.13
N ILE A 84 -8.58 -5.20 6.31
CA ILE A 84 -7.91 -6.49 6.45
C ILE A 84 -6.57 -6.40 7.17
N VAL A 85 -6.18 -5.19 7.59
CA VAL A 85 -4.91 -5.00 8.30
C VAL A 85 -5.12 -4.37 9.67
N ARG A 86 -4.16 -4.61 10.58
CA ARG A 86 -4.22 -4.06 11.92
C ARG A 86 -2.87 -3.47 12.31
N GLU A 87 -2.82 -2.13 12.39
CA GLU A 87 -1.60 -1.41 12.76
C GLU A 87 -1.26 -1.67 14.22
N ASP A 88 -0.05 -2.16 14.47
CA ASP A 88 0.39 -2.47 15.83
C ASP A 88 1.49 -1.51 16.29
N GLN A 89 2.49 -1.28 15.45
CA GLN A 89 3.61 -0.40 15.81
C GLN A 89 4.04 0.50 14.65
N THR A 90 4.13 1.82 14.93
CA THR A 90 4.55 2.81 13.94
C THR A 90 6.08 2.87 13.89
N LEU A 91 6.63 2.63 12.70
CA LEU A 91 8.08 2.62 12.50
C LEU A 91 8.60 4.02 12.20
N LYS A 92 7.74 4.84 11.59
CA LYS A 92 8.09 6.22 11.24
C LYS A 92 6.81 7.07 11.13
N PRO A 93 6.77 8.29 11.74
CA PRO A 93 5.59 9.17 11.71
C PRO A 93 5.18 9.60 10.30
N GLY A 94 3.91 9.36 9.98
CA GLY A 94 3.38 9.73 8.67
C GLY A 94 2.65 11.05 8.74
N LYS A 95 3.35 12.13 8.45
CA LYS A 95 2.78 13.48 8.51
C LYS A 95 3.23 14.35 7.33
N VAL A 96 3.49 13.70 6.19
CA VAL A 96 3.90 14.40 4.96
C VAL A 96 2.95 14.06 3.81
N ASP A 97 2.22 15.06 3.32
CA ASP A 97 1.26 14.86 2.23
C ASP A 97 1.94 14.96 0.86
N VAL A 98 1.93 13.86 0.12
CA VAL A 98 2.53 13.79 -1.23
C VAL A 98 1.52 13.23 -2.22
N LYS A 99 1.47 13.83 -3.42
CA LYS A 99 0.54 13.38 -4.47
C LYS A 99 1.08 12.13 -5.18
N THR A 100 0.22 11.49 -5.98
CA THR A 100 0.61 10.27 -6.71
C THR A 100 1.15 10.60 -8.10
N ASP A 101 2.11 9.79 -8.56
CA ASP A 101 2.72 9.98 -9.87
C ASP A 101 2.15 8.97 -10.87
N LYS A 102 2.70 8.96 -12.09
CA LYS A 102 2.22 8.05 -13.13
C LYS A 102 2.82 6.65 -12.98
N TRP A 103 3.89 6.54 -12.19
CA TRP A 103 4.56 5.25 -11.94
C TRP A 103 3.80 4.45 -10.88
N ASP A 104 2.83 5.09 -10.24
CA ASP A 104 2.03 4.46 -9.20
C ASP A 104 0.92 3.59 -9.79
N PHE A 105 0.54 3.87 -11.04
CA PHE A 105 -0.52 3.12 -11.72
C PHE A 105 -0.03 2.59 -13.08
N TYR A 106 1.25 2.22 -13.14
CA TYR A 106 1.84 1.71 -14.37
C TYR A 106 2.74 0.50 -14.08
N CYS A 107 2.26 -0.70 -14.45
CA CYS A 107 3.00 -1.94 -14.21
C CYS A 107 3.46 -2.60 -15.52
N GLN A 108 3.80 -1.77 -16.50
CA GLN A 108 4.26 -2.25 -17.79
C GLN A 108 5.78 -2.03 -17.94
N MET A 1 -3.93 -5.75 -15.21
CA MET A 1 -3.16 -5.12 -16.32
C MET A 1 -4.04 -4.15 -17.10
N GLY A 2 -3.60 -2.89 -17.18
CA GLY A 2 -4.34 -1.88 -17.89
C GLY A 2 -4.74 -0.70 -17.02
N PRO A 3 -5.34 0.38 -17.59
CA PRO A 3 -5.76 1.55 -16.83
C PRO A 3 -7.06 1.31 -16.05
N MET A 4 -7.11 1.87 -14.85
CA MET A 4 -8.28 1.74 -13.96
C MET A 4 -8.36 2.92 -12.99
N PRO A 5 -9.54 3.16 -12.31
CA PRO A 5 -9.71 4.29 -11.36
C PRO A 5 -8.54 4.44 -10.38
N LYS A 6 -8.21 5.69 -10.07
CA LYS A 6 -7.11 6.03 -9.18
C LYS A 6 -7.46 5.83 -7.70
N LEU A 7 -8.77 5.65 -7.41
CA LEU A 7 -9.31 5.47 -6.04
C LEU A 7 -9.38 6.82 -5.31
N ALA A 8 -8.27 7.58 -5.35
CA ALA A 8 -8.18 8.88 -4.71
C ALA A 8 -7.32 9.83 -5.56
N ASP A 9 -6.80 10.91 -4.94
CA ASP A 9 -5.97 11.87 -5.67
C ASP A 9 -4.61 12.06 -4.97
N ARG A 10 -4.63 12.09 -3.64
CA ARG A 10 -3.39 12.28 -2.86
C ARG A 10 -3.18 11.12 -1.89
N LYS A 11 -1.94 10.98 -1.41
CA LYS A 11 -1.57 9.93 -0.47
C LYS A 11 -0.77 10.48 0.72
N LEU A 12 -0.58 9.64 1.75
CA LEU A 12 0.16 10.03 2.95
C LEU A 12 1.42 9.19 3.09
N CYS A 13 2.54 9.86 3.33
CA CYS A 13 3.84 9.18 3.49
C CYS A 13 4.57 9.70 4.73
N ALA A 14 5.65 9.00 5.11
CA ALA A 14 6.46 9.40 6.26
C ALA A 14 7.35 10.59 5.88
N ASP A 15 7.84 10.56 4.64
CA ASP A 15 8.68 11.63 4.11
C ASP A 15 8.28 11.92 2.66
N GLN A 16 8.89 12.95 2.08
CA GLN A 16 8.59 13.35 0.70
C GLN A 16 9.06 12.31 -0.32
N GLU A 17 9.84 11.32 0.14
CA GLU A 17 10.35 10.27 -0.74
C GLU A 17 9.41 9.07 -0.78
N CYS A 18 8.56 8.94 0.26
CA CYS A 18 7.62 7.81 0.39
C CYS A 18 8.40 6.49 0.40
N SER A 19 9.62 6.56 0.94
CA SER A 19 10.53 5.42 1.02
C SER A 19 10.51 4.79 2.42
N HIS A 20 9.94 5.49 3.39
CA HIS A 20 9.85 5.01 4.77
C HIS A 20 8.49 4.38 5.07
N PRO A 21 8.40 3.42 6.06
CA PRO A 21 7.15 2.78 6.43
C PRO A 21 6.48 3.50 7.60
N ILE A 22 5.18 3.78 7.45
CA ILE A 22 4.42 4.47 8.49
C ILE A 22 4.14 3.55 9.67
N SER A 23 3.39 2.47 9.42
CA SER A 23 3.04 1.53 10.48
C SER A 23 3.10 0.09 10.00
N MET A 24 3.44 -0.81 10.93
CA MET A 24 3.53 -2.23 10.64
C MET A 24 2.24 -2.91 11.10
N ALA A 25 1.53 -3.54 10.16
CA ALA A 25 0.26 -4.18 10.46
C ALA A 25 0.27 -5.67 10.14
N VAL A 26 -0.52 -6.42 10.92
CA VAL A 26 -0.65 -7.86 10.72
C VAL A 26 -1.95 -8.17 9.96
N ALA A 27 -1.87 -9.04 8.95
CA ALA A 27 -3.03 -9.41 8.14
C ALA A 27 -4.00 -10.28 8.93
N LEU A 28 -5.28 -9.92 8.86
CA LEU A 28 -6.34 -10.63 9.57
C LEU A 28 -7.02 -11.71 8.70
N GLN A 29 -6.96 -11.55 7.37
CA GLN A 29 -7.59 -12.52 6.47
C GLN A 29 -6.85 -12.63 5.13
N ASP A 30 -7.42 -13.41 4.21
CA ASP A 30 -6.83 -13.62 2.88
C ASP A 30 -7.36 -12.60 1.87
N TYR A 31 -6.54 -12.30 0.87
CA TYR A 31 -6.89 -11.36 -0.19
C TYR A 31 -6.15 -11.72 -1.48
N MET A 32 -6.88 -11.66 -2.60
CA MET A 32 -6.29 -11.95 -3.92
C MET A 32 -6.33 -10.71 -4.80
N ALA A 33 -5.23 -10.47 -5.51
CA ALA A 33 -5.12 -9.29 -6.38
C ALA A 33 -5.37 -9.63 -7.86
N PRO A 34 -6.51 -9.16 -8.45
CA PRO A 34 -6.81 -9.41 -9.87
C PRO A 34 -5.96 -8.55 -10.79
N ASP A 35 -6.00 -7.23 -10.57
CA ASP A 35 -5.24 -6.26 -11.36
C ASP A 35 -3.87 -6.00 -10.72
N CYS A 36 -2.94 -5.45 -11.51
CA CYS A 36 -1.59 -5.12 -11.07
C CYS A 36 -1.60 -4.09 -9.94
N ARG A 37 -2.65 -3.27 -9.91
CA ARG A 37 -2.80 -2.22 -8.92
C ARG A 37 -3.04 -2.77 -7.50
N PHE A 38 -3.66 -3.95 -7.40
CA PHE A 38 -3.94 -4.54 -6.08
C PHE A 38 -2.78 -5.42 -5.62
N LEU A 39 -2.82 -5.82 -4.33
CA LEU A 39 -1.78 -6.66 -3.73
C LEU A 39 -2.38 -7.93 -3.10
N THR A 40 -1.71 -9.08 -3.33
CA THR A 40 -2.16 -10.35 -2.78
C THR A 40 -1.54 -10.58 -1.40
N ILE A 41 -2.40 -10.75 -0.40
CA ILE A 41 -1.96 -10.95 0.99
C ILE A 41 -2.60 -12.20 1.60
N HIS A 42 -1.86 -12.88 2.48
CA HIS A 42 -2.36 -14.07 3.16
C HIS A 42 -2.54 -13.81 4.65
N ARG A 43 -3.47 -14.54 5.27
CA ARG A 43 -3.77 -14.38 6.70
C ARG A 43 -2.57 -14.73 7.58
N GLY A 44 -2.13 -13.75 8.38
CA GLY A 44 -1.00 -13.98 9.28
C GLY A 44 0.32 -13.41 8.78
N GLN A 45 0.34 -12.91 7.53
CA GLN A 45 1.56 -12.35 6.95
C GLN A 45 1.80 -10.93 7.44
N VAL A 46 3.09 -10.54 7.47
CA VAL A 46 3.50 -9.20 7.91
C VAL A 46 3.47 -8.25 6.71
N VAL A 47 2.70 -7.16 6.82
CA VAL A 47 2.59 -6.18 5.74
C VAL A 47 2.89 -4.76 6.25
N TYR A 48 3.87 -4.12 5.59
CA TYR A 48 4.26 -2.75 5.94
C TYR A 48 3.52 -1.75 5.05
N VAL A 49 2.89 -0.75 5.68
CA VAL A 49 2.16 0.28 4.93
C VAL A 49 3.07 1.47 4.65
N PHE A 50 3.14 1.87 3.37
CA PHE A 50 3.97 2.98 2.95
C PHE A 50 3.14 4.21 2.58
N SER A 51 1.94 3.98 2.03
CA SER A 51 1.07 5.09 1.62
C SER A 51 -0.40 4.87 2.00
N LYS A 52 -1.04 5.96 2.40
CA LYS A 52 -2.46 5.95 2.78
C LYS A 52 -3.21 6.99 1.96
N LEU A 53 -4.07 6.55 1.05
CA LEU A 53 -4.83 7.48 0.19
C LEU A 53 -5.86 8.27 1.00
N LYS A 54 -6.24 9.44 0.47
CA LYS A 54 -7.23 10.33 1.11
C LYS A 54 -8.16 10.95 0.08
N GLY A 55 -9.37 11.31 0.52
CA GLY A 55 -10.35 11.92 -0.37
C GLY A 55 -11.54 11.03 -0.64
N ARG A 56 -11.57 10.44 -1.84
CA ARG A 56 -12.67 9.56 -2.24
C ARG A 56 -12.42 8.13 -1.77
N GLY A 57 -11.15 7.79 -1.57
CA GLY A 57 -10.78 6.46 -1.12
C GLY A 57 -9.80 6.47 0.03
N ARG A 58 -10.20 7.12 1.14
CA ARG A 58 -9.35 7.21 2.34
C ARG A 58 -9.28 5.87 3.07
N LEU A 59 -10.15 4.94 2.69
CA LEU A 59 -10.18 3.61 3.30
C LEU A 59 -9.27 2.65 2.53
N PHE A 60 -8.54 3.19 1.53
CA PHE A 60 -7.63 2.39 0.73
C PHE A 60 -6.17 2.73 1.01
N TRP A 61 -5.43 1.73 1.48
CA TRP A 61 -4.01 1.90 1.81
C TRP A 61 -3.15 1.10 0.83
N GLY A 62 -1.83 1.08 1.06
CA GLY A 62 -0.92 0.35 0.19
C GLY A 62 0.47 0.21 0.75
N GLY A 63 1.21 -0.79 0.25
CA GLY A 63 2.57 -1.02 0.72
C GLY A 63 3.15 -2.31 0.15
N SER A 64 4.04 -2.95 0.94
CA SER A 64 4.69 -4.19 0.53
C SER A 64 4.53 -5.26 1.62
N VAL A 65 4.78 -6.52 1.27
CA VAL A 65 4.65 -7.63 2.23
C VAL A 65 6.01 -8.25 2.55
N GLN A 66 6.37 -8.24 3.84
CA GLN A 66 7.63 -8.82 4.31
C GLN A 66 7.40 -10.27 4.74
N GLY A 67 8.35 -11.14 4.40
CA GLY A 67 8.24 -12.55 4.76
C GLY A 67 8.81 -13.47 3.70
N ASP A 68 8.41 -13.24 2.45
CA ASP A 68 8.88 -14.06 1.34
C ASP A 68 9.71 -13.23 0.37
N TYR A 69 10.87 -13.77 -0.02
CA TYR A 69 11.77 -13.09 -0.95
C TYR A 69 12.34 -14.08 -1.96
N TYR A 70 11.52 -14.44 -2.94
CA TYR A 70 11.91 -15.39 -3.99
C TYR A 70 11.81 -14.75 -5.37
N GLY A 71 11.11 -13.61 -5.43
CA GLY A 71 10.93 -12.90 -6.67
C GLY A 71 10.26 -11.55 -6.46
N ASP A 72 11.09 -10.50 -6.36
CA ASP A 72 10.64 -9.11 -6.15
C ASP A 72 9.87 -8.97 -4.83
N LEU A 73 8.52 -9.15 -4.87
CA LEU A 73 7.64 -9.05 -3.71
C LEU A 73 7.64 -7.65 -3.09
N ALA A 74 8.66 -7.34 -2.28
CA ALA A 74 8.77 -6.02 -1.63
C ALA A 74 9.25 -4.95 -2.61
N ALA A 75 9.78 -5.38 -3.76
CA ALA A 75 10.27 -4.46 -4.79
C ALA A 75 9.11 -3.68 -5.40
N ARG A 76 7.97 -4.35 -5.57
CA ARG A 76 6.77 -3.73 -6.13
C ARG A 76 5.83 -3.28 -5.01
N LEU A 77 5.02 -2.27 -5.30
CA LEU A 77 4.07 -1.74 -4.33
C LEU A 77 2.64 -1.92 -4.81
N GLY A 78 1.83 -2.59 -3.99
CA GLY A 78 0.44 -2.84 -4.32
C GLY A 78 -0.50 -2.12 -3.37
N TYR A 79 -1.81 -2.19 -3.64
CA TYR A 79 -2.80 -1.54 -2.79
C TYR A 79 -3.82 -2.54 -2.25
N PHE A 80 -4.26 -2.30 -1.02
CA PHE A 80 -5.21 -3.18 -0.34
C PHE A 80 -6.13 -2.38 0.60
N PRO A 81 -7.36 -2.89 0.94
CA PRO A 81 -8.27 -2.19 1.85
C PRO A 81 -7.76 -2.23 3.29
N SER A 82 -7.91 -1.11 4.00
CA SER A 82 -7.45 -1.00 5.39
C SER A 82 -8.20 -1.97 6.32
N SER A 83 -9.40 -2.40 5.87
CA SER A 83 -10.25 -3.30 6.64
C SER A 83 -9.64 -4.71 6.83
N ILE A 84 -8.69 -5.10 5.97
CA ILE A 84 -8.08 -6.44 6.10
C ILE A 84 -6.83 -6.43 6.97
N VAL A 85 -6.42 -5.27 7.48
CA VAL A 85 -5.21 -5.19 8.31
C VAL A 85 -5.49 -4.53 9.66
N ARG A 86 -4.66 -4.90 10.64
CA ARG A 86 -4.77 -4.36 12.00
C ARG A 86 -3.43 -3.77 12.42
N GLU A 87 -3.42 -2.46 12.65
CA GLU A 87 -2.22 -1.74 13.06
C GLU A 87 -1.93 -1.95 14.54
N ASP A 88 -0.73 -2.47 14.82
CA ASP A 88 -0.30 -2.73 16.19
C ASP A 88 0.73 -1.71 16.64
N GLN A 89 1.63 -1.31 15.73
CA GLN A 89 2.68 -0.33 16.07
C GLN A 89 3.05 0.57 14.89
N THR A 90 3.30 1.85 15.19
CA THR A 90 3.71 2.83 14.18
C THR A 90 5.23 2.96 14.24
N LEU A 91 5.89 2.74 13.11
CA LEU A 91 7.35 2.77 13.03
C LEU A 91 7.89 4.18 12.81
N LYS A 92 7.18 4.96 12.00
CA LYS A 92 7.59 6.33 11.70
C LYS A 92 6.37 7.20 11.31
N PRO A 93 6.26 8.45 11.85
CA PRO A 93 5.12 9.36 11.58
C PRO A 93 4.86 9.61 10.10
N GLY A 94 3.58 9.55 9.73
CA GLY A 94 3.18 9.79 8.36
C GLY A 94 2.39 11.09 8.24
N LYS A 95 3.12 12.19 8.07
CA LYS A 95 2.51 13.51 7.99
C LYS A 95 3.00 14.32 6.76
N VAL A 96 3.26 13.61 5.65
CA VAL A 96 3.72 14.27 4.42
C VAL A 96 2.74 13.94 3.27
N ASP A 97 1.96 14.95 2.87
CA ASP A 97 0.97 14.78 1.80
C ASP A 97 1.62 14.96 0.42
N VAL A 98 1.54 13.92 -0.41
CA VAL A 98 2.10 13.95 -1.76
C VAL A 98 1.02 13.64 -2.80
N LYS A 99 0.91 14.49 -3.83
CA LYS A 99 -0.08 14.30 -4.89
C LYS A 99 0.40 13.23 -5.89
N THR A 100 -0.55 12.54 -6.54
CA THR A 100 -0.20 11.51 -7.51
C THR A 100 -0.20 12.06 -8.94
N ASP A 101 0.45 11.34 -9.85
CA ASP A 101 0.54 11.77 -11.26
C ASP A 101 -0.08 10.72 -12.18
N LYS A 102 0.06 10.93 -13.49
CA LYS A 102 -0.49 10.03 -14.50
C LYS A 102 0.25 8.69 -14.55
N TRP A 103 1.58 8.73 -14.32
CA TRP A 103 2.39 7.51 -14.34
C TRP A 103 2.55 6.92 -12.94
N ASP A 104 1.41 6.63 -12.31
CA ASP A 104 1.38 6.05 -10.98
C ASP A 104 0.55 4.77 -10.95
N PHE A 105 -0.68 4.86 -11.48
CA PHE A 105 -1.59 3.71 -11.52
C PHE A 105 -1.94 3.36 -12.98
N TYR A 106 -0.91 2.97 -13.76
CA TYR A 106 -1.10 2.64 -15.17
C TYR A 106 -0.07 1.59 -15.62
N CYS A 107 -0.52 0.33 -15.73
CA CYS A 107 0.33 -0.77 -16.17
C CYS A 107 0.15 -0.98 -17.67
N GLN A 108 1.02 -0.35 -18.45
CA GLN A 108 0.98 -0.44 -19.89
C GLN A 108 1.88 -1.57 -20.39
N MET A 1 -3.31 -4.95 -15.96
CA MET A 1 -2.35 -4.57 -17.03
C MET A 1 -2.97 -3.56 -17.99
N GLY A 2 -3.28 -2.37 -17.46
CA GLY A 2 -3.87 -1.31 -18.27
C GLY A 2 -4.32 -0.12 -17.45
N PRO A 3 -4.76 1.00 -18.10
CA PRO A 3 -5.22 2.19 -17.40
C PRO A 3 -6.66 2.06 -16.92
N MET A 4 -6.87 2.37 -15.64
CA MET A 4 -8.21 2.28 -15.03
C MET A 4 -8.40 3.41 -13.99
N PRO A 5 -9.66 3.79 -13.63
CA PRO A 5 -9.94 4.87 -12.66
C PRO A 5 -9.19 4.73 -11.34
N LYS A 6 -8.80 5.88 -10.78
CA LYS A 6 -8.06 5.93 -9.52
C LYS A 6 -9.00 6.00 -8.32
N LEU A 7 -8.43 5.90 -7.11
CA LEU A 7 -9.21 5.97 -5.88
C LEU A 7 -9.25 7.40 -5.37
N ALA A 8 -8.09 8.05 -5.40
CA ALA A 8 -7.95 9.43 -4.94
C ALA A 8 -6.90 10.20 -5.76
N ASP A 9 -6.37 11.30 -5.19
CA ASP A 9 -5.38 12.11 -5.88
C ASP A 9 -4.10 12.25 -5.03
N ARG A 10 -4.27 12.30 -3.71
CA ARG A 10 -3.11 12.45 -2.80
C ARG A 10 -3.10 11.34 -1.73
N LYS A 11 -1.90 11.13 -1.15
CA LYS A 11 -1.69 10.11 -0.13
C LYS A 11 -0.84 10.65 1.03
N LEU A 12 -0.74 9.85 2.10
CA LEU A 12 0.07 10.20 3.27
C LEU A 12 1.29 9.31 3.35
N CYS A 13 2.46 9.92 3.48
CA CYS A 13 3.72 9.20 3.58
C CYS A 13 4.58 9.78 4.70
N ALA A 14 5.62 9.04 5.08
CA ALA A 14 6.52 9.49 6.15
C ALA A 14 7.47 10.59 5.65
N ASP A 15 7.94 10.43 4.41
CA ASP A 15 8.85 11.39 3.79
C ASP A 15 8.34 11.79 2.41
N GLN A 16 8.99 12.79 1.81
CA GLN A 16 8.61 13.28 0.47
C GLN A 16 8.91 12.21 -0.59
N GLU A 17 9.77 11.26 -0.24
CA GLU A 17 10.13 10.18 -1.15
C GLU A 17 9.16 9.01 -1.00
N CYS A 18 8.48 8.97 0.16
CA CYS A 18 7.53 7.90 0.50
C CYS A 18 8.25 6.54 0.46
N SER A 19 9.55 6.60 0.75
CA SER A 19 10.41 5.43 0.77
C SER A 19 10.49 4.81 2.16
N HIS A 20 9.88 5.49 3.14
CA HIS A 20 9.85 5.02 4.53
C HIS A 20 8.51 4.35 4.87
N PRO A 21 8.50 3.34 5.78
CA PRO A 21 7.28 2.66 6.19
C PRO A 21 6.64 3.35 7.41
N ILE A 22 5.40 3.81 7.24
CA ILE A 22 4.70 4.50 8.31
C ILE A 22 4.43 3.58 9.50
N SER A 23 3.61 2.55 9.29
CA SER A 23 3.27 1.63 10.35
C SER A 23 3.18 0.18 9.86
N MET A 24 3.56 -0.75 10.74
CA MET A 24 3.52 -2.17 10.44
C MET A 24 2.20 -2.75 10.93
N ALA A 25 1.46 -3.39 10.02
CA ALA A 25 0.16 -3.97 10.35
C ALA A 25 0.14 -5.47 10.09
N VAL A 26 -0.64 -6.18 10.91
CA VAL A 26 -0.78 -7.63 10.78
C VAL A 26 -2.07 -7.98 10.02
N ALA A 27 -1.97 -8.96 9.10
CA ALA A 27 -3.12 -9.39 8.30
C ALA A 27 -4.02 -10.34 9.07
N LEU A 28 -5.33 -10.09 9.02
CA LEU A 28 -6.32 -10.90 9.72
C LEU A 28 -7.03 -11.90 8.82
N GLN A 29 -6.95 -11.73 7.50
CA GLN A 29 -7.61 -12.65 6.57
C GLN A 29 -6.90 -12.72 5.21
N ASP A 30 -7.37 -13.66 4.36
CA ASP A 30 -6.82 -13.87 3.03
C ASP A 30 -7.35 -12.84 2.03
N TYR A 31 -6.52 -12.52 1.03
CA TYR A 31 -6.87 -11.56 0.00
C TYR A 31 -6.11 -11.88 -1.30
N MET A 32 -6.80 -11.78 -2.43
CA MET A 32 -6.19 -12.02 -3.74
C MET A 32 -6.18 -10.73 -4.56
N ALA A 33 -5.10 -10.51 -5.32
CA ALA A 33 -4.95 -9.31 -6.15
C ALA A 33 -5.54 -9.47 -7.56
N PRO A 34 -6.70 -8.82 -7.87
CA PRO A 34 -7.32 -8.90 -9.19
C PRO A 34 -6.65 -7.97 -10.22
N ASP A 35 -6.48 -6.70 -9.83
CA ASP A 35 -5.87 -5.69 -10.71
C ASP A 35 -4.34 -5.65 -10.50
N CYS A 36 -3.67 -5.01 -11.47
CA CYS A 36 -2.20 -4.88 -11.46
C CYS A 36 -1.70 -4.09 -10.24
N ARG A 37 -2.46 -3.09 -9.81
CA ARG A 37 -2.06 -2.26 -8.67
C ARG A 37 -2.52 -2.82 -7.31
N PHE A 38 -2.98 -4.08 -7.30
CA PHE A 38 -3.43 -4.70 -6.04
C PHE A 38 -2.38 -5.69 -5.51
N LEU A 39 -2.49 -6.02 -4.22
CA LEU A 39 -1.55 -6.96 -3.57
C LEU A 39 -2.26 -8.19 -3.03
N THR A 40 -1.58 -9.35 -3.13
CA THR A 40 -2.11 -10.61 -2.61
C THR A 40 -1.54 -10.84 -1.21
N ILE A 41 -2.42 -10.89 -0.22
CA ILE A 41 -2.01 -11.08 1.18
C ILE A 41 -2.66 -12.30 1.81
N HIS A 42 -1.85 -13.12 2.47
CA HIS A 42 -2.35 -14.30 3.16
C HIS A 42 -2.63 -13.97 4.63
N ARG A 43 -3.49 -14.78 5.25
CA ARG A 43 -3.88 -14.58 6.64
C ARG A 43 -2.69 -14.76 7.59
N GLY A 44 -2.33 -13.66 8.26
CA GLY A 44 -1.23 -13.69 9.21
C GLY A 44 0.09 -13.16 8.66
N GLN A 45 0.07 -12.58 7.46
CA GLN A 45 1.30 -12.04 6.86
C GLN A 45 1.61 -10.63 7.37
N VAL A 46 2.91 -10.32 7.40
CA VAL A 46 3.39 -9.01 7.83
C VAL A 46 3.38 -8.06 6.63
N VAL A 47 2.63 -6.97 6.73
CA VAL A 47 2.53 -6.00 5.63
C VAL A 47 2.94 -4.60 6.09
N TYR A 48 3.90 -4.00 5.38
CA TYR A 48 4.38 -2.65 5.69
C TYR A 48 3.60 -1.61 4.89
N VAL A 49 2.99 -0.65 5.61
CA VAL A 49 2.21 0.41 4.97
C VAL A 49 3.11 1.61 4.67
N PHE A 50 3.13 2.02 3.40
CA PHE A 50 3.96 3.15 2.96
C PHE A 50 3.11 4.39 2.65
N SER A 51 1.91 4.18 2.10
CA SER A 51 1.04 5.30 1.74
C SER A 51 -0.44 5.03 2.04
N LYS A 52 -1.14 6.08 2.45
CA LYS A 52 -2.58 6.00 2.76
C LYS A 52 -3.33 7.04 1.93
N LEU A 53 -4.12 6.57 0.95
CA LEU A 53 -4.87 7.48 0.07
C LEU A 53 -6.03 8.16 0.80
N LYS A 54 -6.43 9.34 0.29
CA LYS A 54 -7.55 10.10 0.86
C LYS A 54 -8.72 10.14 -0.13
N GLY A 55 -9.34 11.32 -0.35
CA GLY A 55 -10.45 11.44 -1.30
C GLY A 55 -11.66 10.59 -0.96
N ARG A 56 -12.29 10.07 -2.01
CA ARG A 56 -13.48 9.22 -1.87
C ARG A 56 -13.10 7.80 -1.46
N GLY A 57 -11.85 7.43 -1.74
CA GLY A 57 -11.36 6.10 -1.40
C GLY A 57 -10.28 6.16 -0.34
N ARG A 58 -10.58 6.84 0.77
CA ARG A 58 -9.63 6.99 1.88
C ARG A 58 -9.46 5.69 2.66
N LEU A 59 -10.26 4.68 2.34
CA LEU A 59 -10.18 3.38 2.99
C LEU A 59 -9.15 2.50 2.29
N PHE A 60 -8.56 3.02 1.20
CA PHE A 60 -7.57 2.29 0.42
C PHE A 60 -6.15 2.71 0.80
N TRP A 61 -5.38 1.73 1.28
CA TRP A 61 -3.99 1.94 1.68
C TRP A 61 -3.06 1.33 0.65
N GLY A 62 -1.75 1.36 0.92
CA GLY A 62 -0.78 0.80 0.00
C GLY A 62 0.59 0.62 0.62
N GLY A 63 1.44 -0.15 -0.05
CA GLY A 63 2.78 -0.40 0.43
C GLY A 63 3.37 -1.68 -0.14
N SER A 64 4.17 -2.37 0.68
CA SER A 64 4.80 -3.62 0.27
C SER A 64 4.50 -4.72 1.29
N VAL A 65 4.69 -5.98 0.90
CA VAL A 65 4.43 -7.11 1.79
C VAL A 65 5.70 -7.92 2.10
N GLN A 66 5.91 -8.18 3.39
CA GLN A 66 7.06 -8.94 3.87
C GLN A 66 6.77 -10.44 3.83
N GLY A 67 7.82 -11.24 3.99
CA GLY A 67 7.68 -12.68 3.98
C GLY A 67 7.91 -13.31 2.63
N ASP A 68 9.01 -14.08 2.52
CA ASP A 68 9.41 -14.78 1.29
C ASP A 68 9.69 -13.83 0.12
N TYR A 69 10.98 -13.71 -0.22
CA TYR A 69 11.41 -12.86 -1.33
C TYR A 69 11.88 -13.72 -2.50
N TYR A 70 10.98 -13.95 -3.45
CA TYR A 70 11.28 -14.77 -4.63
C TYR A 70 11.82 -13.92 -5.78
N GLY A 71 11.79 -12.59 -5.61
CA GLY A 71 12.28 -11.69 -6.63
C GLY A 71 11.57 -10.35 -6.62
N ASP A 72 10.48 -10.24 -7.39
CA ASP A 72 9.71 -9.01 -7.47
C ASP A 72 8.54 -9.04 -6.49
N LEU A 73 8.69 -8.30 -5.38
CA LEU A 73 7.66 -8.22 -4.36
C LEU A 73 7.74 -6.89 -3.62
N ALA A 74 8.93 -6.54 -3.16
CA ALA A 74 9.15 -5.28 -2.45
C ALA A 74 9.63 -4.19 -3.38
N ALA A 75 10.10 -4.59 -4.57
CA ALA A 75 10.58 -3.64 -5.58
C ALA A 75 9.43 -2.82 -6.14
N ARG A 76 8.27 -3.48 -6.28
CA ARG A 76 7.07 -2.83 -6.77
C ARG A 76 6.10 -2.55 -5.63
N LEU A 77 5.33 -1.47 -5.76
CA LEU A 77 4.37 -1.07 -4.73
C LEU A 77 2.93 -1.27 -5.20
N GLY A 78 2.12 -1.89 -4.34
CA GLY A 78 0.73 -2.15 -4.66
C GLY A 78 -0.20 -1.52 -3.63
N TYR A 79 -1.48 -1.89 -3.68
CA TYR A 79 -2.47 -1.36 -2.74
C TYR A 79 -3.30 -2.49 -2.12
N PHE A 80 -3.87 -2.20 -0.94
CA PHE A 80 -4.68 -3.16 -0.20
C PHE A 80 -5.71 -2.44 0.70
N PRO A 81 -6.89 -3.04 0.98
CA PRO A 81 -7.92 -2.42 1.83
C PRO A 81 -7.52 -2.44 3.31
N SER A 82 -7.71 -1.32 4.00
CA SER A 82 -7.36 -1.20 5.41
C SER A 82 -8.22 -2.13 6.29
N SER A 83 -9.36 -2.55 5.74
CA SER A 83 -10.30 -3.43 6.44
C SER A 83 -9.73 -4.83 6.72
N ILE A 84 -8.69 -5.23 5.97
CA ILE A 84 -8.10 -6.57 6.16
C ILE A 84 -6.88 -6.54 7.07
N VAL A 85 -6.45 -5.34 7.49
CA VAL A 85 -5.28 -5.22 8.36
C VAL A 85 -5.62 -4.57 9.70
N ARG A 86 -4.71 -4.76 10.66
CA ARG A 86 -4.86 -4.19 11.99
C ARG A 86 -3.54 -3.57 12.44
N GLU A 87 -3.56 -2.25 12.62
CA GLU A 87 -2.37 -1.52 13.05
C GLU A 87 -2.13 -1.65 14.54
N ASP A 88 -0.85 -1.70 14.92
CA ASP A 88 -0.48 -1.83 16.32
C ASP A 88 0.82 -1.09 16.63
N GLN A 89 1.71 -1.01 15.64
CA GLN A 89 3.01 -0.33 15.84
C GLN A 89 3.37 0.58 14.66
N THR A 90 3.96 1.74 14.98
CA THR A 90 4.38 2.73 13.98
C THR A 90 5.92 2.72 13.87
N LEU A 91 6.42 2.51 12.66
CA LEU A 91 7.87 2.45 12.42
C LEU A 91 8.45 3.84 12.13
N LYS A 92 7.59 4.75 11.68
CA LYS A 92 7.99 6.12 11.35
C LYS A 92 6.75 7.01 11.17
N PRO A 93 6.69 8.20 11.85
CA PRO A 93 5.54 9.11 11.75
C PRO A 93 5.18 9.49 10.30
N GLY A 94 3.93 9.22 9.92
CA GLY A 94 3.46 9.55 8.59
C GLY A 94 2.56 10.76 8.61
N LYS A 95 3.15 11.93 8.40
CA LYS A 95 2.41 13.20 8.42
C LYS A 95 2.86 14.15 7.31
N VAL A 96 3.25 13.59 6.17
CA VAL A 96 3.69 14.38 5.02
C VAL A 96 2.81 14.08 3.80
N ASP A 97 2.00 15.06 3.38
CA ASP A 97 1.10 14.91 2.25
C ASP A 97 1.86 15.04 0.92
N VAL A 98 1.82 13.96 0.13
CA VAL A 98 2.48 13.93 -1.18
C VAL A 98 1.48 13.54 -2.27
N LYS A 99 1.47 14.29 -3.37
CA LYS A 99 0.55 14.04 -4.48
C LYS A 99 1.00 12.82 -5.29
N THR A 100 0.09 12.23 -6.07
CA THR A 100 0.42 11.06 -6.90
C THR A 100 0.65 11.48 -8.35
N ASP A 101 1.20 10.55 -9.15
CA ASP A 101 1.47 10.81 -10.56
C ASP A 101 0.69 9.82 -11.43
N LYS A 102 0.86 9.94 -12.77
CA LYS A 102 0.17 9.05 -13.71
C LYS A 102 0.83 7.68 -13.77
N TRP A 103 2.14 7.63 -13.48
CA TRP A 103 2.90 6.38 -13.51
C TRP A 103 2.57 5.51 -12.31
N ASP A 104 1.97 6.11 -11.29
CA ASP A 104 1.58 5.40 -10.06
C ASP A 104 0.30 4.60 -10.27
N PHE A 105 -0.48 4.97 -11.29
CA PHE A 105 -1.75 4.28 -11.60
C PHE A 105 -1.83 3.90 -13.08
N TYR A 106 -0.75 3.31 -13.60
CA TYR A 106 -0.71 2.90 -15.02
C TYR A 106 0.20 1.68 -15.20
N CYS A 107 -0.40 0.58 -15.67
CA CYS A 107 0.33 -0.67 -15.93
C CYS A 107 0.32 -1.01 -17.41
N GLN A 108 1.31 -1.80 -17.84
CA GLN A 108 1.40 -2.21 -19.24
C GLN A 108 1.64 -3.71 -19.34
N MET A 1 -3.78 -6.24 -16.65
CA MET A 1 -3.03 -5.04 -17.11
C MET A 1 -3.92 -4.10 -17.90
N GLY A 2 -3.84 -2.80 -17.59
CA GLY A 2 -4.64 -1.80 -18.29
C GLY A 2 -4.94 -0.59 -17.42
N PRO A 3 -5.47 0.51 -17.99
CA PRO A 3 -5.77 1.73 -17.24
C PRO A 3 -7.20 1.74 -16.68
N MET A 4 -7.31 2.06 -15.39
CA MET A 4 -8.59 2.13 -14.71
C MET A 4 -8.60 3.37 -13.77
N PRO A 5 -9.77 3.75 -13.14
CA PRO A 5 -9.83 4.93 -12.25
C PRO A 5 -8.68 5.00 -11.24
N LYS A 6 -8.17 6.23 -11.04
CA LYS A 6 -7.05 6.48 -10.13
C LYS A 6 -7.41 6.15 -8.68
N LEU A 7 -8.72 6.20 -8.35
CA LEU A 7 -9.25 5.95 -6.99
C LEU A 7 -9.04 7.15 -6.06
N ALA A 8 -7.83 7.72 -6.07
CA ALA A 8 -7.50 8.87 -5.24
C ALA A 8 -6.56 9.82 -5.98
N ASP A 9 -6.34 11.01 -5.42
CA ASP A 9 -5.47 12.00 -6.02
C ASP A 9 -4.17 12.18 -5.23
N ARG A 10 -4.30 12.21 -3.89
CA ARG A 10 -3.14 12.37 -3.01
C ARG A 10 -3.06 11.24 -1.98
N LYS A 11 -1.84 11.00 -1.49
CA LYS A 11 -1.59 9.97 -0.49
C LYS A 11 -0.76 10.54 0.66
N LEU A 12 -0.75 9.83 1.80
CA LEU A 12 0.01 10.26 2.97
C LEU A 12 1.14 9.28 3.26
N CYS A 13 2.37 9.78 3.21
CA CYS A 13 3.56 8.97 3.46
C CYS A 13 4.33 9.54 4.66
N ALA A 14 5.40 8.83 5.05
CA ALA A 14 6.23 9.26 6.18
C ALA A 14 7.33 10.21 5.72
N ASP A 15 7.65 10.17 4.43
CA ASP A 15 8.68 11.03 3.85
C ASP A 15 8.30 11.46 2.45
N GLN A 16 9.06 12.40 1.90
CA GLN A 16 8.83 12.93 0.55
C GLN A 16 9.10 11.87 -0.51
N GLU A 17 9.91 10.87 -0.15
CA GLU A 17 10.24 9.77 -1.06
C GLU A 17 9.22 8.65 -0.94
N CYS A 18 8.46 8.66 0.18
CA CYS A 18 7.46 7.64 0.50
C CYS A 18 8.12 6.26 0.55
N SER A 19 9.42 6.28 0.86
CA SER A 19 10.24 5.07 0.96
C SER A 19 10.28 4.57 2.40
N HIS A 20 9.66 5.34 3.30
CA HIS A 20 9.61 4.99 4.72
C HIS A 20 8.28 4.31 5.09
N PRO A 21 8.27 3.37 6.06
CA PRO A 21 7.07 2.68 6.49
C PRO A 21 6.40 3.37 7.69
N ILE A 22 5.15 3.78 7.50
CA ILE A 22 4.39 4.46 8.54
C ILE A 22 4.05 3.53 9.70
N SER A 23 3.20 2.53 9.44
CA SER A 23 2.79 1.59 10.47
C SER A 23 2.87 0.15 10.01
N MET A 24 3.32 -0.71 10.92
CA MET A 24 3.45 -2.14 10.66
C MET A 24 2.16 -2.82 11.10
N ALA A 25 1.42 -3.38 10.14
CA ALA A 25 0.16 -4.04 10.45
C ALA A 25 0.17 -5.51 10.05
N VAL A 26 -0.46 -6.34 10.89
CA VAL A 26 -0.55 -7.78 10.64
C VAL A 26 -1.85 -8.12 9.92
N ALA A 27 -1.77 -8.94 8.86
CA ALA A 27 -2.93 -9.34 8.08
C ALA A 27 -3.85 -10.27 8.86
N LEU A 28 -5.14 -9.92 8.90
CA LEU A 28 -6.14 -10.70 9.63
C LEU A 28 -6.81 -11.76 8.75
N GLN A 29 -6.76 -11.57 7.42
CA GLN A 29 -7.38 -12.53 6.50
C GLN A 29 -6.65 -12.58 5.14
N ASP A 30 -7.22 -13.35 4.21
CA ASP A 30 -6.66 -13.50 2.86
C ASP A 30 -7.24 -12.47 1.90
N TYR A 31 -6.47 -12.16 0.85
CA TYR A 31 -6.89 -11.19 -0.16
C TYR A 31 -6.25 -11.52 -1.51
N MET A 32 -7.06 -11.50 -2.57
CA MET A 32 -6.58 -11.77 -3.93
C MET A 32 -6.58 -10.50 -4.77
N ALA A 33 -5.45 -10.22 -5.43
CA ALA A 33 -5.31 -9.03 -6.26
C ALA A 33 -5.65 -9.29 -7.73
N PRO A 34 -6.68 -8.61 -8.30
CA PRO A 34 -7.06 -8.78 -9.71
C PRO A 34 -6.08 -8.08 -10.66
N ASP A 35 -6.02 -6.74 -10.57
CA ASP A 35 -5.13 -5.94 -11.41
C ASP A 35 -3.79 -5.72 -10.69
N CYS A 36 -2.79 -5.22 -11.45
CA CYS A 36 -1.44 -4.99 -10.91
C CYS A 36 -1.41 -3.90 -9.82
N ARG A 37 -2.47 -3.09 -9.72
CA ARG A 37 -2.51 -2.02 -8.72
C ARG A 37 -2.79 -2.57 -7.33
N PHE A 38 -3.48 -3.71 -7.25
CA PHE A 38 -3.80 -4.32 -5.97
C PHE A 38 -2.71 -5.29 -5.54
N LEU A 39 -2.69 -5.62 -4.24
CA LEU A 39 -1.68 -6.52 -3.67
C LEU A 39 -2.32 -7.77 -3.06
N THR A 40 -1.71 -8.93 -3.32
CA THR A 40 -2.19 -10.21 -2.79
C THR A 40 -1.55 -10.47 -1.43
N ILE A 41 -2.39 -10.65 -0.42
CA ILE A 41 -1.91 -10.87 0.96
C ILE A 41 -2.52 -12.12 1.58
N HIS A 42 -1.72 -12.82 2.39
CA HIS A 42 -2.18 -14.04 3.08
C HIS A 42 -2.34 -13.77 4.57
N ARG A 43 -3.25 -14.52 5.20
CA ARG A 43 -3.53 -14.39 6.63
C ARG A 43 -2.32 -14.76 7.48
N GLY A 44 -1.87 -13.79 8.31
CA GLY A 44 -0.73 -14.04 9.18
C GLY A 44 0.56 -13.38 8.70
N GLN A 45 0.56 -12.89 7.46
CA GLN A 45 1.75 -12.25 6.89
C GLN A 45 1.93 -10.82 7.40
N VAL A 46 3.19 -10.39 7.50
CA VAL A 46 3.51 -9.04 7.97
C VAL A 46 3.48 -8.07 6.79
N VAL A 47 2.67 -7.02 6.88
CA VAL A 47 2.55 -6.04 5.80
C VAL A 47 2.92 -4.63 6.28
N TYR A 48 3.92 -4.05 5.63
CA TYR A 48 4.38 -2.70 5.96
C TYR A 48 3.62 -1.68 5.12
N VAL A 49 2.98 -0.71 5.78
CA VAL A 49 2.22 0.33 5.08
C VAL A 49 3.14 1.51 4.75
N PHE A 50 3.09 1.96 3.49
CA PHE A 50 3.92 3.08 3.04
C PHE A 50 3.07 4.33 2.72
N SER A 51 1.88 4.12 2.17
CA SER A 51 1.01 5.25 1.81
C SER A 51 -0.47 4.96 2.12
N LYS A 52 -1.19 6.02 2.49
CA LYS A 52 -2.62 5.93 2.77
C LYS A 52 -3.37 6.89 1.85
N LEU A 53 -4.22 6.35 0.98
CA LEU A 53 -4.97 7.17 0.02
C LEU A 53 -6.08 7.97 0.70
N LYS A 54 -6.29 9.21 0.22
CA LYS A 54 -7.34 10.07 0.76
C LYS A 54 -8.20 10.65 -0.36
N GLY A 55 -9.41 11.08 0.00
CA GLY A 55 -10.34 11.65 -0.96
C GLY A 55 -11.53 10.75 -1.21
N ARG A 56 -11.51 10.04 -2.34
CA ARG A 56 -12.60 9.13 -2.70
C ARG A 56 -12.33 7.73 -2.14
N GLY A 57 -11.08 7.48 -1.77
CA GLY A 57 -10.69 6.20 -1.21
C GLY A 57 -9.92 6.34 0.09
N ARG A 58 -10.57 6.95 1.08
CA ARG A 58 -9.97 7.18 2.40
C ARG A 58 -9.77 5.86 3.15
N LEU A 59 -10.54 4.84 2.78
CA LEU A 59 -10.45 3.52 3.42
C LEU A 59 -9.45 2.62 2.70
N PHE A 60 -8.85 3.14 1.62
CA PHE A 60 -7.88 2.37 0.84
C PHE A 60 -6.45 2.78 1.18
N TRP A 61 -5.65 1.78 1.54
CA TRP A 61 -4.24 1.98 1.90
C TRP A 61 -3.33 1.35 0.85
N GLY A 62 -2.02 1.34 1.12
CA GLY A 62 -1.08 0.77 0.18
C GLY A 62 0.29 0.52 0.80
N GLY A 63 1.02 -0.44 0.24
CA GLY A 63 2.35 -0.77 0.75
C GLY A 63 2.90 -2.05 0.13
N SER A 64 3.74 -2.75 0.89
CA SER A 64 4.36 -3.99 0.42
C SER A 64 4.47 -5.00 1.57
N VAL A 65 4.34 -6.29 1.22
CA VAL A 65 4.42 -7.36 2.21
C VAL A 65 5.86 -7.84 2.40
N GLN A 66 6.27 -7.99 3.66
CA GLN A 66 7.60 -8.47 3.96
C GLN A 66 7.57 -10.00 4.10
N GLY A 67 7.24 -10.49 5.32
CA GLY A 67 7.17 -11.94 5.57
C GLY A 67 8.55 -12.56 5.71
N ASP A 68 9.24 -12.70 4.58
CA ASP A 68 10.58 -13.27 4.52
C ASP A 68 11.51 -12.31 3.78
N TYR A 69 10.88 -11.45 2.96
CA TYR A 69 11.55 -10.42 2.15
C TYR A 69 12.45 -11.01 1.05
N TYR A 70 13.65 -11.46 1.43
CA TYR A 70 14.67 -12.05 0.53
C TYR A 70 14.88 -11.25 -0.79
N GLY A 71 14.62 -9.94 -0.73
CA GLY A 71 14.81 -9.08 -1.89
C GLY A 71 13.60 -8.97 -2.80
N ASP A 72 13.23 -10.11 -3.39
CA ASP A 72 12.10 -10.18 -4.31
C ASP A 72 10.76 -9.88 -3.60
N LEU A 73 9.72 -9.67 -4.42
CA LEU A 73 8.33 -9.37 -3.98
C LEU A 73 8.15 -7.88 -3.72
N ALA A 74 9.09 -7.27 -2.99
CA ALA A 74 9.01 -5.84 -2.68
C ALA A 74 9.66 -4.98 -3.77
N ALA A 75 9.45 -5.37 -5.02
CA ALA A 75 9.99 -4.66 -6.18
C ALA A 75 9.00 -3.61 -6.68
N ARG A 76 7.76 -3.71 -6.21
CA ARG A 76 6.70 -2.79 -6.59
C ARG A 76 5.79 -2.49 -5.40
N LEU A 77 4.93 -1.49 -5.55
CA LEU A 77 3.99 -1.10 -4.50
C LEU A 77 2.56 -1.33 -4.92
N GLY A 78 1.79 -2.01 -4.07
CA GLY A 78 0.40 -2.29 -4.36
C GLY A 78 -0.54 -1.59 -3.40
N TYR A 79 -1.83 -1.86 -3.52
CA TYR A 79 -2.83 -1.24 -2.66
C TYR A 79 -3.76 -2.30 -2.06
N PHE A 80 -4.18 -2.08 -0.82
CA PHE A 80 -5.06 -3.01 -0.11
C PHE A 80 -5.99 -2.25 0.86
N PRO A 81 -7.21 -2.80 1.17
CA PRO A 81 -8.15 -2.14 2.09
C PRO A 81 -7.66 -2.22 3.53
N SER A 82 -7.79 -1.13 4.28
CA SER A 82 -7.36 -1.08 5.69
C SER A 82 -8.18 -2.03 6.56
N SER A 83 -9.35 -2.43 6.06
CA SER A 83 -10.25 -3.33 6.78
C SER A 83 -9.67 -4.74 6.96
N ILE A 84 -8.68 -5.12 6.14
CA ILE A 84 -8.10 -6.47 6.26
C ILE A 84 -6.83 -6.49 7.11
N VAL A 85 -6.40 -5.33 7.62
CA VAL A 85 -5.19 -5.28 8.44
C VAL A 85 -5.47 -4.76 9.85
N ARG A 86 -4.56 -5.08 10.77
CA ARG A 86 -4.66 -4.66 12.16
C ARG A 86 -3.38 -3.94 12.57
N GLU A 87 -3.49 -2.63 12.78
CA GLU A 87 -2.36 -1.80 13.17
C GLU A 87 -2.07 -1.96 14.66
N ASP A 88 -0.81 -2.21 14.99
CA ASP A 88 -0.41 -2.39 16.38
C ASP A 88 0.80 -1.52 16.75
N GLN A 89 1.70 -1.28 15.79
CA GLN A 89 2.89 -0.47 16.08
C GLN A 89 3.25 0.45 14.90
N THR A 90 3.65 1.68 15.23
CA THR A 90 4.05 2.68 14.23
C THR A 90 5.57 2.73 14.13
N LEU A 91 6.12 2.55 12.93
CA LEU A 91 7.56 2.54 12.73
C LEU A 91 8.10 3.94 12.49
N LYS A 92 7.23 4.83 12.00
CA LYS A 92 7.59 6.24 11.73
C LYS A 92 6.33 7.05 11.39
N PRO A 93 6.11 8.23 12.03
CA PRO A 93 4.93 9.09 11.79
C PRO A 93 4.71 9.45 10.31
N GLY A 94 3.46 9.32 9.87
CA GLY A 94 3.11 9.65 8.50
C GLY A 94 2.36 10.96 8.45
N LYS A 95 3.13 12.05 8.37
CA LYS A 95 2.56 13.40 8.34
C LYS A 95 3.00 14.20 7.11
N VAL A 96 3.29 13.48 6.01
CA VAL A 96 3.72 14.13 4.77
C VAL A 96 2.70 13.84 3.66
N ASP A 97 2.41 14.85 2.84
CA ASP A 97 1.43 14.71 1.75
C ASP A 97 2.12 14.80 0.38
N VAL A 98 1.98 13.73 -0.41
CA VAL A 98 2.58 13.65 -1.75
C VAL A 98 1.49 13.37 -2.79
N LYS A 99 1.47 14.17 -3.86
CA LYS A 99 0.48 14.01 -4.93
C LYS A 99 0.91 12.88 -5.88
N THR A 100 -0.06 12.32 -6.63
CA THR A 100 0.24 11.24 -7.57
C THR A 100 0.09 11.71 -9.02
N ASP A 101 0.72 10.98 -9.94
CA ASP A 101 0.66 11.29 -11.36
C ASP A 101 0.12 10.10 -12.16
N LYS A 102 0.11 10.23 -13.49
CA LYS A 102 -0.42 9.17 -14.37
C LYS A 102 0.50 7.95 -14.46
N TRP A 103 1.76 8.09 -14.04
CA TRP A 103 2.72 6.98 -14.09
C TRP A 103 2.56 6.06 -12.87
N ASP A 104 1.66 6.45 -11.96
CA ASP A 104 1.39 5.68 -10.75
C ASP A 104 0.19 4.75 -10.93
N PHE A 105 -0.73 5.13 -11.83
CA PHE A 105 -1.92 4.33 -12.08
C PHE A 105 -2.06 3.97 -13.57
N TYR A 106 -1.06 3.25 -14.07
CA TYR A 106 -1.03 2.79 -15.47
C TYR A 106 -0.22 1.49 -15.54
N CYS A 107 -0.76 0.48 -16.20
CA CYS A 107 -0.09 -0.83 -16.27
C CYS A 107 0.12 -1.33 -17.70
N GLN A 108 0.24 -0.41 -18.64
CA GLN A 108 0.45 -0.77 -20.04
C GLN A 108 1.82 -0.29 -20.52
N MET A 1 -3.83 -5.64 -15.17
CA MET A 1 -3.01 -5.15 -16.32
C MET A 1 -3.81 -4.14 -17.16
N GLY A 2 -3.24 -2.95 -17.32
CA GLY A 2 -3.91 -1.90 -18.09
C GLY A 2 -4.33 -0.72 -17.23
N PRO A 3 -4.98 0.31 -17.82
CA PRO A 3 -5.44 1.48 -17.07
C PRO A 3 -6.73 1.21 -16.30
N MET A 4 -6.72 1.57 -15.03
CA MET A 4 -7.87 1.36 -14.13
C MET A 4 -8.08 2.59 -13.23
N PRO A 5 -9.27 2.73 -12.52
CA PRO A 5 -9.57 3.87 -11.64
C PRO A 5 -8.41 4.26 -10.72
N LYS A 6 -8.31 5.56 -10.44
CA LYS A 6 -7.23 6.10 -9.60
C LYS A 6 -7.44 5.82 -8.11
N LEU A 7 -8.71 5.61 -7.71
CA LEU A 7 -9.13 5.36 -6.30
C LEU A 7 -9.16 6.67 -5.51
N ALA A 8 -8.07 7.44 -5.59
CA ALA A 8 -7.95 8.72 -4.89
C ALA A 8 -7.07 9.68 -5.68
N ASP A 9 -6.65 10.78 -5.05
CA ASP A 9 -5.80 11.78 -5.70
C ASP A 9 -4.47 11.96 -4.97
N ARG A 10 -4.53 11.99 -3.63
CA ARG A 10 -3.32 12.17 -2.81
C ARG A 10 -3.18 11.07 -1.76
N LYS A 11 -1.97 10.92 -1.24
CA LYS A 11 -1.65 9.91 -0.23
C LYS A 11 -0.93 10.52 0.98
N LEU A 12 -0.72 9.67 1.99
CA LEU A 12 -0.02 10.08 3.21
C LEU A 12 1.23 9.24 3.39
N CYS A 13 2.40 9.89 3.30
CA CYS A 13 3.68 9.21 3.46
C CYS A 13 4.48 9.83 4.60
N ALA A 14 5.60 9.19 4.96
CA ALA A 14 6.46 9.67 6.04
C ALA A 14 7.36 10.80 5.55
N ASP A 15 7.91 10.64 4.34
CA ASP A 15 8.79 11.65 3.76
C ASP A 15 8.30 12.04 2.36
N GLN A 16 8.96 13.05 1.77
CA GLN A 16 8.60 13.55 0.44
C GLN A 16 8.89 12.50 -0.64
N GLU A 17 9.75 11.53 -0.32
CA GLU A 17 10.10 10.46 -1.26
C GLU A 17 9.14 9.30 -1.13
N CYS A 18 8.43 9.24 0.01
CA CYS A 18 7.47 8.17 0.32
C CYS A 18 8.20 6.82 0.32
N SER A 19 9.50 6.88 0.60
CA SER A 19 10.37 5.72 0.64
C SER A 19 10.63 5.31 2.10
N HIS A 20 9.56 5.39 2.90
CA HIS A 20 9.62 5.06 4.32
C HIS A 20 8.34 4.33 4.79
N PRO A 21 8.46 3.34 5.71
CA PRO A 21 7.30 2.61 6.22
C PRO A 21 6.71 3.29 7.47
N ILE A 22 5.46 3.75 7.35
CA ILE A 22 4.79 4.42 8.45
C ILE A 22 4.54 3.48 9.63
N SER A 23 3.71 2.46 9.42
CA SER A 23 3.41 1.51 10.49
C SER A 23 3.36 0.08 9.98
N MET A 24 3.82 -0.83 10.84
CA MET A 24 3.81 -2.26 10.54
C MET A 24 2.50 -2.86 11.03
N ALA A 25 1.67 -3.32 10.08
CA ALA A 25 0.37 -3.88 10.42
C ALA A 25 0.28 -5.36 10.11
N VAL A 26 -0.49 -6.08 10.94
CA VAL A 26 -0.68 -7.51 10.77
C VAL A 26 -1.97 -7.77 9.97
N ALA A 27 -1.92 -8.75 9.06
CA ALA A 27 -3.08 -9.11 8.23
C ALA A 27 -3.95 -10.14 8.93
N LEU A 28 -5.26 -9.90 8.91
CA LEU A 28 -6.23 -10.79 9.55
C LEU A 28 -7.10 -11.55 8.55
N GLN A 29 -6.90 -11.34 7.24
CA GLN A 29 -7.73 -12.04 6.24
C GLN A 29 -6.96 -12.43 4.98
N ASP A 30 -7.63 -13.24 4.16
CA ASP A 30 -7.09 -13.71 2.88
C ASP A 30 -7.61 -12.80 1.75
N TYR A 31 -6.72 -12.45 0.82
CA TYR A 31 -7.08 -11.57 -0.30
C TYR A 31 -6.24 -11.87 -1.53
N MET A 32 -6.86 -11.78 -2.71
CA MET A 32 -6.17 -12.01 -3.98
C MET A 32 -6.10 -10.71 -4.78
N ALA A 33 -4.98 -10.49 -5.47
CA ALA A 33 -4.79 -9.27 -6.26
C ALA A 33 -5.41 -9.39 -7.66
N PRO A 34 -6.48 -8.61 -7.96
CA PRO A 34 -7.14 -8.64 -9.27
C PRO A 34 -6.34 -7.88 -10.34
N ASP A 35 -6.10 -6.59 -10.10
CA ASP A 35 -5.36 -5.75 -11.03
C ASP A 35 -3.85 -5.74 -10.76
N CYS A 36 -3.12 -5.17 -11.71
CA CYS A 36 -1.65 -5.06 -11.67
C CYS A 36 -1.11 -4.24 -10.49
N ARG A 37 -1.92 -3.32 -9.94
CA ARG A 37 -1.46 -2.48 -8.83
C ARG A 37 -1.99 -2.93 -7.47
N PHE A 38 -2.51 -4.16 -7.37
CA PHE A 38 -3.02 -4.67 -6.10
C PHE A 38 -2.11 -5.76 -5.53
N LEU A 39 -2.25 -6.05 -4.24
CA LEU A 39 -1.41 -7.06 -3.56
C LEU A 39 -2.21 -8.29 -3.13
N THR A 40 -1.53 -9.44 -3.13
CA THR A 40 -2.13 -10.71 -2.69
C THR A 40 -1.67 -10.99 -1.26
N ILE A 41 -2.61 -10.91 -0.33
CA ILE A 41 -2.31 -11.11 1.09
C ILE A 41 -2.92 -12.41 1.62
N HIS A 42 -2.27 -12.96 2.65
CA HIS A 42 -2.72 -14.18 3.29
C HIS A 42 -3.04 -13.87 4.76
N ARG A 43 -3.99 -14.62 5.32
CA ARG A 43 -4.40 -14.43 6.70
C ARG A 43 -3.24 -14.72 7.67
N GLY A 44 -2.62 -13.64 8.18
CA GLY A 44 -1.50 -13.78 9.10
C GLY A 44 -0.17 -13.33 8.50
N GLN A 45 -0.23 -12.56 7.40
CA GLN A 45 0.97 -12.07 6.73
C GLN A 45 1.38 -10.69 7.25
N VAL A 46 2.70 -10.47 7.33
CA VAL A 46 3.25 -9.20 7.81
C VAL A 46 3.29 -8.20 6.65
N VAL A 47 2.51 -7.11 6.77
CA VAL A 47 2.45 -6.10 5.71
C VAL A 47 2.90 -4.74 6.24
N TYR A 48 3.77 -4.07 5.48
CA TYR A 48 4.27 -2.75 5.83
C TYR A 48 3.55 -1.66 5.04
N VAL A 49 2.95 -0.71 5.74
CA VAL A 49 2.22 0.39 5.10
C VAL A 49 3.17 1.53 4.76
N PHE A 50 3.09 2.00 3.51
CA PHE A 50 3.94 3.09 3.04
C PHE A 50 3.13 4.36 2.75
N SER A 51 1.95 4.19 2.14
CA SER A 51 1.08 5.33 1.80
C SER A 51 -0.38 5.05 2.11
N LYS A 52 -1.09 6.10 2.56
CA LYS A 52 -2.53 5.99 2.87
C LYS A 52 -3.30 7.01 2.03
N LEU A 53 -4.15 6.51 1.11
CA LEU A 53 -4.93 7.39 0.25
C LEU A 53 -6.07 8.08 0.99
N LYS A 54 -6.41 9.30 0.56
CA LYS A 54 -7.48 10.09 1.18
C LYS A 54 -8.53 10.49 0.15
N GLY A 55 -9.67 10.99 0.64
CA GLY A 55 -10.75 11.41 -0.24
C GLY A 55 -11.74 10.30 -0.54
N ARG A 56 -11.83 9.94 -1.82
CA ARG A 56 -12.73 8.87 -2.26
C ARG A 56 -12.23 7.50 -1.80
N GLY A 57 -10.91 7.38 -1.71
CA GLY A 57 -10.30 6.13 -1.27
C GLY A 57 -9.65 6.27 0.10
N ARG A 58 -10.43 6.80 1.05
CA ARG A 58 -9.94 7.01 2.42
C ARG A 58 -9.72 5.69 3.16
N LEU A 59 -10.32 4.61 2.65
CA LEU A 59 -10.18 3.29 3.27
C LEU A 59 -9.21 2.41 2.47
N PHE A 60 -8.57 3.01 1.45
CA PHE A 60 -7.62 2.28 0.61
C PHE A 60 -6.19 2.67 0.96
N TRP A 61 -5.41 1.68 1.40
CA TRP A 61 -4.02 1.89 1.77
C TRP A 61 -3.10 1.22 0.75
N GLY A 62 -1.79 1.34 0.96
CA GLY A 62 -0.84 0.75 0.04
C GLY A 62 0.53 0.57 0.67
N GLY A 63 1.31 -0.37 0.13
CA GLY A 63 2.63 -0.65 0.64
C GLY A 63 3.24 -1.90 0.05
N SER A 64 4.05 -2.60 0.84
CA SER A 64 4.71 -3.83 0.38
C SER A 64 4.63 -4.90 1.47
N VAL A 65 4.15 -6.08 1.09
CA VAL A 65 4.02 -7.20 2.03
C VAL A 65 5.30 -8.02 2.12
N GLN A 66 5.78 -8.20 3.35
CA GLN A 66 6.98 -8.99 3.60
C GLN A 66 6.59 -10.48 3.64
N GLY A 67 5.84 -10.84 4.70
CA GLY A 67 5.37 -12.21 4.86
C GLY A 67 6.46 -13.16 5.31
N ASP A 68 7.33 -13.52 4.39
CA ASP A 68 8.43 -14.43 4.66
C ASP A 68 9.73 -13.92 4.05
N TYR A 69 9.60 -13.24 2.92
CA TYR A 69 10.72 -12.67 2.16
C TYR A 69 11.77 -13.73 1.81
N TYR A 70 11.56 -14.40 0.68
CA TYR A 70 12.46 -15.45 0.21
C TYR A 70 13.12 -15.06 -1.11
N GLY A 71 12.67 -13.96 -1.71
CA GLY A 71 13.22 -13.50 -2.97
C GLY A 71 13.11 -12.00 -3.14
N ASP A 72 12.25 -11.58 -4.06
CA ASP A 72 12.03 -10.15 -4.33
C ASP A 72 10.57 -9.88 -4.67
N LEU A 73 9.88 -9.19 -3.76
CA LEU A 73 8.46 -8.86 -3.94
C LEU A 73 8.14 -7.48 -3.38
N ALA A 74 9.05 -6.95 -2.56
CA ALA A 74 8.87 -5.63 -1.95
C ALA A 74 9.37 -4.52 -2.87
N ALA A 75 9.94 -4.91 -4.02
CA ALA A 75 10.47 -3.94 -4.99
C ALA A 75 9.34 -3.15 -5.62
N ARG A 76 8.21 -3.82 -5.84
CA ARG A 76 7.03 -3.20 -6.43
C ARG A 76 6.04 -2.81 -5.33
N LEU A 77 5.32 -1.71 -5.55
CA LEU A 77 4.35 -1.22 -4.58
C LEU A 77 2.92 -1.47 -5.05
N GLY A 78 2.12 -2.10 -4.17
CA GLY A 78 0.74 -2.40 -4.48
C GLY A 78 -0.22 -1.73 -3.52
N TYR A 79 -1.51 -2.05 -3.65
CA TYR A 79 -2.54 -1.47 -2.80
C TYR A 79 -3.44 -2.56 -2.19
N PHE A 80 -3.93 -2.30 -0.98
CA PHE A 80 -4.77 -3.26 -0.25
C PHE A 80 -5.82 -2.53 0.63
N PRO A 81 -6.96 -3.20 0.99
CA PRO A 81 -8.00 -2.59 1.83
C PRO A 81 -7.62 -2.59 3.31
N SER A 82 -7.68 -1.41 3.92
CA SER A 82 -7.34 -1.23 5.34
C SER A 82 -8.27 -2.02 6.26
N SER A 83 -9.43 -2.40 5.73
CA SER A 83 -10.45 -3.14 6.49
C SER A 83 -9.96 -4.52 6.94
N ILE A 84 -8.87 -5.03 6.34
CA ILE A 84 -8.36 -6.34 6.73
C ILE A 84 -7.06 -6.27 7.53
N VAL A 85 -6.47 -5.07 7.66
CA VAL A 85 -5.23 -4.93 8.40
C VAL A 85 -5.45 -4.27 9.76
N ARG A 86 -4.47 -4.45 10.65
CA ARG A 86 -4.54 -3.87 11.99
C ARG A 86 -3.18 -3.35 12.43
N GLU A 87 -3.06 -2.02 12.51
CA GLU A 87 -1.82 -1.37 12.92
C GLU A 87 -1.59 -1.54 14.42
N ASP A 88 -0.37 -1.92 14.78
CA ASP A 88 -0.02 -2.14 16.18
C ASP A 88 1.21 -1.35 16.60
N GLN A 89 2.17 -1.18 15.68
CA GLN A 89 3.40 -0.46 16.01
C GLN A 89 3.87 0.44 14.85
N THR A 90 4.05 1.73 15.13
CA THR A 90 4.50 2.72 14.13
C THR A 90 6.03 2.78 14.12
N LEU A 91 6.60 2.60 12.93
CA LEU A 91 8.05 2.62 12.75
C LEU A 91 8.55 4.04 12.51
N LYS A 92 7.82 4.77 11.68
CA LYS A 92 8.17 6.15 11.33
C LYS A 92 6.87 6.98 11.15
N PRO A 93 6.78 8.21 11.75
CA PRO A 93 5.57 9.04 11.65
C PRO A 93 5.22 9.45 10.21
N GLY A 94 3.94 9.26 9.86
CA GLY A 94 3.46 9.61 8.54
C GLY A 94 2.60 10.85 8.58
N LYS A 95 3.22 12.01 8.35
CA LYS A 95 2.52 13.29 8.40
C LYS A 95 2.93 14.23 7.25
N VAL A 96 3.19 13.64 6.07
CA VAL A 96 3.57 14.42 4.88
C VAL A 96 2.67 14.04 3.69
N ASP A 97 1.86 14.99 3.25
CA ASP A 97 0.93 14.79 2.14
C ASP A 97 1.64 14.92 0.79
N VAL A 98 1.57 13.85 -0.02
CA VAL A 98 2.19 13.82 -1.35
C VAL A 98 1.14 13.44 -2.40
N LYS A 99 1.18 14.12 -3.55
CA LYS A 99 0.24 13.83 -4.63
C LYS A 99 0.69 12.60 -5.42
N THR A 100 -0.26 11.90 -6.05
CA THR A 100 0.06 10.70 -6.83
C THR A 100 0.14 11.02 -8.32
N ASP A 101 1.19 10.50 -8.97
CA ASP A 101 1.41 10.70 -10.40
C ASP A 101 0.64 9.66 -11.21
N LYS A 102 0.84 9.67 -12.54
CA LYS A 102 0.16 8.71 -13.42
C LYS A 102 0.92 7.39 -13.51
N TRP A 103 2.06 7.29 -12.82
CA TRP A 103 2.87 6.07 -12.82
C TRP A 103 2.67 5.28 -11.52
N ASP A 104 1.55 5.53 -10.85
CA ASP A 104 1.23 4.86 -9.59
C ASP A 104 0.07 3.87 -9.76
N PHE A 105 -0.66 3.98 -10.88
CA PHE A 105 -1.80 3.10 -11.17
C PHE A 105 -2.01 2.93 -12.68
N TYR A 106 -0.92 2.63 -13.40
CA TYR A 106 -0.98 2.43 -14.85
C TYR A 106 0.14 1.47 -15.29
N CYS A 107 -0.27 0.24 -15.66
CA CYS A 107 0.69 -0.79 -16.09
C CYS A 107 0.65 -0.98 -17.61
N GLN A 108 1.84 -1.17 -18.20
CA GLN A 108 1.98 -1.38 -19.64
C GLN A 108 3.04 -2.44 -19.94
N MET A 1 -2.14 -5.56 -15.08
CA MET A 1 -1.25 -4.74 -15.94
C MET A 1 -2.07 -3.95 -16.98
N GLY A 2 -1.83 -2.64 -17.01
CA GLY A 2 -2.54 -1.78 -17.94
C GLY A 2 -3.03 -0.49 -17.28
N PRO A 3 -3.57 0.48 -18.07
CA PRO A 3 -4.07 1.74 -17.52
C PRO A 3 -5.47 1.60 -16.94
N MET A 4 -5.56 1.71 -15.61
CA MET A 4 -6.84 1.59 -14.90
C MET A 4 -7.19 2.92 -14.20
N PRO A 5 -8.50 3.19 -13.92
CA PRO A 5 -8.93 4.44 -13.26
C PRO A 5 -8.24 4.67 -11.91
N LYS A 6 -8.01 5.95 -11.59
CA LYS A 6 -7.34 6.34 -10.35
C LYS A 6 -8.13 5.90 -9.11
N LEU A 7 -7.39 5.38 -8.13
CA LEU A 7 -7.98 4.92 -6.87
C LEU A 7 -8.20 6.12 -5.96
N ALA A 8 -7.25 7.05 -5.99
CA ALA A 8 -7.30 8.26 -5.19
C ALA A 8 -6.44 9.37 -5.82
N ASP A 9 -6.41 10.54 -5.19
CA ASP A 9 -5.64 11.67 -5.70
C ASP A 9 -4.33 11.83 -4.93
N ARG A 10 -4.44 12.08 -3.61
CA ARG A 10 -3.26 12.24 -2.75
C ARG A 10 -3.22 11.18 -1.66
N LYS A 11 -2.00 10.84 -1.25
CA LYS A 11 -1.76 9.85 -0.21
C LYS A 11 -0.93 10.43 0.93
N LEU A 12 -0.78 9.67 2.01
CA LEU A 12 0.00 10.10 3.18
C LEU A 12 1.19 9.18 3.38
N CYS A 13 2.39 9.73 3.20
CA CYS A 13 3.64 8.98 3.35
C CYS A 13 4.48 9.57 4.48
N ALA A 14 5.62 8.92 4.77
CA ALA A 14 6.51 9.39 5.83
C ALA A 14 7.42 10.52 5.34
N ASP A 15 7.70 10.53 4.03
CA ASP A 15 8.54 11.57 3.43
C ASP A 15 8.18 11.79 1.95
N GLN A 16 8.86 12.75 1.31
CA GLN A 16 8.62 13.09 -0.09
C GLN A 16 8.94 11.93 -1.05
N GLU A 17 9.76 10.98 -0.58
CA GLU A 17 10.13 9.82 -1.39
C GLU A 17 9.13 8.69 -1.23
N CYS A 18 8.40 8.71 -0.10
CA CYS A 18 7.41 7.68 0.24
C CYS A 18 8.07 6.30 0.21
N SER A 19 9.35 6.28 0.56
CA SER A 19 10.15 5.07 0.59
C SER A 19 10.24 4.49 2.00
N HIS A 20 9.69 5.22 2.97
CA HIS A 20 9.68 4.81 4.37
C HIS A 20 8.32 4.23 4.79
N PRO A 21 8.30 3.27 5.76
CA PRO A 21 7.07 2.67 6.25
C PRO A 21 6.51 3.39 7.48
N ILE A 22 5.23 3.75 7.43
CA ILE A 22 4.60 4.45 8.55
C ILE A 22 4.39 3.52 9.73
N SER A 23 3.58 2.48 9.53
CA SER A 23 3.28 1.54 10.60
C SER A 23 3.27 0.09 10.12
N MET A 24 3.68 -0.81 11.01
CA MET A 24 3.71 -2.24 10.72
C MET A 24 2.36 -2.85 11.12
N ALA A 25 1.59 -3.29 10.13
CA ALA A 25 0.28 -3.86 10.38
C ALA A 25 0.24 -5.36 10.08
N VAL A 26 -0.52 -6.10 10.88
CA VAL A 26 -0.66 -7.55 10.71
C VAL A 26 -1.96 -7.88 9.96
N ALA A 27 -1.89 -8.85 9.03
CA ALA A 27 -3.04 -9.26 8.24
C ALA A 27 -3.88 -10.31 8.98
N LEU A 28 -5.21 -10.11 8.99
CA LEU A 28 -6.13 -11.02 9.66
C LEU A 28 -6.80 -11.99 8.70
N GLN A 29 -6.73 -11.72 7.39
CA GLN A 29 -7.35 -12.58 6.40
C GLN A 29 -6.61 -12.54 5.04
N ASP A 30 -7.17 -13.24 4.04
CA ASP A 30 -6.59 -13.29 2.71
C ASP A 30 -7.24 -12.31 1.75
N TYR A 31 -6.47 -11.92 0.73
CA TYR A 31 -6.90 -11.00 -0.31
C TYR A 31 -6.15 -11.31 -1.60
N MET A 32 -6.79 -11.06 -2.76
CA MET A 32 -6.16 -11.30 -4.04
C MET A 32 -6.17 -10.05 -4.91
N ALA A 33 -5.06 -9.83 -5.62
CA ALA A 33 -4.91 -8.66 -6.47
C ALA A 33 -5.29 -8.94 -7.93
N PRO A 34 -6.35 -8.28 -8.47
CA PRO A 34 -6.77 -8.47 -9.86
C PRO A 34 -5.77 -7.81 -10.82
N ASP A 35 -5.68 -6.48 -10.74
CA ASP A 35 -4.76 -5.72 -11.58
C ASP A 35 -3.41 -5.50 -10.88
N CYS A 36 -2.44 -4.98 -11.64
CA CYS A 36 -1.08 -4.71 -11.15
C CYS A 36 -1.04 -3.60 -10.09
N ARG A 37 -2.14 -2.86 -9.94
CA ARG A 37 -2.21 -1.77 -8.98
C ARG A 37 -2.54 -2.26 -7.55
N PHE A 38 -3.10 -3.48 -7.43
CA PHE A 38 -3.44 -4.03 -6.12
C PHE A 38 -2.37 -5.00 -5.60
N LEU A 39 -2.52 -5.43 -4.35
CA LEU A 39 -1.55 -6.35 -3.71
C LEU A 39 -2.25 -7.60 -3.15
N THR A 40 -1.61 -8.76 -3.34
CA THR A 40 -2.13 -10.04 -2.84
C THR A 40 -1.55 -10.32 -1.44
N ILE A 41 -2.44 -10.54 -0.47
CA ILE A 41 -2.04 -10.79 0.91
C ILE A 41 -2.63 -12.11 1.44
N HIS A 42 -1.93 -12.74 2.39
CA HIS A 42 -2.36 -13.98 3.01
C HIS A 42 -2.56 -13.77 4.51
N ARG A 43 -3.44 -14.57 5.12
CA ARG A 43 -3.73 -14.46 6.55
C ARG A 43 -2.49 -14.74 7.40
N GLY A 44 -2.03 -13.72 8.14
CA GLY A 44 -0.87 -13.87 9.00
C GLY A 44 0.40 -13.23 8.45
N GLN A 45 0.31 -12.58 7.28
CA GLN A 45 1.49 -11.93 6.69
C GLN A 45 1.75 -10.56 7.29
N VAL A 46 3.03 -10.20 7.38
CA VAL A 46 3.45 -8.91 7.90
C VAL A 46 3.42 -7.88 6.78
N VAL A 47 2.41 -7.01 6.80
CA VAL A 47 2.27 -6.01 5.74
C VAL A 47 2.66 -4.62 6.23
N TYR A 48 3.70 -4.06 5.60
CA TYR A 48 4.18 -2.72 5.93
C TYR A 48 3.38 -1.67 5.15
N VAL A 49 2.74 -0.75 5.89
CA VAL A 49 1.93 0.31 5.28
C VAL A 49 2.81 1.51 4.94
N PHE A 50 2.95 1.80 3.64
CA PHE A 50 3.77 2.92 3.18
C PHE A 50 2.95 4.19 2.97
N SER A 51 1.72 4.04 2.45
CA SER A 51 0.87 5.20 2.17
C SER A 51 -0.61 4.95 2.49
N LYS A 52 -1.29 6.01 2.90
CA LYS A 52 -2.73 5.95 3.20
C LYS A 52 -3.47 6.94 2.30
N LEU A 53 -4.32 6.42 1.42
CA LEU A 53 -5.06 7.27 0.47
C LEU A 53 -6.13 8.12 1.17
N LYS A 54 -6.45 9.27 0.57
CA LYS A 54 -7.45 10.19 1.13
C LYS A 54 -8.53 10.55 0.10
N GLY A 55 -8.11 10.77 -1.16
CA GLY A 55 -9.03 11.14 -2.22
C GLY A 55 -10.10 10.08 -2.48
N ARG A 56 -11.33 10.36 -2.00
CA ARG A 56 -12.50 9.46 -2.12
C ARG A 56 -12.17 7.97 -1.85
N GLY A 57 -11.14 7.75 -1.03
CA GLY A 57 -10.73 6.41 -0.68
C GLY A 57 -9.89 6.37 0.58
N ARG A 58 -10.41 6.98 1.64
CA ARG A 58 -9.71 7.03 2.94
C ARG A 58 -9.71 5.67 3.63
N LEU A 59 -10.54 4.76 3.14
CA LEU A 59 -10.63 3.41 3.70
C LEU A 59 -9.67 2.47 2.97
N PHE A 60 -8.91 3.01 2.00
CA PHE A 60 -7.95 2.23 1.23
C PHE A 60 -6.51 2.66 1.53
N TRP A 61 -5.70 1.69 1.92
CA TRP A 61 -4.30 1.92 2.23
C TRP A 61 -3.41 1.27 1.18
N GLY A 62 -2.09 1.30 1.39
CA GLY A 62 -1.17 0.72 0.44
C GLY A 62 0.19 0.41 1.05
N GLY A 63 0.85 -0.60 0.49
CA GLY A 63 2.16 -1.00 0.97
C GLY A 63 2.68 -2.25 0.29
N SER A 64 3.53 -2.99 1.01
CA SER A 64 4.12 -4.23 0.49
C SER A 64 4.14 -5.31 1.57
N VAL A 65 4.45 -6.55 1.16
CA VAL A 65 4.49 -7.67 2.09
C VAL A 65 5.92 -8.12 2.41
N GLN A 66 6.27 -8.08 3.70
CA GLN A 66 7.58 -8.51 4.16
C GLN A 66 7.50 -9.99 4.55
N GLY A 67 6.28 -10.41 4.93
CA GLY A 67 6.01 -11.77 5.32
C GLY A 67 6.35 -12.74 4.21
N ASP A 68 7.50 -13.40 4.40
CA ASP A 68 8.07 -14.38 3.47
C ASP A 68 8.75 -13.67 2.29
N TYR A 69 9.96 -13.16 2.56
CA TYR A 69 10.76 -12.46 1.57
C TYR A 69 11.74 -13.44 0.91
N TYR A 70 12.90 -13.66 1.56
CA TYR A 70 13.94 -14.58 1.09
C TYR A 70 14.26 -14.43 -0.41
N GLY A 71 14.45 -13.18 -0.85
CA GLY A 71 14.77 -12.93 -2.25
C GLY A 71 14.51 -11.50 -2.66
N ASP A 72 13.40 -11.28 -3.37
CA ASP A 72 13.01 -9.96 -3.86
C ASP A 72 11.55 -9.97 -4.31
N LEU A 73 10.71 -9.21 -3.59
CA LEU A 73 9.28 -9.12 -3.90
C LEU A 73 8.64 -7.87 -3.30
N ALA A 74 9.46 -7.01 -2.71
CA ALA A 74 8.98 -5.77 -2.11
C ALA A 74 8.96 -4.63 -3.13
N ALA A 75 9.41 -4.93 -4.35
CA ALA A 75 9.45 -3.95 -5.44
C ALA A 75 8.05 -3.64 -5.94
N ARG A 76 7.20 -4.68 -5.98
CA ARG A 76 5.82 -4.52 -6.44
C ARG A 76 4.95 -3.91 -5.33
N LEU A 77 4.73 -2.60 -5.45
CA LEU A 77 3.93 -1.86 -4.48
C LEU A 77 2.47 -1.82 -4.92
N GLY A 78 1.54 -2.13 -4.01
CA GLY A 78 0.12 -2.14 -4.36
C GLY A 78 -0.78 -1.61 -3.26
N TYR A 79 -2.09 -1.64 -3.52
CA TYR A 79 -3.08 -1.16 -2.55
C TYR A 79 -3.91 -2.32 -2.00
N PHE A 80 -4.48 -2.10 -0.81
CA PHE A 80 -5.30 -3.12 -0.13
C PHE A 80 -6.31 -2.45 0.84
N PRO A 81 -7.45 -3.12 1.19
CA PRO A 81 -8.44 -2.55 2.11
C PRO A 81 -7.93 -2.52 3.55
N SER A 82 -8.16 -1.39 4.24
CA SER A 82 -7.71 -1.23 5.62
C SER A 82 -8.43 -2.21 6.56
N SER A 83 -9.61 -2.66 6.15
CA SER A 83 -10.43 -3.59 6.93
C SER A 83 -9.80 -4.97 7.09
N ILE A 84 -8.81 -5.32 6.25
CA ILE A 84 -8.18 -6.63 6.35
C ILE A 84 -6.91 -6.61 7.21
N VAL A 85 -6.47 -5.41 7.61
CA VAL A 85 -5.27 -5.28 8.44
C VAL A 85 -5.55 -4.59 9.75
N ARG A 86 -4.58 -4.67 10.67
CA ARG A 86 -4.70 -4.05 11.98
C ARG A 86 -3.36 -3.44 12.41
N GLU A 87 -3.36 -2.12 12.57
CA GLU A 87 -2.17 -1.39 12.99
C GLU A 87 -1.94 -1.55 14.48
N ASP A 88 -0.71 -1.95 14.85
CA ASP A 88 -0.37 -2.16 16.25
C ASP A 88 0.84 -1.31 16.66
N GLN A 89 1.80 -1.14 15.75
CA GLN A 89 3.01 -0.37 16.06
C GLN A 89 3.40 0.56 14.90
N THR A 90 3.78 1.80 15.23
CA THR A 90 4.20 2.78 14.22
C THR A 90 5.73 2.83 14.18
N LEU A 91 6.29 2.62 12.98
CA LEU A 91 7.74 2.59 12.78
C LEU A 91 8.31 3.99 12.55
N LYS A 92 7.59 4.81 11.79
CA LYS A 92 8.03 6.17 11.48
C LYS A 92 6.82 7.07 11.15
N PRO A 93 6.74 8.32 11.73
CA PRO A 93 5.62 9.26 11.50
C PRO A 93 5.28 9.48 10.03
N GLY A 94 3.99 9.40 9.71
CA GLY A 94 3.50 9.63 8.36
C GLY A 94 2.70 10.90 8.29
N LYS A 95 3.40 12.02 8.17
CA LYS A 95 2.76 13.34 8.14
C LYS A 95 3.20 14.18 6.91
N VAL A 96 3.40 13.51 5.77
CA VAL A 96 3.80 14.18 4.53
C VAL A 96 2.83 13.84 3.40
N ASP A 97 2.09 14.84 2.91
CA ASP A 97 1.12 14.64 1.84
C ASP A 97 1.79 14.73 0.46
N VAL A 98 1.69 13.62 -0.30
CA VAL A 98 2.27 13.55 -1.65
C VAL A 98 1.22 13.06 -2.65
N LYS A 99 1.10 13.74 -3.79
CA LYS A 99 0.13 13.36 -4.83
C LYS A 99 0.69 12.24 -5.71
N THR A 100 -0.20 11.54 -6.42
CA THR A 100 0.21 10.43 -7.29
C THR A 100 0.18 10.85 -8.76
N ASP A 101 1.20 10.42 -9.51
CA ASP A 101 1.32 10.73 -10.94
C ASP A 101 0.62 9.67 -11.78
N LYS A 102 0.74 9.80 -13.12
CA LYS A 102 0.12 8.85 -14.04
C LYS A 102 0.94 7.57 -14.19
N TRP A 103 2.22 7.64 -13.80
CA TRP A 103 3.12 6.48 -13.90
C TRP A 103 2.92 5.50 -12.75
N ASP A 104 2.05 5.86 -11.81
CA ASP A 104 1.75 5.01 -10.66
C ASP A 104 0.68 3.96 -10.98
N PHE A 105 -0.31 4.35 -11.77
CA PHE A 105 -1.40 3.45 -12.15
C PHE A 105 -1.12 2.74 -13.47
N TYR A 106 -0.14 3.25 -14.21
CA TYR A 106 0.24 2.68 -15.50
C TYR A 106 1.30 1.60 -15.34
N CYS A 107 0.86 0.34 -15.26
CA CYS A 107 1.76 -0.81 -15.08
C CYS A 107 1.94 -1.56 -16.39
N GLN A 108 3.11 -1.40 -16.99
CA GLN A 108 3.45 -2.07 -18.25
C GLN A 108 4.92 -2.51 -18.25
N MET A 1 -4.51 -5.16 -15.19
CA MET A 1 -3.59 -4.80 -16.30
C MET A 1 -4.31 -3.96 -17.35
N GLY A 2 -3.89 -2.71 -17.49
CA GLY A 2 -4.51 -1.81 -18.46
C GLY A 2 -4.95 -0.49 -17.84
N PRO A 3 -5.47 0.47 -18.66
CA PRO A 3 -5.93 1.76 -18.15
C PRO A 3 -7.30 1.67 -17.48
N MET A 4 -7.34 2.06 -16.21
CA MET A 4 -8.57 2.03 -15.42
C MET A 4 -8.70 3.28 -14.54
N PRO A 5 -9.93 3.67 -14.09
CA PRO A 5 -10.14 4.86 -13.24
C PRO A 5 -9.28 4.82 -11.97
N LYS A 6 -8.82 6.00 -11.56
CA LYS A 6 -7.98 6.14 -10.37
C LYS A 6 -8.78 5.89 -9.10
N LEU A 7 -8.17 5.18 -8.15
CA LEU A 7 -8.81 4.87 -6.87
C LEU A 7 -8.82 6.12 -5.99
N ALA A 8 -7.69 6.83 -5.96
CA ALA A 8 -7.55 8.06 -5.18
C ALA A 8 -6.66 9.05 -5.91
N ASP A 9 -6.53 10.26 -5.35
CA ASP A 9 -5.72 11.30 -5.96
C ASP A 9 -4.45 11.57 -5.16
N ARG A 10 -4.59 11.69 -3.83
CA ARG A 10 -3.44 11.94 -2.96
C ARG A 10 -3.30 10.87 -1.87
N LYS A 11 -2.07 10.72 -1.40
CA LYS A 11 -1.72 9.76 -0.36
C LYS A 11 -0.89 10.43 0.73
N LEU A 12 -0.68 9.74 1.84
CA LEU A 12 0.11 10.28 2.93
C LEU A 12 1.22 9.32 3.33
N CYS A 13 2.47 9.76 3.15
CA CYS A 13 3.65 8.97 3.47
C CYS A 13 4.43 9.62 4.61
N ALA A 14 5.52 8.98 5.02
CA ALA A 14 6.38 9.50 6.09
C ALA A 14 7.31 10.58 5.55
N ASP A 15 7.85 10.33 4.36
CA ASP A 15 8.76 11.27 3.71
C ASP A 15 8.25 11.61 2.31
N GLN A 16 8.88 12.60 1.67
CA GLN A 16 8.49 13.03 0.32
C GLN A 16 8.86 11.96 -0.71
N GLU A 17 9.74 11.03 -0.30
CA GLU A 17 10.18 9.94 -1.16
C GLU A 17 9.24 8.75 -1.02
N CYS A 18 8.48 8.75 0.09
CA CYS A 18 7.53 7.67 0.42
C CYS A 18 8.26 6.32 0.44
N SER A 19 9.53 6.38 0.84
CA SER A 19 10.39 5.22 0.91
C SER A 19 10.45 4.66 2.33
N HIS A 20 9.86 5.41 3.27
CA HIS A 20 9.82 5.01 4.68
C HIS A 20 8.50 4.32 5.04
N PRO A 21 8.50 3.33 5.98
CA PRO A 21 7.29 2.64 6.40
C PRO A 21 6.64 3.33 7.61
N ILE A 22 5.40 3.76 7.43
CA ILE A 22 4.67 4.45 8.48
C ILE A 22 4.32 3.52 9.64
N SER A 23 3.46 2.54 9.38
CA SER A 23 3.02 1.60 10.42
C SER A 23 3.03 0.16 9.94
N MET A 24 3.50 -0.72 10.81
CA MET A 24 3.55 -2.15 10.54
C MET A 24 2.24 -2.78 11.01
N ALA A 25 1.44 -3.23 10.04
CA ALA A 25 0.14 -3.83 10.35
C ALA A 25 0.09 -5.30 9.97
N VAL A 26 -0.63 -6.08 10.79
CA VAL A 26 -0.79 -7.52 10.56
C VAL A 26 -2.08 -7.81 9.79
N ALA A 27 -2.02 -8.79 8.86
CA ALA A 27 -3.19 -9.18 8.06
C ALA A 27 -4.06 -10.18 8.80
N LEU A 28 -5.37 -9.90 8.82
CA LEU A 28 -6.36 -10.74 9.50
C LEU A 28 -6.98 -11.80 8.59
N GLN A 29 -6.67 -11.77 7.28
CA GLN A 29 -7.24 -12.77 6.35
C GLN A 29 -6.53 -12.77 5.00
N ASP A 30 -7.05 -13.60 4.08
CA ASP A 30 -6.50 -13.75 2.73
C ASP A 30 -7.11 -12.73 1.75
N TYR A 31 -6.30 -12.33 0.77
CA TYR A 31 -6.72 -11.38 -0.25
C TYR A 31 -5.95 -11.62 -1.55
N MET A 32 -6.64 -11.61 -2.68
CA MET A 32 -6.02 -11.82 -3.97
C MET A 32 -6.08 -10.52 -4.79
N ALA A 33 -5.00 -10.21 -5.50
CA ALA A 33 -4.93 -8.99 -6.31
C ALA A 33 -5.38 -9.22 -7.75
N PRO A 34 -6.59 -8.72 -8.15
CA PRO A 34 -7.09 -8.88 -9.52
C PRO A 34 -6.42 -7.94 -10.52
N ASP A 35 -6.27 -6.67 -10.10
CA ASP A 35 -5.67 -5.63 -10.93
C ASP A 35 -4.15 -5.54 -10.70
N CYS A 36 -3.46 -4.98 -11.70
CA CYS A 36 -2.00 -4.82 -11.67
C CYS A 36 -1.49 -3.98 -10.48
N ARG A 37 -2.20 -2.91 -10.12
CA ARG A 37 -1.76 -2.05 -9.02
C ARG A 37 -2.33 -2.46 -7.65
N PHE A 38 -2.85 -3.69 -7.56
CA PHE A 38 -3.38 -4.21 -6.29
C PHE A 38 -2.32 -5.13 -5.66
N LEU A 39 -2.51 -5.50 -4.39
CA LEU A 39 -1.55 -6.36 -3.69
C LEU A 39 -2.18 -7.63 -3.12
N THR A 40 -1.52 -8.77 -3.35
CA THR A 40 -1.98 -10.08 -2.85
C THR A 40 -1.39 -10.34 -1.47
N ILE A 41 -2.26 -10.48 -0.47
CA ILE A 41 -1.84 -10.70 0.91
C ILE A 41 -2.44 -12.01 1.46
N HIS A 42 -1.76 -12.62 2.43
CA HIS A 42 -2.24 -13.86 3.04
C HIS A 42 -2.48 -13.67 4.54
N ARG A 43 -3.34 -14.53 5.09
CA ARG A 43 -3.71 -14.51 6.50
C ARG A 43 -2.50 -14.81 7.40
N GLY A 44 -2.17 -13.85 8.27
CA GLY A 44 -1.05 -14.02 9.18
C GLY A 44 0.26 -13.41 8.68
N GLN A 45 0.24 -12.78 7.51
CA GLN A 45 1.46 -12.18 6.95
C GLN A 45 1.68 -10.77 7.47
N VAL A 46 2.94 -10.33 7.42
CA VAL A 46 3.33 -8.99 7.87
C VAL A 46 3.32 -8.03 6.69
N VAL A 47 2.60 -6.91 6.83
CA VAL A 47 2.50 -5.91 5.75
C VAL A 47 2.92 -4.54 6.24
N TYR A 48 3.89 -3.95 5.56
CA TYR A 48 4.39 -2.61 5.89
C TYR A 48 3.65 -1.57 5.05
N VAL A 49 2.97 -0.64 5.74
CA VAL A 49 2.22 0.41 5.06
C VAL A 49 3.13 1.61 4.76
N PHE A 50 3.20 2.00 3.48
CA PHE A 50 4.04 3.12 3.07
C PHE A 50 3.22 4.38 2.80
N SER A 51 1.97 4.20 2.35
CA SER A 51 1.09 5.33 2.05
C SER A 51 -0.36 5.06 2.40
N LYS A 52 -1.08 6.13 2.76
CA LYS A 52 -2.50 6.03 3.09
C LYS A 52 -3.29 7.00 2.23
N LEU A 53 -4.15 6.46 1.35
CA LEU A 53 -4.95 7.29 0.45
C LEU A 53 -6.06 8.01 1.20
N LYS A 54 -6.46 9.19 0.72
CA LYS A 54 -7.53 9.96 1.37
C LYS A 54 -8.57 10.46 0.37
N GLY A 55 -8.11 10.94 -0.79
CA GLY A 55 -9.02 11.45 -1.82
C GLY A 55 -9.97 10.40 -2.35
N ARG A 56 -11.21 10.42 -1.86
CA ARG A 56 -12.27 9.48 -2.28
C ARG A 56 -11.89 8.01 -2.01
N GLY A 57 -10.91 7.82 -1.12
CA GLY A 57 -10.45 6.47 -0.77
C GLY A 57 -9.69 6.45 0.54
N ARG A 58 -10.27 7.06 1.58
CA ARG A 58 -9.65 7.13 2.89
C ARG A 58 -9.59 5.76 3.58
N LEU A 59 -10.44 4.83 3.13
CA LEU A 59 -10.47 3.49 3.70
C LEU A 59 -9.57 2.55 2.90
N PHE A 60 -8.73 3.13 2.03
CA PHE A 60 -7.81 2.36 1.20
C PHE A 60 -6.36 2.78 1.45
N TRP A 61 -5.53 1.79 1.78
CA TRP A 61 -4.11 2.03 2.05
C TRP A 61 -3.25 1.36 0.99
N GLY A 62 -1.93 1.42 1.17
CA GLY A 62 -1.00 0.83 0.22
C GLY A 62 0.37 0.59 0.80
N GLY A 63 1.05 -0.44 0.29
CA GLY A 63 2.38 -0.78 0.77
C GLY A 63 2.92 -2.05 0.14
N SER A 64 3.76 -2.77 0.88
CA SER A 64 4.36 -4.01 0.39
C SER A 64 4.42 -5.05 1.51
N VAL A 65 4.25 -6.32 1.14
CA VAL A 65 4.29 -7.42 2.10
C VAL A 65 5.72 -7.88 2.35
N GLN A 66 6.10 -7.93 3.64
CA GLN A 66 7.43 -8.38 4.02
C GLN A 66 7.52 -9.90 3.86
N GLY A 67 6.95 -10.65 4.84
CA GLY A 67 6.92 -12.11 4.82
C GLY A 67 8.15 -12.74 4.18
N ASP A 68 9.25 -12.80 4.94
CA ASP A 68 10.54 -13.35 4.46
C ASP A 68 11.13 -12.45 3.37
N TYR A 69 12.01 -11.54 3.80
CA TYR A 69 12.64 -10.58 2.91
C TYR A 69 13.85 -11.20 2.19
N TYR A 70 13.58 -11.72 1.00
CA TYR A 70 14.62 -12.35 0.17
C TYR A 70 14.92 -11.49 -1.05
N GLY A 71 14.06 -10.49 -1.29
CA GLY A 71 14.23 -9.59 -2.43
C GLY A 71 13.54 -10.07 -3.68
N ASP A 72 12.27 -10.49 -3.54
CA ASP A 72 11.48 -10.99 -4.66
C ASP A 72 9.99 -10.67 -4.48
N LEU A 73 9.68 -9.83 -3.50
CA LEU A 73 8.29 -9.46 -3.22
C LEU A 73 8.13 -7.98 -2.90
N ALA A 74 9.23 -7.32 -2.52
CA ALA A 74 9.21 -5.90 -2.20
C ALA A 74 9.78 -5.07 -3.37
N ALA A 75 9.48 -5.52 -4.58
CA ALA A 75 9.94 -4.86 -5.79
C ALA A 75 8.88 -3.91 -6.35
N ARG A 76 7.65 -4.05 -5.85
CA ARG A 76 6.54 -3.20 -6.30
C ARG A 76 5.62 -2.84 -5.14
N LEU A 77 4.78 -1.83 -5.36
CA LEU A 77 3.84 -1.37 -4.35
C LEU A 77 2.41 -1.50 -4.84
N GLY A 78 1.57 -2.14 -4.02
CA GLY A 78 0.17 -2.34 -4.37
C GLY A 78 -0.77 -1.79 -3.31
N TYR A 79 -2.07 -1.75 -3.62
CA TYR A 79 -3.05 -1.24 -2.67
C TYR A 79 -3.88 -2.37 -2.06
N PHE A 80 -4.42 -2.11 -0.87
CA PHE A 80 -5.24 -3.09 -0.15
C PHE A 80 -6.22 -2.38 0.80
N PRO A 81 -7.39 -3.02 1.15
CA PRO A 81 -8.37 -2.40 2.05
C PRO A 81 -7.88 -2.38 3.49
N SER A 82 -8.06 -1.24 4.16
CA SER A 82 -7.63 -1.07 5.56
C SER A 82 -8.41 -2.00 6.50
N SER A 83 -9.61 -2.41 6.04
CA SER A 83 -10.48 -3.28 6.83
C SER A 83 -9.91 -4.69 7.03
N ILE A 84 -8.96 -5.10 6.19
CA ILE A 84 -8.37 -6.44 6.34
C ILE A 84 -7.11 -6.44 7.19
N VAL A 85 -6.63 -5.25 7.58
CA VAL A 85 -5.42 -5.15 8.40
C VAL A 85 -5.68 -4.49 9.74
N ARG A 86 -4.70 -4.59 10.64
CA ARG A 86 -4.79 -3.99 11.97
C ARG A 86 -3.44 -3.40 12.38
N GLU A 87 -3.42 -2.08 12.55
CA GLU A 87 -2.20 -1.37 12.97
C GLU A 87 -1.87 -1.68 14.42
N ASP A 88 -0.60 -2.02 14.67
CA ASP A 88 -0.15 -2.36 16.01
C ASP A 88 0.97 -1.44 16.47
N GLN A 89 1.88 -1.11 15.55
CA GLN A 89 3.02 -0.25 15.90
C GLN A 89 3.42 0.68 14.74
N THR A 90 3.81 1.91 15.07
CA THR A 90 4.25 2.90 14.08
C THR A 90 5.77 2.99 14.08
N LEU A 91 6.38 2.75 12.92
CA LEU A 91 7.84 2.78 12.78
C LEU A 91 8.34 4.18 12.48
N LYS A 92 7.53 4.94 11.76
CA LYS A 92 7.86 6.32 11.39
C LYS A 92 6.58 7.15 11.17
N PRO A 93 6.47 8.37 11.78
CA PRO A 93 5.28 9.23 11.64
C PRO A 93 4.95 9.62 10.20
N GLY A 94 3.72 9.31 9.79
CA GLY A 94 3.27 9.65 8.45
C GLY A 94 2.45 10.93 8.47
N LYS A 95 3.12 12.05 8.26
CA LYS A 95 2.48 13.36 8.30
C LYS A 95 2.80 14.22 7.06
N VAL A 96 3.14 13.55 5.95
CA VAL A 96 3.45 14.26 4.70
C VAL A 96 2.45 13.85 3.61
N ASP A 97 1.75 14.85 3.06
CA ASP A 97 0.74 14.61 2.02
C ASP A 97 1.33 14.75 0.62
N VAL A 98 1.54 13.60 -0.03
CA VAL A 98 2.08 13.54 -1.38
C VAL A 98 0.92 13.19 -2.34
N LYS A 99 1.20 13.11 -3.65
CA LYS A 99 0.15 12.78 -4.63
C LYS A 99 0.63 11.71 -5.60
N THR A 100 -0.31 11.12 -6.36
CA THR A 100 0.02 10.07 -7.33
C THR A 100 0.23 10.67 -8.72
N ASP A 101 0.74 9.87 -9.65
CA ASP A 101 0.98 10.32 -11.02
C ASP A 101 0.26 9.43 -12.03
N LYS A 102 0.50 9.68 -13.33
CA LYS A 102 -0.13 8.94 -14.42
C LYS A 102 0.37 7.49 -14.49
N TRP A 103 1.66 7.30 -14.23
CA TRP A 103 2.27 5.97 -14.30
C TRP A 103 2.18 5.22 -12.96
N ASP A 104 0.98 5.22 -12.38
CA ASP A 104 0.72 4.54 -11.11
C ASP A 104 -0.46 3.58 -11.23
N PHE A 105 -1.29 3.80 -12.25
CA PHE A 105 -2.47 2.96 -12.50
C PHE A 105 -2.44 2.35 -13.89
N TYR A 106 -1.59 2.91 -14.76
CA TYR A 106 -1.44 2.45 -16.14
C TYR A 106 -0.36 1.35 -16.22
N CYS A 107 -0.80 0.12 -16.55
CA CYS A 107 0.12 -1.01 -16.64
C CYS A 107 0.14 -1.63 -18.05
N GLN A 108 -0.06 -0.80 -19.04
CA GLN A 108 -0.06 -1.24 -20.43
C GLN A 108 1.03 -0.55 -21.23
N MET A 1 -4.98 -6.15 -16.39
CA MET A 1 -3.98 -5.05 -16.53
C MET A 1 -4.47 -4.00 -17.52
N GLY A 2 -4.04 -2.75 -17.30
CA GLY A 2 -4.44 -1.65 -18.17
C GLY A 2 -4.81 -0.39 -17.40
N PRO A 3 -5.13 0.74 -18.09
CA PRO A 3 -5.50 1.98 -17.41
C PRO A 3 -6.82 1.86 -16.65
N MET A 4 -6.92 2.63 -15.56
CA MET A 4 -8.10 2.61 -14.70
C MET A 4 -8.23 3.94 -13.93
N PRO A 5 -9.42 4.24 -13.29
CA PRO A 5 -9.59 5.50 -12.53
C PRO A 5 -8.48 5.76 -11.52
N LYS A 6 -8.32 7.01 -11.13
CA LYS A 6 -7.27 7.40 -10.19
C LYS A 6 -7.45 6.77 -8.81
N LEU A 7 -8.71 6.51 -8.42
CA LEU A 7 -9.06 5.90 -7.11
C LEU A 7 -8.95 6.92 -5.96
N ALA A 8 -7.97 7.83 -6.05
CA ALA A 8 -7.74 8.86 -5.03
C ALA A 8 -7.00 10.05 -5.65
N ASP A 9 -6.48 10.95 -4.81
CA ASP A 9 -5.74 12.12 -5.28
C ASP A 9 -4.40 12.25 -4.57
N ARG A 10 -4.43 12.25 -3.24
CA ARG A 10 -3.21 12.38 -2.43
C ARG A 10 -3.07 11.21 -1.46
N LYS A 11 -1.86 11.04 -0.94
CA LYS A 11 -1.54 9.97 0.01
C LYS A 11 -0.76 10.50 1.21
N LEU A 12 -0.66 9.68 2.25
CA LEU A 12 0.07 10.04 3.46
C LEU A 12 1.35 9.20 3.59
N CYS A 13 2.49 9.88 3.60
CA CYS A 13 3.78 9.23 3.72
C CYS A 13 4.55 9.75 4.93
N ALA A 14 5.68 9.09 5.24
CA ALA A 14 6.52 9.49 6.35
C ALA A 14 7.52 10.55 5.91
N ASP A 15 7.95 10.45 4.65
CA ASP A 15 8.90 11.39 4.07
C ASP A 15 8.42 11.84 2.68
N GLN A 16 9.10 12.84 2.12
CA GLN A 16 8.75 13.38 0.80
C GLN A 16 9.04 12.36 -0.31
N GLU A 17 9.86 11.35 0.01
CA GLU A 17 10.23 10.30 -0.95
C GLU A 17 9.25 9.14 -0.89
N CYS A 18 8.44 9.07 0.19
CA CYS A 18 7.47 7.97 0.40
C CYS A 18 8.19 6.62 0.39
N SER A 19 9.47 6.66 0.77
CA SER A 19 10.32 5.47 0.81
C SER A 19 10.36 4.86 2.21
N HIS A 20 9.79 5.57 3.19
CA HIS A 20 9.76 5.11 4.58
C HIS A 20 8.41 4.46 4.92
N PRO A 21 8.39 3.46 5.85
CA PRO A 21 7.17 2.79 6.27
C PRO A 21 6.56 3.46 7.50
N ILE A 22 5.33 3.97 7.35
CA ILE A 22 4.65 4.66 8.45
C ILE A 22 4.29 3.69 9.57
N SER A 23 3.42 2.73 9.27
CA SER A 23 2.99 1.77 10.28
C SER A 23 3.01 0.33 9.78
N MET A 24 3.37 -0.58 10.69
CA MET A 24 3.44 -2.01 10.41
C MET A 24 2.16 -2.68 10.91
N ALA A 25 1.45 -3.37 10.00
CA ALA A 25 0.20 -4.03 10.36
C ALA A 25 0.23 -5.53 10.12
N VAL A 26 -0.67 -6.23 10.82
CA VAL A 26 -0.78 -7.69 10.70
C VAL A 26 -2.09 -8.03 9.98
N ALA A 27 -2.01 -8.98 9.02
CA ALA A 27 -3.17 -9.41 8.24
C ALA A 27 -4.05 -10.37 9.02
N LEU A 28 -5.37 -10.19 8.91
CA LEU A 28 -6.35 -11.05 9.59
C LEU A 28 -6.94 -12.12 8.68
N GLN A 29 -6.89 -11.90 7.36
CA GLN A 29 -7.45 -12.86 6.40
C GLN A 29 -6.71 -12.83 5.07
N ASP A 30 -7.16 -13.70 4.15
CA ASP A 30 -6.57 -13.81 2.82
C ASP A 30 -7.15 -12.77 1.86
N TYR A 31 -6.36 -12.39 0.86
CA TYR A 31 -6.76 -11.42 -0.14
C TYR A 31 -6.07 -11.69 -1.48
N MET A 32 -6.81 -12.16 -2.47
CA MET A 32 -6.24 -12.44 -3.79
C MET A 32 -6.40 -11.22 -4.69
N ALA A 33 -5.27 -10.70 -5.16
CA ALA A 33 -5.26 -9.51 -6.02
C ALA A 33 -5.73 -9.84 -7.44
N PRO A 34 -6.86 -9.25 -7.92
CA PRO A 34 -7.38 -9.49 -9.26
C PRO A 34 -6.58 -8.74 -10.32
N ASP A 35 -6.58 -7.40 -10.22
CA ASP A 35 -5.86 -6.54 -11.17
C ASP A 35 -4.45 -6.25 -10.68
N CYS A 36 -3.63 -5.75 -11.61
CA CYS A 36 -2.23 -5.40 -11.36
C CYS A 36 -2.05 -4.36 -10.23
N ARG A 37 -2.98 -3.40 -10.12
CA ARG A 37 -2.86 -2.35 -9.10
C ARG A 37 -3.03 -2.88 -7.66
N PHE A 38 -3.62 -4.07 -7.50
CA PHE A 38 -3.82 -4.64 -6.16
C PHE A 38 -2.67 -5.57 -5.76
N LEU A 39 -2.58 -5.87 -4.46
CA LEU A 39 -1.54 -6.74 -3.92
C LEU A 39 -2.15 -7.95 -3.19
N THR A 40 -1.52 -9.12 -3.34
CA THR A 40 -2.00 -10.34 -2.70
C THR A 40 -1.40 -10.51 -1.31
N ILE A 41 -2.27 -10.68 -0.32
CA ILE A 41 -1.86 -10.86 1.08
C ILE A 41 -2.46 -12.15 1.66
N HIS A 42 -1.68 -12.82 2.52
CA HIS A 42 -2.13 -14.05 3.15
C HIS A 42 -2.50 -13.78 4.61
N ARG A 43 -3.26 -14.69 5.21
CA ARG A 43 -3.69 -14.55 6.60
C ARG A 43 -2.49 -14.65 7.55
N GLY A 44 -2.22 -13.54 8.26
CA GLY A 44 -1.11 -13.50 9.20
C GLY A 44 0.18 -12.96 8.60
N GLN A 45 0.10 -12.40 7.38
CA GLN A 45 1.28 -11.85 6.72
C GLN A 45 1.58 -10.43 7.21
N VAL A 46 2.87 -10.12 7.33
CA VAL A 46 3.31 -8.81 7.77
C VAL A 46 3.30 -7.86 6.57
N VAL A 47 2.57 -6.74 6.69
CA VAL A 47 2.48 -5.79 5.59
C VAL A 47 2.90 -4.39 6.05
N TYR A 48 3.90 -3.83 5.35
CA TYR A 48 4.40 -2.49 5.65
C TYR A 48 3.66 -1.46 4.80
N VAL A 49 3.08 -0.45 5.47
CA VAL A 49 2.34 0.61 4.78
C VAL A 49 3.28 1.77 4.41
N PHE A 50 3.32 2.10 3.12
CA PHE A 50 4.17 3.18 2.64
C PHE A 50 3.36 4.44 2.28
N SER A 51 2.06 4.26 2.04
CA SER A 51 1.18 5.38 1.69
C SER A 51 -0.29 5.08 1.99
N LYS A 52 -0.99 6.09 2.52
CA LYS A 52 -2.41 5.96 2.84
C LYS A 52 -3.23 6.93 1.97
N LEU A 53 -4.01 6.39 1.04
CA LEU A 53 -4.81 7.23 0.14
C LEU A 53 -6.01 7.85 0.83
N LYS A 54 -6.35 9.08 0.42
CA LYS A 54 -7.49 9.82 0.98
C LYS A 54 -8.33 10.43 -0.14
N GLY A 55 -9.47 11.03 0.24
CA GLY A 55 -10.35 11.66 -0.73
C GLY A 55 -11.43 10.72 -1.24
N ARG A 56 -11.26 10.24 -2.46
CA ARG A 56 -12.22 9.32 -3.09
C ARG A 56 -12.11 7.91 -2.50
N GLY A 57 -10.97 7.62 -1.89
CA GLY A 57 -10.74 6.32 -1.28
C GLY A 57 -9.91 6.42 -0.02
N ARG A 58 -10.50 7.00 1.03
CA ARG A 58 -9.82 7.16 2.31
C ARG A 58 -9.69 5.83 3.07
N LEU A 59 -10.29 4.78 2.52
CA LEU A 59 -10.23 3.44 3.13
C LEU A 59 -9.20 2.58 2.43
N PHE A 60 -8.64 3.10 1.32
CA PHE A 60 -7.64 2.37 0.54
C PHE A 60 -6.22 2.79 0.90
N TRP A 61 -5.40 1.78 1.20
CA TRP A 61 -4.00 1.99 1.57
C TRP A 61 -3.08 1.38 0.52
N GLY A 62 -1.78 1.47 0.73
CA GLY A 62 -0.82 0.94 -0.21
C GLY A 62 0.56 0.74 0.40
N GLY A 63 1.34 -0.16 -0.19
CA GLY A 63 2.68 -0.44 0.29
C GLY A 63 3.22 -1.74 -0.25
N SER A 64 4.01 -2.43 0.57
CA SER A 64 4.61 -3.71 0.18
C SER A 64 4.40 -4.74 1.28
N VAL A 65 4.36 -6.03 0.90
CA VAL A 65 4.16 -7.11 1.86
C VAL A 65 5.46 -7.88 2.12
N GLN A 66 5.79 -8.02 3.41
CA GLN A 66 6.99 -8.73 3.83
C GLN A 66 6.64 -10.15 4.28
N GLY A 67 7.58 -11.08 4.06
CA GLY A 67 7.36 -12.47 4.43
C GLY A 67 8.32 -13.40 3.72
N ASP A 68 8.40 -13.26 2.40
CA ASP A 68 9.28 -14.08 1.58
C ASP A 68 10.21 -13.21 0.75
N TYR A 69 11.51 -13.49 0.82
CA TYR A 69 12.50 -12.72 0.08
C TYR A 69 13.51 -13.66 -0.60
N TYR A 70 13.21 -14.04 -1.84
CA TYR A 70 14.07 -14.94 -2.61
C TYR A 70 14.52 -14.27 -3.91
N GLY A 71 13.86 -13.17 -4.27
CA GLY A 71 14.20 -12.45 -5.48
C GLY A 71 13.66 -11.03 -5.47
N ASP A 72 12.71 -10.75 -6.36
CA ASP A 72 12.10 -9.42 -6.46
C ASP A 72 10.60 -9.50 -6.24
N LEU A 73 10.13 -8.89 -5.15
CA LEU A 73 8.70 -8.87 -4.82
C LEU A 73 8.33 -7.61 -4.04
N ALA A 74 9.32 -7.02 -3.36
CA ALA A 74 9.10 -5.79 -2.59
C ALA A 74 9.45 -4.54 -3.40
N ALA A 75 9.96 -4.75 -4.61
CA ALA A 75 10.34 -3.65 -5.50
C ALA A 75 9.10 -2.94 -6.03
N ARG A 76 8.06 -3.72 -6.33
CA ARG A 76 6.81 -3.19 -6.84
C ARG A 76 5.87 -2.85 -5.68
N LEU A 77 5.00 -1.87 -5.90
CA LEU A 77 4.04 -1.44 -4.87
C LEU A 77 2.60 -1.69 -5.30
N GLY A 78 1.82 -2.25 -4.39
CA GLY A 78 0.42 -2.55 -4.66
C GLY A 78 -0.50 -1.88 -3.67
N TYR A 79 -1.81 -2.06 -3.86
CA TYR A 79 -2.80 -1.46 -2.96
C TYR A 79 -3.65 -2.53 -2.27
N PHE A 80 -4.06 -2.24 -1.04
CA PHE A 80 -4.85 -3.17 -0.24
C PHE A 80 -5.83 -2.41 0.67
N PRO A 81 -7.00 -3.02 1.06
CA PRO A 81 -7.98 -2.36 1.94
C PRO A 81 -7.55 -2.38 3.39
N SER A 82 -7.73 -1.25 4.08
CA SER A 82 -7.35 -1.12 5.49
C SER A 82 -8.19 -2.05 6.38
N SER A 83 -9.34 -2.49 5.86
CA SER A 83 -10.26 -3.36 6.59
C SER A 83 -9.67 -4.76 6.85
N ILE A 84 -8.68 -5.17 6.05
CA ILE A 84 -8.07 -6.50 6.24
C ILE A 84 -6.80 -6.46 7.10
N VAL A 85 -6.40 -5.27 7.55
CA VAL A 85 -5.21 -5.13 8.37
C VAL A 85 -5.50 -4.48 9.73
N ARG A 86 -4.63 -4.76 10.70
CA ARG A 86 -4.77 -4.20 12.05
C ARG A 86 -3.46 -3.52 12.45
N GLU A 87 -3.54 -2.21 12.70
CA GLU A 87 -2.37 -1.42 13.08
C GLU A 87 -2.14 -1.41 14.59
N ASP A 88 -0.91 -1.74 14.99
CA ASP A 88 -0.52 -1.76 16.40
C ASP A 88 0.88 -1.15 16.58
N GLN A 89 1.66 -1.17 15.51
CA GLN A 89 3.03 -0.64 15.54
C GLN A 89 3.25 0.44 14.47
N THR A 90 3.99 1.50 14.85
CA THR A 90 4.32 2.61 13.96
C THR A 90 5.85 2.74 13.86
N LEU A 91 6.39 2.49 12.67
CA LEU A 91 7.84 2.51 12.46
C LEU A 91 8.38 3.90 12.16
N LYS A 92 7.48 4.83 11.82
CA LYS A 92 7.87 6.22 11.50
C LYS A 92 6.62 7.11 11.35
N PRO A 93 6.62 8.35 11.94
CA PRO A 93 5.48 9.29 11.84
C PRO A 93 5.08 9.63 10.41
N GLY A 94 3.79 9.46 10.12
CA GLY A 94 3.28 9.77 8.78
C GLY A 94 2.55 11.10 8.77
N LYS A 95 3.35 12.17 8.74
CA LYS A 95 2.81 13.53 8.75
C LYS A 95 3.29 14.34 7.54
N VAL A 96 3.59 13.65 6.44
CA VAL A 96 4.04 14.31 5.20
C VAL A 96 3.16 13.86 4.03
N ASP A 97 2.23 14.73 3.63
CA ASP A 97 1.31 14.43 2.52
C ASP A 97 1.94 14.74 1.16
N VAL A 98 1.89 13.74 0.27
CA VAL A 98 2.42 13.86 -1.09
C VAL A 98 1.34 13.46 -2.10
N LYS A 99 1.32 14.10 -3.27
CA LYS A 99 0.31 13.79 -4.30
C LYS A 99 0.72 12.55 -5.11
N THR A 100 -0.26 11.94 -5.79
CA THR A 100 -0.02 10.74 -6.59
C THR A 100 0.09 11.08 -8.07
N ASP A 101 1.01 10.41 -8.77
CA ASP A 101 1.21 10.62 -10.20
C ASP A 101 0.43 9.58 -11.01
N LYS A 102 0.52 9.65 -12.33
CA LYS A 102 -0.19 8.71 -13.21
C LYS A 102 0.47 7.32 -13.25
N TRP A 103 1.74 7.26 -12.85
CA TRP A 103 2.49 6.00 -12.86
C TRP A 103 2.19 5.15 -11.62
N ASP A 104 1.37 5.69 -10.71
CA ASP A 104 1.00 4.97 -9.49
C ASP A 104 -0.14 3.99 -9.73
N PHE A 105 -0.97 4.25 -10.75
CA PHE A 105 -2.10 3.38 -11.07
C PHE A 105 -2.28 3.20 -12.58
N TYR A 106 -1.21 2.69 -13.23
CA TYR A 106 -1.22 2.44 -14.68
C TYR A 106 -0.27 1.28 -15.01
N CYS A 107 -0.86 0.11 -15.29
CA CYS A 107 -0.08 -1.08 -15.64
C CYS A 107 -0.18 -1.37 -17.14
N GLN A 108 0.87 -1.96 -17.69
CA GLN A 108 0.91 -2.30 -19.12
C GLN A 108 1.04 -3.80 -19.32
N MET A 1 -2.83 -5.83 -15.11
CA MET A 1 -1.76 -5.13 -15.85
C MET A 1 -2.34 -4.27 -16.97
N GLY A 2 -1.94 -3.00 -16.99
CA GLY A 2 -2.42 -2.08 -18.01
C GLY A 2 -2.67 -0.68 -17.46
N PRO A 3 -2.89 0.33 -18.34
CA PRO A 3 -3.14 1.71 -17.91
C PRO A 3 -4.63 2.01 -17.70
N MET A 4 -5.24 1.28 -16.76
CA MET A 4 -6.66 1.48 -16.44
C MET A 4 -6.81 2.68 -15.46
N PRO A 5 -8.06 3.15 -15.12
CA PRO A 5 -8.26 4.33 -14.24
C PRO A 5 -7.68 4.19 -12.83
N LYS A 6 -7.43 5.35 -12.21
CA LYS A 6 -6.87 5.44 -10.86
C LYS A 6 -7.98 5.48 -9.81
N LEU A 7 -7.60 5.56 -8.54
CA LEU A 7 -8.55 5.63 -7.44
C LEU A 7 -8.54 7.02 -6.82
N ALA A 8 -7.34 7.54 -6.58
CA ALA A 8 -7.16 8.86 -5.99
C ALA A 8 -6.07 9.66 -6.70
N ASP A 9 -5.71 10.82 -6.14
CA ASP A 9 -4.68 11.67 -6.74
C ASP A 9 -3.54 11.97 -5.76
N ARG A 10 -3.82 11.91 -4.45
CA ARG A 10 -2.81 12.17 -3.42
C ARG A 10 -2.89 11.14 -2.30
N LYS A 11 -1.77 10.98 -1.59
CA LYS A 11 -1.66 10.02 -0.49
C LYS A 11 -0.91 10.62 0.70
N LEU A 12 -0.80 9.83 1.79
CA LEU A 12 -0.11 10.26 3.01
C LEU A 12 1.07 9.33 3.29
N CYS A 13 2.29 9.88 3.17
CA CYS A 13 3.51 9.12 3.43
C CYS A 13 4.26 9.71 4.61
N ALA A 14 5.37 9.07 5.00
CA ALA A 14 6.20 9.55 6.10
C ALA A 14 7.16 10.62 5.60
N ASP A 15 7.44 10.59 4.30
CA ASP A 15 8.33 11.56 3.66
C ASP A 15 7.93 11.78 2.21
N GLN A 16 8.57 12.76 1.56
CA GLN A 16 8.27 13.10 0.16
C GLN A 16 8.64 11.98 -0.82
N GLU A 17 9.49 11.05 -0.38
CA GLU A 17 9.91 9.93 -1.23
C GLU A 17 9.02 8.71 -1.06
N CYS A 18 8.21 8.71 0.02
CA CYS A 18 7.31 7.58 0.34
C CYS A 18 8.10 6.28 0.44
N SER A 19 9.37 6.42 0.84
CA SER A 19 10.30 5.31 0.99
C SER A 19 10.32 4.81 2.44
N HIS A 20 9.67 5.54 3.34
CA HIS A 20 9.60 5.17 4.75
C HIS A 20 8.26 4.50 5.10
N PRO A 21 8.24 3.56 6.07
CA PRO A 21 7.02 2.88 6.48
C PRO A 21 6.35 3.56 7.67
N ILE A 22 5.05 3.81 7.55
CA ILE A 22 4.30 4.47 8.62
C ILE A 22 4.03 3.51 9.77
N SER A 23 3.30 2.43 9.52
CA SER A 23 2.97 1.47 10.56
C SER A 23 3.04 0.03 10.06
N MET A 24 3.47 -0.88 10.94
CA MET A 24 3.57 -2.29 10.64
C MET A 24 2.28 -2.98 11.07
N ALA A 25 1.65 -3.70 10.15
CA ALA A 25 0.38 -4.36 10.44
C ALA A 25 0.39 -5.85 10.11
N VAL A 26 -0.42 -6.59 10.87
CA VAL A 26 -0.57 -8.03 10.68
C VAL A 26 -1.88 -8.35 9.94
N ALA A 27 -1.82 -9.25 8.94
CA ALA A 27 -3.01 -9.62 8.15
C ALA A 27 -3.91 -10.58 8.92
N LEU A 28 -5.22 -10.25 8.95
CA LEU A 28 -6.22 -11.07 9.65
C LEU A 28 -6.84 -12.13 8.76
N GLN A 29 -6.88 -11.88 7.44
CA GLN A 29 -7.49 -12.85 6.51
C GLN A 29 -6.82 -12.84 5.14
N ASP A 30 -7.30 -13.74 4.27
CA ASP A 30 -6.77 -13.88 2.90
C ASP A 30 -7.34 -12.80 1.98
N TYR A 31 -6.55 -12.44 0.96
CA TYR A 31 -6.94 -11.43 -0.02
C TYR A 31 -6.27 -11.70 -1.37
N MET A 32 -7.04 -11.59 -2.45
CA MET A 32 -6.51 -11.80 -3.80
C MET A 32 -6.58 -10.51 -4.62
N ALA A 33 -5.49 -10.25 -5.36
CA ALA A 33 -5.40 -9.04 -6.18
C ALA A 33 -5.83 -9.29 -7.63
N PRO A 34 -6.90 -8.58 -8.12
CA PRO A 34 -7.37 -8.74 -9.50
C PRO A 34 -6.45 -8.04 -10.49
N ASP A 35 -6.41 -6.70 -10.43
CA ASP A 35 -5.56 -5.90 -11.32
C ASP A 35 -4.20 -5.62 -10.66
N CYS A 36 -3.27 -5.07 -11.43
CA CYS A 36 -1.91 -4.77 -10.96
C CYS A 36 -1.87 -3.69 -9.86
N ARG A 37 -3.01 -3.01 -9.61
CA ARG A 37 -3.04 -1.97 -8.58
C ARG A 37 -3.18 -2.56 -7.18
N PHE A 38 -3.76 -3.75 -7.07
CA PHE A 38 -3.95 -4.39 -5.76
C PHE A 38 -2.83 -5.37 -5.44
N LEU A 39 -2.74 -5.73 -4.16
CA LEU A 39 -1.71 -6.67 -3.67
C LEU A 39 -2.36 -7.91 -3.04
N THR A 40 -1.79 -9.08 -3.32
CA THR A 40 -2.30 -10.34 -2.79
C THR A 40 -1.65 -10.62 -1.43
N ILE A 41 -2.49 -10.76 -0.41
CA ILE A 41 -2.00 -11.00 0.96
C ILE A 41 -2.66 -12.23 1.58
N HIS A 42 -1.84 -13.14 2.10
CA HIS A 42 -2.33 -14.34 2.76
C HIS A 42 -2.53 -14.06 4.25
N ARG A 43 -3.36 -14.88 4.89
CA ARG A 43 -3.68 -14.72 6.30
C ARG A 43 -2.43 -14.91 7.18
N GLY A 44 -2.06 -13.84 7.90
CA GLY A 44 -0.90 -13.90 8.79
C GLY A 44 0.36 -13.25 8.22
N GLN A 45 0.26 -12.65 7.02
CA GLN A 45 1.43 -12.01 6.41
C GLN A 45 1.74 -10.67 7.06
N VAL A 46 3.04 -10.36 7.14
CA VAL A 46 3.52 -9.10 7.72
C VAL A 46 3.56 -8.04 6.61
N VAL A 47 2.58 -7.14 6.59
CA VAL A 47 2.52 -6.11 5.55
C VAL A 47 2.80 -4.72 6.13
N TYR A 48 3.76 -4.04 5.52
CA TYR A 48 4.15 -2.69 5.94
C TYR A 48 3.44 -1.64 5.09
N VAL A 49 2.78 -0.69 5.76
CA VAL A 49 2.05 0.38 5.07
C VAL A 49 2.99 1.55 4.78
N PHE A 50 2.88 2.11 3.56
CA PHE A 50 3.73 3.22 3.15
C PHE A 50 2.90 4.48 2.82
N SER A 51 1.66 4.29 2.33
CA SER A 51 0.81 5.44 1.98
C SER A 51 -0.68 5.17 2.17
N LYS A 52 -1.41 6.24 2.53
CA LYS A 52 -2.87 6.17 2.73
C LYS A 52 -3.55 7.17 1.79
N LEU A 53 -4.43 6.68 0.91
CA LEU A 53 -5.12 7.55 -0.05
C LEU A 53 -6.06 8.55 0.62
N LYS A 54 -6.24 9.72 -0.01
CA LYS A 54 -7.11 10.77 0.55
C LYS A 54 -8.56 10.62 0.08
N GLY A 55 -8.96 11.36 -0.97
CA GLY A 55 -10.32 11.28 -1.47
C GLY A 55 -10.58 10.03 -2.27
N ARG A 56 -11.87 9.62 -2.31
CA ARG A 56 -12.34 8.42 -3.03
C ARG A 56 -11.98 7.13 -2.28
N GLY A 57 -10.68 6.92 -2.05
CA GLY A 57 -10.21 5.73 -1.35
C GLY A 57 -10.55 5.76 0.13
N ARG A 58 -10.13 6.83 0.81
CA ARG A 58 -10.36 7.04 2.25
C ARG A 58 -9.79 5.91 3.12
N LEU A 59 -10.50 4.78 3.14
CA LEU A 59 -10.08 3.61 3.91
C LEU A 59 -9.13 2.73 3.09
N PHE A 60 -8.83 3.13 1.85
CA PHE A 60 -7.92 2.38 0.99
C PHE A 60 -6.48 2.82 1.20
N TRP A 61 -5.67 1.90 1.72
CA TRP A 61 -4.26 2.16 1.99
C TRP A 61 -3.38 1.43 0.98
N GLY A 62 -2.06 1.43 1.19
CA GLY A 62 -1.15 0.76 0.28
C GLY A 62 0.25 0.66 0.83
N GLY A 63 1.07 -0.20 0.19
CA GLY A 63 2.44 -0.39 0.62
C GLY A 63 3.05 -1.66 0.03
N SER A 64 3.90 -2.32 0.80
CA SER A 64 4.57 -3.55 0.35
C SER A 64 4.51 -4.61 1.45
N VAL A 65 4.59 -5.87 1.06
CA VAL A 65 4.54 -6.98 2.02
C VAL A 65 5.91 -7.64 2.19
N GLN A 66 6.29 -7.85 3.45
CA GLN A 66 7.56 -8.48 3.80
C GLN A 66 7.31 -9.92 4.28
N GLY A 67 8.15 -10.84 3.81
CA GLY A 67 8.02 -12.24 4.19
C GLY A 67 8.66 -13.17 3.18
N ASP A 68 8.64 -12.77 1.92
CA ASP A 68 9.23 -13.57 0.83
C ASP A 68 9.88 -12.67 -0.22
N TYR A 69 11.17 -12.94 -0.49
CA TYR A 69 11.94 -12.17 -1.47
C TYR A 69 12.56 -13.10 -2.51
N TYR A 70 11.95 -13.14 -3.70
CA TYR A 70 12.44 -13.98 -4.79
C TYR A 70 13.00 -13.12 -5.93
N GLY A 71 12.86 -11.79 -5.78
CA GLY A 71 13.35 -10.87 -6.79
C GLY A 71 12.58 -9.57 -6.80
N ASP A 72 11.48 -9.55 -7.55
CA ASP A 72 10.62 -8.37 -7.65
C ASP A 72 9.33 -8.58 -6.85
N LEU A 73 9.36 -8.17 -5.58
CA LEU A 73 8.21 -8.32 -4.69
C LEU A 73 7.97 -7.03 -3.91
N ALA A 74 9.00 -6.59 -3.18
CA ALA A 74 8.90 -5.36 -2.38
C ALA A 74 9.29 -4.14 -3.20
N ALA A 75 9.81 -4.37 -4.40
CA ALA A 75 10.22 -3.29 -5.31
C ALA A 75 9.01 -2.52 -5.81
N ARG A 76 7.92 -3.25 -6.03
CA ARG A 76 6.66 -2.65 -6.50
C ARG A 76 5.74 -2.35 -5.33
N LEU A 77 4.89 -1.33 -5.50
CA LEU A 77 3.95 -0.92 -4.46
C LEU A 77 2.51 -1.14 -4.89
N GLY A 78 1.78 -1.90 -4.08
CA GLY A 78 0.38 -2.18 -4.37
C GLY A 78 -0.55 -1.51 -3.39
N TYR A 79 -1.84 -1.80 -3.49
CA TYR A 79 -2.84 -1.23 -2.60
C TYR A 79 -3.73 -2.31 -1.99
N PHE A 80 -4.18 -2.05 -0.75
CA PHE A 80 -5.02 -3.00 -0.02
C PHE A 80 -5.96 -2.27 0.96
N PRO A 81 -7.13 -2.86 1.35
CA PRO A 81 -8.06 -2.23 2.28
C PRO A 81 -7.54 -2.28 3.71
N SER A 82 -7.68 -1.17 4.43
CA SER A 82 -7.23 -1.08 5.82
C SER A 82 -7.99 -2.05 6.73
N SER A 83 -9.17 -2.47 6.27
CA SER A 83 -10.04 -3.39 7.02
C SER A 83 -9.43 -4.79 7.20
N ILE A 84 -8.52 -5.19 6.29
CA ILE A 84 -7.92 -6.52 6.39
C ILE A 84 -6.61 -6.51 7.17
N VAL A 85 -6.17 -5.34 7.61
CA VAL A 85 -4.92 -5.22 8.37
C VAL A 85 -5.13 -4.56 9.73
N ARG A 86 -4.34 -5.02 10.71
CA ARG A 86 -4.41 -4.48 12.06
C ARG A 86 -3.08 -3.83 12.45
N GLU A 87 -3.10 -2.50 12.52
CA GLU A 87 -1.90 -1.74 12.85
C GLU A 87 -1.69 -1.71 14.36
N ASP A 88 -0.73 -2.52 14.81
CA ASP A 88 -0.43 -2.63 16.23
C ASP A 88 0.71 -1.71 16.65
N GLN A 89 1.62 -1.39 15.73
CA GLN A 89 2.75 -0.51 16.07
C GLN A 89 3.16 0.41 14.92
N THR A 90 3.27 1.71 15.22
CA THR A 90 3.69 2.71 14.24
C THR A 90 5.21 2.86 14.30
N LEU A 91 5.86 2.68 13.14
CA LEU A 91 7.32 2.75 13.05
C LEU A 91 7.81 4.18 12.86
N LYS A 92 7.08 4.95 12.07
CA LYS A 92 7.46 6.34 11.78
C LYS A 92 6.21 7.16 11.38
N PRO A 93 6.03 8.41 11.93
CA PRO A 93 4.88 9.28 11.63
C PRO A 93 4.65 9.53 10.14
N GLY A 94 3.39 9.38 9.72
CA GLY A 94 3.01 9.61 8.34
C GLY A 94 2.10 10.82 8.23
N LYS A 95 2.71 12.00 8.32
CA LYS A 95 1.99 13.27 8.26
C LYS A 95 2.48 14.17 7.13
N VAL A 96 2.95 13.57 6.03
CA VAL A 96 3.44 14.31 4.87
C VAL A 96 2.61 13.98 3.63
N ASP A 97 1.92 14.98 3.08
CA ASP A 97 1.09 14.81 1.89
C ASP A 97 1.95 14.80 0.62
N VAL A 98 1.90 13.68 -0.11
CA VAL A 98 2.66 13.52 -1.35
C VAL A 98 1.72 13.22 -2.52
N LYS A 99 1.86 13.98 -3.61
CA LYS A 99 1.03 13.79 -4.80
C LYS A 99 1.53 12.60 -5.62
N THR A 100 0.68 12.04 -6.48
CA THR A 100 1.06 10.90 -7.32
C THR A 100 1.45 11.37 -8.72
N ASP A 101 2.26 10.56 -9.40
CA ASP A 101 2.71 10.87 -10.76
C ASP A 101 2.09 9.92 -11.78
N LYS A 102 2.57 10.00 -13.03
CA LYS A 102 2.07 9.16 -14.12
C LYS A 102 2.55 7.73 -13.98
N TRP A 103 3.83 7.57 -13.62
CA TRP A 103 4.45 6.25 -13.46
C TRP A 103 4.23 5.69 -12.06
N ASP A 104 2.98 5.74 -11.58
CA ASP A 104 2.62 5.23 -10.26
C ASP A 104 1.48 4.23 -10.36
N PHE A 105 0.60 4.43 -11.35
CA PHE A 105 -0.54 3.54 -11.56
C PHE A 105 -0.43 2.79 -12.89
N TYR A 106 0.66 3.06 -13.62
CA TYR A 106 0.89 2.42 -14.92
C TYR A 106 1.67 1.12 -14.73
N CYS A 107 1.06 0.00 -15.11
CA CYS A 107 1.68 -1.31 -14.97
C CYS A 107 1.77 -2.02 -16.33
N GLN A 108 2.87 -2.76 -16.52
CA GLN A 108 3.10 -3.49 -17.76
C GLN A 108 3.30 -4.98 -17.49
#